data_2LW9
#
_entry.id   2LW9
#
_entity_poly.entity_id   1
_entity_poly.type   'polypeptide(L)'
_entity_poly.pdbx_seq_one_letter_code
;ENKQVEEILRLEKEIEDLQRMKEQQELSLTEASLQKLQERRDQELRRLEEE
;
_entity_poly.pdbx_strand_id   A,B
#
# COMPACT_ATOMS: atom_id res chain seq x y z
N GLU A 1 -15.50 19.50 4.38
CA GLU A 1 -15.15 18.15 3.86
C GLU A 1 -13.66 17.86 4.04
N ASN A 2 -13.15 18.16 5.23
CA ASN A 2 -11.74 17.93 5.53
C ASN A 2 -11.58 16.75 6.48
N LYS A 3 -12.53 16.58 7.39
CA LYS A 3 -12.49 15.49 8.35
C LYS A 3 -12.51 14.14 7.64
N GLN A 4 -13.10 14.09 6.45
CA GLN A 4 -13.18 12.86 5.68
C GLN A 4 -11.86 12.60 5.00
N VAL A 5 -11.23 13.67 4.51
CA VAL A 5 -9.94 13.55 3.84
C VAL A 5 -8.85 13.28 4.86
N GLU A 6 -9.01 13.84 6.05
CA GLU A 6 -8.05 13.65 7.13
C GLU A 6 -8.03 12.20 7.58
N GLU A 7 -9.21 11.64 7.83
CA GLU A 7 -9.32 10.25 8.25
C GLU A 7 -8.81 9.33 7.15
N ILE A 8 -9.09 9.70 5.90
CA ILE A 8 -8.65 8.91 4.76
C ILE A 8 -7.12 8.92 4.67
N LEU A 9 -6.53 10.07 5.00
CA LEU A 9 -5.08 10.19 4.98
C LEU A 9 -4.44 9.25 6.00
N ARG A 10 -5.05 9.17 7.18
CA ARG A 10 -4.56 8.28 8.23
C ARG A 10 -4.60 6.84 7.74
N LEU A 11 -5.67 6.52 7.02
CA LEU A 11 -5.84 5.18 6.46
C LEU A 11 -4.77 4.94 5.40
N GLU A 12 -4.47 5.97 4.62
CA GLU A 12 -3.46 5.89 3.58
C GLU A 12 -2.08 5.62 4.19
N LYS A 13 -1.83 6.24 5.33
CA LYS A 13 -0.56 6.07 6.03
C LYS A 13 -0.36 4.62 6.48
N GLU A 14 -1.37 4.07 7.14
CA GLU A 14 -1.30 2.69 7.61
C GLU A 14 -1.09 1.72 6.46
N ILE A 15 -1.70 2.01 5.32
CA ILE A 15 -1.56 1.17 4.14
C ILE A 15 -0.17 1.33 3.54
N GLU A 16 0.20 2.58 3.27
CA GLU A 16 1.51 2.88 2.71
C GLU A 16 2.62 2.36 3.61
N ASP A 17 2.37 2.41 4.92
CA ASP A 17 3.35 1.93 5.89
C ASP A 17 3.46 0.41 5.82
N LEU A 18 2.33 -0.25 5.61
CA LEU A 18 2.30 -1.70 5.52
C LEU A 18 3.12 -2.19 4.33
N GLN A 19 3.06 -1.44 3.23
CA GLN A 19 3.81 -1.78 2.03
C GLN A 19 5.30 -1.53 2.22
N ARG A 20 5.62 -0.45 2.93
CA ARG A 20 7.01 -0.10 3.19
C ARG A 20 7.67 -1.14 4.09
N MET A 21 6.94 -1.59 5.10
CA MET A 21 7.46 -2.59 6.03
C MET A 21 7.60 -3.93 5.34
N LYS A 22 6.66 -4.24 4.45
CA LYS A 22 6.68 -5.51 3.73
C LYS A 22 7.82 -5.53 2.72
N GLU A 23 7.98 -4.43 2.00
CA GLU A 23 9.03 -4.32 1.00
C GLU A 23 10.40 -4.45 1.65
N GLN A 24 10.54 -3.85 2.83
CA GLN A 24 11.81 -3.91 3.56
C GLN A 24 12.09 -5.32 4.06
N GLN A 25 11.04 -5.99 4.55
CA GLN A 25 11.18 -7.35 5.06
C GLN A 25 11.55 -8.31 3.93
N GLU A 26 10.92 -8.14 2.78
CA GLU A 26 11.19 -8.99 1.63
C GLU A 26 12.60 -8.76 1.11
N LEU A 27 12.97 -7.49 0.95
CA LEU A 27 14.29 -7.14 0.47
C LEU A 27 15.37 -7.59 1.46
N SER A 28 15.02 -7.57 2.75
CA SER A 28 15.95 -7.98 3.79
C SER A 28 16.39 -9.43 3.59
N LEU A 29 15.43 -10.27 3.20
CA LEU A 29 15.70 -11.68 2.96
C LEU A 29 16.66 -11.84 1.78
N THR A 30 16.24 -11.33 0.62
CA THR A 30 17.04 -11.40 -0.59
C THR A 30 16.26 -10.82 -1.77
N GLU A 31 16.84 -9.83 -2.43
CA GLU A 31 16.20 -9.21 -3.59
C GLU A 31 15.82 -10.26 -4.62
N ALA A 32 16.54 -11.37 -4.62
CA ALA A 32 16.28 -12.47 -5.54
C ALA A 32 14.93 -13.12 -5.26
N SER A 33 14.51 -13.08 -3.99
CA SER A 33 13.24 -13.67 -3.60
C SER A 33 12.12 -13.18 -4.51
N LEU A 34 12.31 -12.00 -5.11
CA LEU A 34 11.33 -11.44 -6.01
C LEU A 34 11.05 -12.40 -7.17
N GLN A 35 12.05 -13.20 -7.53
CA GLN A 35 11.90 -14.17 -8.61
C GLN A 35 10.88 -15.24 -8.23
N LYS A 36 11.05 -15.82 -7.05
CA LYS A 36 10.14 -16.84 -6.57
C LYS A 36 8.75 -16.26 -6.34
N LEU A 37 8.72 -15.04 -5.81
CA LEU A 37 7.46 -14.36 -5.55
C LEU A 37 6.67 -14.16 -6.83
N GLN A 38 7.37 -13.79 -7.91
CA GLN A 38 6.74 -13.59 -9.20
C GLN A 38 6.30 -14.91 -9.81
N GLU A 39 7.18 -15.90 -9.74
CA GLU A 39 6.89 -17.22 -10.30
C GLU A 39 5.68 -17.84 -9.60
N ARG A 40 5.66 -17.75 -8.27
CA ARG A 40 4.57 -18.30 -7.49
C ARG A 40 3.25 -17.62 -7.84
N ARG A 41 3.29 -16.30 -7.95
CA ARG A 41 2.10 -15.52 -8.29
C ARG A 41 1.65 -15.82 -9.72
N ASP A 42 2.61 -15.87 -10.64
CA ASP A 42 2.32 -16.15 -12.04
C ASP A 42 1.73 -17.55 -12.21
N GLN A 43 2.24 -18.49 -11.42
CA GLN A 43 1.77 -19.87 -11.49
C GLN A 43 0.31 -19.97 -11.07
N GLU A 44 -0.10 -19.09 -10.16
CA GLU A 44 -1.47 -19.08 -9.67
C GLU A 44 -2.40 -18.43 -10.69
N LEU A 45 -1.85 -17.58 -11.55
CA LEU A 45 -2.63 -16.90 -12.56
C LEU A 45 -2.53 -17.63 -13.91
N ARG A 46 -3.07 -18.85 -13.95
CA ARG A 46 -3.03 -19.65 -15.17
C ARG A 46 -4.43 -20.15 -15.52
N ARG A 47 -4.83 -19.95 -16.77
CA ARG A 47 -6.14 -20.38 -17.24
C ARG A 47 -6.17 -21.88 -17.49
N LEU A 48 -7.18 -22.55 -16.97
CA LEU A 48 -7.32 -24.00 -17.13
C LEU A 48 -8.38 -24.32 -18.19
N GLU A 49 -8.24 -25.48 -18.82
CA GLU A 49 -9.18 -25.90 -19.84
C GLU A 49 -9.35 -27.42 -19.83
N GLU A 50 -8.23 -28.14 -19.92
CA GLU A 50 -8.25 -29.59 -19.92
C GLU A 50 -6.87 -30.16 -19.57
N GLU A 51 -5.83 -29.59 -20.17
CA GLU A 51 -4.46 -30.03 -19.92
C GLU A 51 -3.49 -28.86 -19.96
N GLU B 1 14.63 -17.98 2.69
CA GLU B 1 14.90 -18.09 1.27
C GLU B 1 13.60 -18.21 0.48
N ASN B 2 12.61 -18.84 1.09
CA ASN B 2 11.31 -19.03 0.44
C ASN B 2 10.19 -19.06 1.48
N LYS B 3 10.40 -19.82 2.56
CA LYS B 3 9.40 -19.94 3.61
C LYS B 3 9.07 -18.57 4.20
N GLN B 4 10.05 -17.68 4.21
CA GLN B 4 9.85 -16.33 4.74
C GLN B 4 9.21 -15.44 3.69
N VAL B 5 9.55 -15.67 2.43
CA VAL B 5 9.01 -14.90 1.33
C VAL B 5 7.56 -15.27 1.07
N GLU B 6 7.23 -16.54 1.31
CA GLU B 6 5.86 -17.02 1.10
C GLU B 6 4.89 -16.32 2.04
N GLU B 7 5.35 -16.04 3.27
CA GLU B 7 4.53 -15.39 4.26
C GLU B 7 4.24 -13.94 3.86
N ILE B 8 5.18 -13.33 3.15
CA ILE B 8 5.03 -11.95 2.70
C ILE B 8 3.86 -11.82 1.73
N LEU B 9 3.63 -12.86 0.92
CA LEU B 9 2.55 -12.85 -0.04
C LEU B 9 1.20 -12.60 0.64
N ARG B 10 1.04 -13.18 1.83
CA ARG B 10 -0.19 -13.00 2.60
C ARG B 10 -0.31 -11.56 3.11
N LEU B 11 0.83 -10.95 3.40
CA LEU B 11 0.86 -9.57 3.89
C LEU B 11 0.49 -8.61 2.77
N GLU B 12 0.88 -8.93 1.55
CA GLU B 12 0.59 -8.09 0.40
C GLU B 12 -0.92 -7.92 0.22
N LYS B 13 -1.65 -9.00 0.48
CA LYS B 13 -3.11 -8.97 0.35
C LYS B 13 -3.72 -8.05 1.39
N GLU B 14 -3.19 -8.08 2.61
CA GLU B 14 -3.69 -7.23 3.68
C GLU B 14 -3.47 -5.77 3.35
N ILE B 15 -2.25 -5.43 2.95
CA ILE B 15 -1.91 -4.05 2.60
C ILE B 15 -2.64 -3.61 1.35
N GLU B 16 -2.84 -4.56 0.42
CA GLU B 16 -3.53 -4.26 -0.83
C GLU B 16 -5.03 -4.09 -0.59
N ASP B 17 -5.60 -4.96 0.25
CA ASP B 17 -7.02 -4.91 0.57
C ASP B 17 -7.34 -3.65 1.37
N LEU B 18 -6.44 -3.32 2.30
CA LEU B 18 -6.62 -2.13 3.13
C LEU B 18 -6.64 -0.87 2.28
N GLN B 19 -5.88 -0.87 1.19
CA GLN B 19 -5.82 0.27 0.29
C GLN B 19 -7.13 0.44 -0.47
N ARG B 20 -7.79 -0.68 -0.77
CA ARG B 20 -9.04 -0.65 -1.50
C ARG B 20 -10.11 0.12 -0.72
N MET B 21 -10.12 -0.06 0.59
CA MET B 21 -11.09 0.63 1.45
C MET B 21 -10.74 2.10 1.59
N LYS B 22 -9.44 2.41 1.56
CA LYS B 22 -8.97 3.78 1.69
C LYS B 22 -9.22 4.57 0.42
N GLU B 23 -9.00 3.94 -0.73
CA GLU B 23 -9.20 4.59 -2.02
C GLU B 23 -10.68 4.81 -2.29
N GLN B 24 -11.49 3.84 -1.88
CA GLN B 24 -12.94 3.93 -2.08
C GLN B 24 -13.55 4.99 -1.16
N GLN B 25 -12.95 5.16 0.01
CA GLN B 25 -13.43 6.14 0.99
C GLN B 25 -13.22 7.56 0.48
N GLU B 26 -12.03 7.84 -0.04
CA GLU B 26 -11.73 9.18 -0.54
C GLU B 26 -12.53 9.48 -1.81
N LEU B 27 -12.72 8.46 -2.64
CA LEU B 27 -13.49 8.62 -3.87
C LEU B 27 -14.99 8.69 -3.59
N SER B 28 -15.38 8.35 -2.36
CA SER B 28 -16.79 8.37 -1.97
C SER B 28 -17.21 9.78 -1.53
N LEU B 29 -16.38 10.42 -0.72
CA LEU B 29 -16.69 11.77 -0.23
C LEU B 29 -16.57 12.80 -1.35
N THR B 30 -15.42 12.84 -2.00
CA THR B 30 -15.20 13.77 -3.10
C THR B 30 -13.88 13.47 -3.80
N GLU B 31 -13.95 13.16 -5.09
CA GLU B 31 -12.76 12.87 -5.88
C GLU B 31 -11.83 14.07 -5.89
N ALA B 32 -12.43 15.27 -5.82
CA ALA B 32 -11.66 16.50 -5.80
C ALA B 32 -10.86 16.64 -4.52
N SER B 33 -11.39 16.05 -3.44
CA SER B 33 -10.73 16.09 -2.15
C SER B 33 -9.27 15.68 -2.27
N LEU B 34 -8.96 14.89 -3.29
CA LEU B 34 -7.59 14.44 -3.51
C LEU B 34 -6.67 15.63 -3.77
N GLN B 35 -7.23 16.69 -4.33
CA GLN B 35 -6.45 17.89 -4.62
C GLN B 35 -5.84 18.45 -3.34
N LYS B 36 -6.70 18.82 -2.40
CA LYS B 36 -6.25 19.37 -1.13
C LYS B 36 -5.44 18.32 -0.36
N LEU B 37 -5.76 17.05 -0.60
CA LEU B 37 -5.08 15.95 0.06
C LEU B 37 -3.63 15.85 -0.40
N GLN B 38 -3.40 16.14 -1.68
CA GLN B 38 -2.06 16.09 -2.25
C GLN B 38 -1.13 17.07 -1.53
N GLU B 39 -1.64 18.27 -1.25
CA GLU B 39 -0.85 19.29 -0.56
C GLU B 39 -0.49 18.84 0.85
N ARG B 40 -1.45 18.22 1.53
CA ARG B 40 -1.24 17.74 2.88
C ARG B 40 -0.09 16.72 2.94
N ARG B 41 -0.02 15.87 1.92
CA ARG B 41 1.03 14.86 1.84
C ARG B 41 2.38 15.49 1.53
N ASP B 42 2.38 16.46 0.62
CA ASP B 42 3.59 17.15 0.23
C ASP B 42 4.17 17.95 1.41
N GLN B 43 3.32 18.26 2.38
CA GLN B 43 3.75 19.02 3.55
C GLN B 43 4.50 18.15 4.55
N GLU B 44 4.64 16.86 4.24
CA GLU B 44 5.33 15.93 5.12
C GLU B 44 6.81 15.79 4.73
N LEU B 45 7.37 16.85 4.16
CA LEU B 45 8.77 16.84 3.75
C LEU B 45 9.70 17.12 4.93
N ARG B 46 9.18 17.86 5.91
CA ARG B 46 9.96 18.20 7.09
C ARG B 46 9.65 17.26 8.25
N ARG B 47 9.36 16.00 7.91
CA ARG B 47 9.05 15.00 8.92
C ARG B 47 9.78 13.69 8.63
N LEU B 48 9.55 12.69 9.48
CA LEU B 48 10.19 11.39 9.32
C LEU B 48 11.70 11.51 9.46
N GLU B 49 12.26 10.69 10.35
CA GLU B 49 13.70 10.70 10.59
C GLU B 49 14.16 12.06 11.12
N GLU B 50 13.58 12.48 12.23
CA GLU B 50 13.92 13.76 12.84
C GLU B 50 13.48 13.80 14.30
N GLU B 51 14.45 13.81 15.21
CA GLU B 51 14.15 13.85 16.64
C GLU B 51 14.43 15.25 17.21
N GLU A 1 -15.21 20.05 5.24
CA GLU A 1 -15.17 18.64 4.75
C GLU A 1 -13.73 18.15 4.61
N ASN A 2 -12.89 18.50 5.57
CA ASN A 2 -11.49 18.11 5.55
C ASN A 2 -11.22 17.03 6.60
N LYS A 3 -12.04 16.99 7.65
CA LYS A 3 -11.87 16.00 8.71
C LYS A 3 -11.98 14.58 8.16
N GLN A 4 -12.82 14.40 7.16
CA GLN A 4 -13.00 13.10 6.55
C GLN A 4 -11.82 12.79 5.64
N VAL A 5 -11.38 13.80 4.90
CA VAL A 5 -10.24 13.65 4.01
C VAL A 5 -8.98 13.35 4.82
N GLU A 6 -8.89 13.99 5.99
CA GLU A 6 -7.76 13.79 6.87
C GLU A 6 -7.75 12.35 7.40
N GLU A 7 -8.94 11.86 7.73
CA GLU A 7 -9.09 10.51 8.24
C GLU A 7 -8.50 9.50 7.24
N ILE A 8 -8.86 9.67 5.97
CA ILE A 8 -8.35 8.80 4.93
C ILE A 8 -6.83 8.95 4.80
N LEU A 9 -6.35 10.17 5.02
CA LEU A 9 -4.92 10.45 4.94
C LEU A 9 -4.15 9.56 5.90
N ARG A 10 -4.66 9.45 7.13
CA ARG A 10 -4.02 8.60 8.13
C ARG A 10 -4.11 7.14 7.71
N LEU A 11 -5.28 6.76 7.21
CA LEU A 11 -5.50 5.40 6.74
C LEU A 11 -4.56 5.08 5.58
N GLU A 12 -4.30 6.10 4.77
CA GLU A 12 -3.40 5.97 3.63
C GLU A 12 -1.99 5.64 4.11
N LYS A 13 -1.58 6.32 5.18
CA LYS A 13 -0.25 6.10 5.74
C LYS A 13 -0.11 4.66 6.22
N GLU A 14 -1.18 4.15 6.84
CA GLU A 14 -1.19 2.77 7.33
C GLU A 14 -0.95 1.79 6.19
N ILE A 15 -1.68 1.97 5.10
CA ILE A 15 -1.55 1.11 3.93
C ILE A 15 -0.18 1.29 3.29
N GLU A 16 0.21 2.55 3.08
CA GLU A 16 1.49 2.86 2.49
C GLU A 16 2.63 2.29 3.35
N ASP A 17 2.42 2.29 4.66
CA ASP A 17 3.41 1.77 5.58
C ASP A 17 3.51 0.26 5.47
N LEU A 18 2.38 -0.37 5.18
CA LEU A 18 2.33 -1.83 5.03
C LEU A 18 3.09 -2.28 3.78
N GLN A 19 2.76 -1.67 2.64
CA GLN A 19 3.40 -2.02 1.38
C GLN A 19 4.91 -1.78 1.45
N ARG A 20 5.31 -0.68 2.08
CA ARG A 20 6.73 -0.38 2.21
C ARG A 20 7.41 -1.35 3.16
N MET A 21 6.66 -1.78 4.18
CA MET A 21 7.18 -2.72 5.16
C MET A 21 7.25 -4.12 4.55
N LYS A 22 6.32 -4.42 3.65
CA LYS A 22 6.29 -5.72 3.00
C LYS A 22 7.52 -5.90 2.11
N GLU A 23 7.81 -4.88 1.31
CA GLU A 23 8.97 -4.93 0.42
C GLU A 23 10.27 -4.94 1.22
N GLN A 24 10.28 -4.20 2.32
CA GLN A 24 11.46 -4.13 3.18
C GLN A 24 11.72 -5.46 3.86
N GLN A 25 10.64 -6.10 4.33
CA GLN A 25 10.75 -7.38 5.00
C GLN A 25 11.30 -8.45 4.06
N GLU A 26 10.82 -8.43 2.82
CA GLU A 26 11.27 -9.39 1.81
C GLU A 26 12.71 -9.13 1.42
N LEU A 27 13.06 -7.86 1.26
CA LEU A 27 14.42 -7.47 0.88
C LEU A 27 15.40 -7.83 2.00
N SER A 28 14.98 -7.61 3.24
CA SER A 28 15.82 -7.91 4.39
C SER A 28 16.20 -9.39 4.39
N LEU A 29 15.25 -10.23 3.97
CA LEU A 29 15.48 -11.66 3.90
C LEU A 29 16.52 -11.99 2.83
N THR A 30 16.14 -11.76 1.58
CA THR A 30 17.03 -12.02 0.45
C THR A 30 16.46 -11.38 -0.82
N GLU A 31 17.22 -10.47 -1.41
CA GLU A 31 16.79 -9.80 -2.63
C GLU A 31 16.42 -10.81 -3.70
N ALA A 32 17.03 -11.99 -3.62
CA ALA A 32 16.75 -13.07 -4.57
C ALA A 32 15.34 -13.58 -4.40
N SER A 33 14.82 -13.48 -3.17
CA SER A 33 13.47 -13.94 -2.87
C SER A 33 12.47 -13.36 -3.87
N LEU A 34 12.82 -12.23 -4.46
CA LEU A 34 11.97 -11.58 -5.45
C LEU A 34 11.72 -12.51 -6.63
N GLN A 35 12.68 -13.40 -6.90
CA GLN A 35 12.55 -14.35 -7.99
C GLN A 35 11.57 -15.45 -7.65
N LYS A 36 11.80 -16.12 -6.52
CA LYS A 36 10.93 -17.20 -6.08
C LYS A 36 9.54 -16.66 -5.76
N LEU A 37 9.48 -15.46 -5.19
CA LEU A 37 8.21 -14.83 -4.85
C LEU A 37 7.43 -14.47 -6.10
N GLN A 38 8.13 -13.97 -7.11
CA GLN A 38 7.50 -13.59 -8.37
C GLN A 38 7.00 -14.81 -9.12
N GLU A 39 7.81 -15.87 -9.11
CA GLU A 39 7.46 -17.10 -9.80
C GLU A 39 6.19 -17.72 -9.20
N ARG A 40 6.12 -17.73 -7.88
CA ARG A 40 4.96 -18.28 -7.18
C ARG A 40 3.71 -17.48 -7.50
N ARG A 41 3.85 -16.16 -7.51
CA ARG A 41 2.72 -15.28 -7.80
C ARG A 41 2.30 -15.39 -9.26
N ASP A 42 3.28 -15.52 -10.15
CA ASP A 42 3.01 -15.64 -11.58
C ASP A 42 2.45 -17.01 -11.91
N GLN A 43 2.95 -18.04 -11.23
CA GLN A 43 2.49 -19.40 -11.46
C GLN A 43 1.00 -19.52 -11.18
N GLU A 44 0.52 -18.79 -10.18
CA GLU A 44 -0.88 -18.82 -9.81
C GLU A 44 -1.71 -17.90 -10.72
N LEU A 45 -1.05 -16.92 -11.32
CA LEU A 45 -1.72 -15.98 -12.21
C LEU A 45 -1.94 -16.60 -13.59
N ARG A 46 -3.11 -16.35 -14.16
CA ARG A 46 -3.44 -16.88 -15.48
C ARG A 46 -4.58 -16.10 -16.11
N ARG A 47 -4.65 -14.80 -15.81
CA ARG A 47 -5.70 -13.94 -16.36
C ARG A 47 -7.08 -14.43 -15.93
N LEU A 48 -8.12 -13.77 -16.43
CA LEU A 48 -9.49 -14.14 -16.09
C LEU A 48 -9.92 -15.38 -16.87
N GLU A 49 -9.76 -15.34 -18.19
CA GLU A 49 -10.13 -16.45 -19.05
C GLU A 49 -9.07 -17.54 -19.03
N GLU A 50 -9.44 -18.71 -18.51
CA GLU A 50 -8.51 -19.84 -18.44
C GLU A 50 -8.62 -20.72 -19.67
N GLU A 51 -9.85 -21.14 -19.98
CA GLU A 51 -10.09 -22.00 -21.14
C GLU A 51 -11.58 -22.18 -21.36
N GLU B 1 14.47 -17.30 3.00
CA GLU B 1 14.92 -17.86 1.73
C GLU B 1 13.72 -18.21 0.85
N ASN B 2 12.70 -18.81 1.45
CA ASN B 2 11.50 -19.20 0.72
C ASN B 2 10.29 -19.28 1.65
N LYS B 3 10.48 -19.91 2.80
CA LYS B 3 9.40 -20.05 3.78
C LYS B 3 9.02 -18.70 4.38
N GLN B 4 10.03 -17.84 4.56
CA GLN B 4 9.80 -16.51 5.13
C GLN B 4 9.28 -15.56 4.06
N VAL B 5 9.67 -15.81 2.82
CA VAL B 5 9.24 -14.99 1.70
C VAL B 5 7.77 -15.22 1.39
N GLU B 6 7.33 -16.46 1.60
CA GLU B 6 5.94 -16.83 1.35
C GLU B 6 4.99 -15.97 2.17
N GLU B 7 5.33 -15.76 3.44
CA GLU B 7 4.49 -14.96 4.33
C GLU B 7 4.33 -13.53 3.79
N ILE B 8 5.34 -13.08 3.03
CA ILE B 8 5.31 -11.75 2.44
C ILE B 8 4.16 -11.61 1.45
N LEU B 9 3.85 -12.70 0.76
CA LEU B 9 2.76 -12.69 -0.22
C LEU B 9 1.43 -12.39 0.45
N ARG B 10 1.22 -12.97 1.62
CA ARG B 10 -0.02 -12.76 2.37
C ARG B 10 -0.19 -11.28 2.71
N LEU B 11 0.92 -10.62 3.01
CA LEU B 11 0.89 -9.21 3.35
C LEU B 11 0.38 -8.38 2.18
N GLU B 12 0.71 -8.82 0.96
CA GLU B 12 0.29 -8.12 -0.24
C GLU B 12 -1.24 -8.08 -0.33
N LYS B 13 -1.88 -9.16 0.10
CA LYS B 13 -3.33 -9.24 0.07
C LYS B 13 -3.95 -8.36 1.16
N GLU B 14 -3.28 -8.30 2.30
CA GLU B 14 -3.77 -7.49 3.42
C GLU B 14 -3.59 -6.01 3.14
N ILE B 15 -2.46 -5.67 2.52
CA ILE B 15 -2.16 -4.27 2.21
C ILE B 15 -3.03 -3.78 1.05
N GLU B 16 -3.21 -4.62 0.04
CA GLU B 16 -4.03 -4.27 -1.11
C GLU B 16 -5.49 -4.15 -0.71
N ASP B 17 -5.93 -5.03 0.19
CA ASP B 17 -7.30 -5.01 0.67
C ASP B 17 -7.56 -3.78 1.51
N LEU B 18 -6.54 -3.35 2.25
CA LEU B 18 -6.65 -2.17 3.10
C LEU B 18 -6.68 -0.90 2.26
N GLN B 19 -5.95 -0.91 1.14
CA GLN B 19 -5.89 0.23 0.25
C GLN B 19 -7.23 0.46 -0.44
N ARG B 20 -7.87 -0.62 -0.85
CA ARG B 20 -9.17 -0.54 -1.52
C ARG B 20 -10.19 0.17 -0.64
N MET B 21 -10.12 -0.07 0.66
CA MET B 21 -11.05 0.55 1.60
C MET B 21 -10.72 2.03 1.80
N LYS B 22 -9.45 2.37 1.72
CA LYS B 22 -9.02 3.76 1.89
C LYS B 22 -9.26 4.56 0.64
N GLU B 23 -9.04 3.94 -0.52
CA GLU B 23 -9.23 4.60 -1.80
C GLU B 23 -10.71 4.74 -2.13
N GLN B 24 -11.50 3.79 -1.65
CA GLN B 24 -12.95 3.80 -1.89
C GLN B 24 -13.63 4.86 -1.05
N GLN B 25 -13.09 5.11 0.14
CA GLN B 25 -13.65 6.12 1.04
C GLN B 25 -13.41 7.52 0.51
N GLU B 26 -12.18 7.79 0.10
CA GLU B 26 -11.82 9.11 -0.43
C GLU B 26 -12.59 9.41 -1.71
N LEU B 27 -12.84 8.37 -2.50
CA LEU B 27 -13.57 8.52 -3.75
C LEU B 27 -15.04 8.84 -3.48
N SER B 28 -15.68 8.03 -2.63
CA SER B 28 -17.08 8.24 -2.28
C SER B 28 -17.26 9.59 -1.61
N LEU B 29 -16.21 10.06 -0.94
CA LEU B 29 -16.26 11.35 -0.25
C LEU B 29 -16.41 12.49 -1.25
N THR B 30 -15.37 12.69 -2.05
CA THR B 30 -15.37 13.75 -3.05
C THR B 30 -14.01 13.84 -3.73
N GLU B 31 -13.99 13.64 -5.05
CA GLU B 31 -12.76 13.71 -5.81
C GLU B 31 -12.06 15.04 -5.58
N ALA B 32 -12.84 16.06 -5.27
CA ALA B 32 -12.29 17.39 -5.01
C ALA B 32 -11.47 17.40 -3.72
N SER B 33 -11.98 16.73 -2.70
CA SER B 33 -11.31 16.65 -1.41
C SER B 33 -9.86 16.22 -1.58
N LEU B 34 -9.58 15.50 -2.67
CA LEU B 34 -8.22 15.04 -2.95
C LEU B 34 -7.34 16.21 -3.36
N GLN B 35 -7.95 17.26 -3.92
CA GLN B 35 -7.20 18.43 -4.35
C GLN B 35 -6.47 19.07 -3.16
N LYS B 36 -7.11 19.05 -2.00
CA LYS B 36 -6.53 19.62 -0.80
C LYS B 36 -5.40 18.73 -0.28
N LEU B 37 -5.54 17.43 -0.48
CA LEU B 37 -4.54 16.47 -0.04
C LEU B 37 -3.22 16.70 -0.76
N GLN B 38 -3.30 17.16 -2.01
CA GLN B 38 -2.11 17.42 -2.81
C GLN B 38 -1.22 18.45 -2.13
N GLU B 39 -1.80 19.60 -1.79
CA GLU B 39 -1.04 20.66 -1.14
C GLU B 39 -0.60 20.24 0.26
N ARG B 40 -1.40 19.39 0.89
CA ARG B 40 -1.09 18.90 2.23
C ARG B 40 0.07 17.91 2.19
N ARG B 41 0.07 17.06 1.18
CA ARG B 41 1.13 16.06 1.02
C ARG B 41 2.39 16.67 0.42
N ASP B 42 2.21 17.72 -0.37
CA ASP B 42 3.34 18.40 -1.01
C ASP B 42 4.15 19.20 0.00
N GLN B 43 3.47 19.71 1.02
CA GLN B 43 4.12 20.50 2.06
C GLN B 43 4.95 19.62 2.99
N GLU B 44 4.62 18.32 3.03
CA GLU B 44 5.33 17.38 3.88
C GLU B 44 6.82 17.37 3.57
N LEU B 45 7.18 17.79 2.36
CA LEU B 45 8.57 17.83 1.93
C LEU B 45 9.11 19.26 1.99
N ARG B 46 10.22 19.44 2.70
CA ARG B 46 10.85 20.74 2.83
C ARG B 46 11.56 21.14 1.55
N ARG B 47 12.14 20.15 0.87
CA ARG B 47 12.86 20.38 -0.37
C ARG B 47 12.81 19.15 -1.27
N LEU B 48 13.04 19.36 -2.56
CA LEU B 48 13.02 18.27 -3.53
C LEU B 48 14.44 17.85 -3.90
N GLU B 49 15.24 18.82 -4.33
CA GLU B 49 16.62 18.55 -4.73
C GLU B 49 17.58 18.84 -3.58
N GLU B 50 17.46 20.03 -3.00
CA GLU B 50 18.32 20.43 -1.88
C GLU B 50 19.78 20.54 -2.33
N GLU B 51 20.44 19.39 -2.45
CA GLU B 51 21.83 19.37 -2.87
C GLU B 51 21.95 19.11 -4.37
N GLU A 1 -15.97 19.50 5.03
CA GLU A 1 -15.72 18.34 4.13
C GLU A 1 -14.25 17.96 4.11
N ASN A 2 -13.55 18.23 5.21
CA ASN A 2 -12.13 17.91 5.31
C ASN A 2 -11.90 16.79 6.31
N LYS A 3 -12.79 16.67 7.29
CA LYS A 3 -12.67 15.62 8.31
C LYS A 3 -12.69 14.24 7.68
N GLN A 4 -13.37 14.10 6.55
CA GLN A 4 -13.46 12.83 5.86
C GLN A 4 -12.17 12.58 5.08
N VAL A 5 -11.70 13.62 4.39
CA VAL A 5 -10.48 13.51 3.61
C VAL A 5 -9.29 13.28 4.54
N GLU A 6 -9.35 13.91 5.71
CA GLU A 6 -8.29 13.76 6.70
C GLU A 6 -8.27 12.34 7.24
N GLU A 7 -9.45 11.79 7.50
CA GLU A 7 -9.57 10.44 8.00
C GLU A 7 -8.89 9.46 7.06
N ILE A 8 -9.16 9.60 5.77
CA ILE A 8 -8.55 8.75 4.76
C ILE A 8 -7.04 8.96 4.74
N LEU A 9 -6.61 10.19 4.99
CA LEU A 9 -5.19 10.53 5.02
C LEU A 9 -4.46 9.65 6.03
N ARG A 10 -5.02 9.57 7.23
CA ARG A 10 -4.42 8.75 8.28
C ARG A 10 -4.46 7.28 7.87
N LEU A 11 -5.58 6.89 7.26
CA LEU A 11 -5.77 5.52 6.79
C LEU A 11 -4.73 5.21 5.72
N GLU A 12 -4.41 6.21 4.91
CA GLU A 12 -3.42 6.06 3.85
C GLU A 12 -2.05 5.76 4.43
N LYS A 13 -1.70 6.48 5.50
CA LYS A 13 -0.42 6.29 6.15
C LYS A 13 -0.28 4.87 6.68
N GLU A 14 -1.36 4.36 7.28
CA GLU A 14 -1.37 3.01 7.83
C GLU A 14 -1.09 1.99 6.74
N ILE A 15 -1.75 2.15 5.59
CA ILE A 15 -1.58 1.24 4.47
C ILE A 15 -0.20 1.41 3.86
N GLU A 16 0.21 2.66 3.66
CA GLU A 16 1.51 2.96 3.09
C GLU A 16 2.63 2.43 3.99
N ASP A 17 2.39 2.47 5.30
CA ASP A 17 3.38 1.97 6.26
C ASP A 17 3.50 0.46 6.17
N LEU A 18 2.36 -0.20 5.98
CA LEU A 18 2.33 -1.66 5.87
C LEU A 18 2.95 -2.12 4.55
N GLN A 19 2.75 -1.33 3.51
CA GLN A 19 3.27 -1.65 2.19
C GLN A 19 4.80 -1.52 2.16
N ARG A 20 5.30 -0.47 2.81
CA ARG A 20 6.73 -0.22 2.84
C ARG A 20 7.46 -1.28 3.65
N MET A 21 6.90 -1.65 4.80
CA MET A 21 7.51 -2.67 5.65
C MET A 21 7.45 -4.03 4.97
N LYS A 22 6.40 -4.25 4.19
CA LYS A 22 6.23 -5.51 3.46
C LYS A 22 7.36 -5.71 2.47
N GLU A 23 7.61 -4.69 1.65
CA GLU A 23 8.67 -4.74 0.65
C GLU A 23 10.02 -4.90 1.32
N GLN A 24 10.25 -4.13 2.38
CA GLN A 24 11.51 -4.18 3.11
C GLN A 24 11.74 -5.58 3.68
N GLN A 25 10.67 -6.21 4.15
CA GLN A 25 10.76 -7.55 4.72
C GLN A 25 11.23 -8.55 3.65
N GLU A 26 10.64 -8.45 2.47
CA GLU A 26 11.00 -9.34 1.37
C GLU A 26 12.40 -9.03 0.85
N LEU A 27 12.73 -7.74 0.80
CA LEU A 27 14.03 -7.30 0.33
C LEU A 27 15.13 -7.74 1.30
N SER A 28 14.81 -7.73 2.59
CA SER A 28 15.76 -8.13 3.62
C SER A 28 16.24 -9.56 3.38
N LEU A 29 15.30 -10.42 3.01
CA LEU A 29 15.61 -11.82 2.74
C LEU A 29 16.61 -11.92 1.57
N THR A 30 16.27 -11.26 0.47
CA THR A 30 17.10 -11.26 -0.72
C THR A 30 16.35 -10.64 -1.89
N GLU A 31 16.93 -9.62 -2.48
CA GLU A 31 16.30 -8.94 -3.62
C GLU A 31 15.96 -9.95 -4.72
N ALA A 32 16.70 -11.05 -4.75
CA ALA A 32 16.49 -12.10 -5.73
C ALA A 32 15.15 -12.81 -5.50
N SER A 33 14.76 -12.92 -4.24
CA SER A 33 13.50 -13.58 -3.89
C SER A 33 12.36 -13.03 -4.72
N LEU A 34 12.50 -11.79 -5.19
CA LEU A 34 11.47 -11.16 -6.01
C LEU A 34 11.26 -11.95 -7.28
N GLN A 35 12.31 -12.64 -7.75
CA GLN A 35 12.22 -13.44 -8.95
C GLN A 35 11.28 -14.63 -8.75
N LYS A 36 11.46 -15.31 -7.62
CA LYS A 36 10.62 -16.46 -7.29
C LYS A 36 9.18 -16.00 -7.01
N LEU A 37 9.05 -14.88 -6.31
CA LEU A 37 7.75 -14.34 -5.98
C LEU A 37 6.97 -14.03 -7.24
N GLN A 38 7.67 -13.56 -8.27
CA GLN A 38 7.03 -13.23 -9.54
C GLN A 38 6.60 -14.50 -10.28
N GLU A 39 7.44 -15.52 -10.23
CA GLU A 39 7.15 -16.79 -10.90
C GLU A 39 5.95 -17.47 -10.25
N ARG A 40 5.95 -17.50 -8.92
CA ARG A 40 4.85 -18.13 -8.18
C ARG A 40 3.54 -17.38 -8.40
N ARG A 41 3.63 -16.06 -8.50
CA ARG A 41 2.45 -15.23 -8.71
C ARG A 41 2.02 -15.25 -10.17
N ASP A 42 2.99 -15.08 -11.07
CA ASP A 42 2.72 -15.09 -12.50
C ASP A 42 2.09 -16.42 -12.94
N GLN A 43 2.50 -17.50 -12.28
CA GLN A 43 1.99 -18.82 -12.60
C GLN A 43 0.47 -18.87 -12.41
N GLU A 44 -0.04 -18.06 -11.50
CA GLU A 44 -1.48 -18.01 -11.23
C GLU A 44 -2.14 -16.85 -11.97
N LEU A 45 -1.56 -16.49 -13.12
CA LEU A 45 -2.10 -15.40 -13.93
C LEU A 45 -2.56 -15.89 -15.29
N ARG A 46 -3.71 -15.42 -15.74
CA ARG A 46 -4.26 -15.82 -17.02
C ARG A 46 -5.25 -14.78 -17.55
N ARG A 47 -4.90 -13.51 -17.38
CA ARG A 47 -5.77 -12.43 -17.83
C ARG A 47 -4.95 -11.15 -18.08
N LEU A 48 -5.33 -10.43 -19.13
CA LEU A 48 -4.63 -9.19 -19.47
C LEU A 48 -5.15 -8.02 -18.65
N GLU A 49 -4.65 -7.89 -17.43
CA GLU A 49 -5.07 -6.81 -16.55
C GLU A 49 -4.01 -5.72 -16.48
N GLU A 50 -3.29 -5.54 -17.58
CA GLU A 50 -2.25 -4.52 -17.65
C GLU A 50 -2.39 -3.67 -18.92
N GLU A 51 -2.17 -2.36 -18.77
CA GLU A 51 -2.29 -1.45 -19.90
C GLU A 51 -1.00 -1.45 -20.73
N GLU B 1 14.28 -19.91 2.67
CA GLU B 1 14.53 -18.90 1.64
C GLU B 1 13.24 -18.47 0.98
N ASN B 2 12.48 -19.43 0.46
CA ASN B 2 11.22 -19.14 -0.20
C ASN B 2 10.06 -19.18 0.79
N LYS B 3 10.21 -20.00 1.83
CA LYS B 3 9.18 -20.13 2.86
C LYS B 3 8.89 -18.79 3.52
N GLN B 4 9.92 -17.96 3.63
CA GLN B 4 9.78 -16.64 4.24
C GLN B 4 9.22 -15.64 3.23
N VAL B 5 9.55 -15.85 1.97
CA VAL B 5 9.07 -14.98 0.89
C VAL B 5 7.59 -15.19 0.63
N GLU B 6 7.15 -16.43 0.81
CA GLU B 6 5.75 -16.78 0.60
C GLU B 6 4.87 -16.19 1.71
N GLU B 7 5.43 -16.10 2.91
CA GLU B 7 4.71 -15.56 4.05
C GLU B 7 4.38 -14.08 3.85
N ILE B 8 5.34 -13.34 3.31
CA ILE B 8 5.14 -11.92 3.06
C ILE B 8 4.00 -11.68 2.08
N LEU B 9 3.84 -12.61 1.15
CA LEU B 9 2.77 -12.50 0.15
C LEU B 9 1.41 -12.46 0.84
N ARG B 10 1.27 -13.22 1.93
CA ARG B 10 0.03 -13.26 2.68
C ARG B 10 -0.24 -11.91 3.33
N LEU B 11 0.83 -11.25 3.75
CA LEU B 11 0.73 -9.94 4.38
C LEU B 11 0.23 -8.91 3.38
N GLU B 12 0.61 -9.08 2.12
CA GLU B 12 0.21 -8.17 1.06
C GLU B 12 -1.32 -8.06 0.99
N LYS B 13 -1.99 -9.18 1.25
CA LYS B 13 -3.45 -9.21 1.22
C LYS B 13 -4.04 -8.28 2.28
N GLU B 14 -3.31 -8.13 3.39
CA GLU B 14 -3.76 -7.26 4.46
C GLU B 14 -3.62 -5.79 4.08
N ILE B 15 -2.44 -5.43 3.58
CA ILE B 15 -2.18 -4.06 3.16
C ILE B 15 -2.99 -3.73 1.91
N GLU B 16 -3.12 -4.70 1.03
CA GLU B 16 -3.87 -4.53 -0.21
C GLU B 16 -5.36 -4.36 0.09
N ASP B 17 -5.86 -5.15 1.02
CA ASP B 17 -7.27 -5.09 1.39
C ASP B 17 -7.56 -3.79 2.15
N LEU B 18 -6.57 -3.33 2.90
CA LEU B 18 -6.70 -2.09 3.67
C LEU B 18 -6.68 -0.89 2.75
N GLN B 19 -5.89 -0.97 1.68
CA GLN B 19 -5.77 0.11 0.71
C GLN B 19 -7.05 0.25 -0.11
N ARG B 20 -7.76 -0.86 -0.29
CA ARG B 20 -9.00 -0.84 -1.06
C ARG B 20 -10.06 0.00 -0.37
N MET B 21 -10.11 -0.08 0.95
CA MET B 21 -11.09 0.69 1.73
C MET B 21 -10.71 2.16 1.78
N LYS B 22 -9.41 2.44 1.82
CA LYS B 22 -8.92 3.81 1.86
C LYS B 22 -9.05 4.48 0.51
N GLU B 23 -8.77 3.72 -0.55
CA GLU B 23 -8.86 4.25 -1.91
C GLU B 23 -10.31 4.40 -2.34
N GLN B 24 -11.14 3.42 -1.95
CA GLN B 24 -12.55 3.45 -2.31
C GLN B 24 -13.28 4.55 -1.53
N GLN B 25 -12.81 4.82 -0.32
CA GLN B 25 -13.43 5.84 0.52
C GLN B 25 -13.12 7.24 -0.01
N GLU B 26 -11.85 7.48 -0.34
CA GLU B 26 -11.43 8.78 -0.84
C GLU B 26 -12.00 9.01 -2.25
N LEU B 27 -12.05 7.95 -3.04
CA LEU B 27 -12.57 8.03 -4.40
C LEU B 27 -14.07 8.31 -4.38
N SER B 28 -14.78 7.66 -3.47
CA SER B 28 -16.21 7.86 -3.34
C SER B 28 -16.53 9.25 -2.82
N LEU B 29 -15.62 9.79 -2.01
CA LEU B 29 -15.79 11.12 -1.46
C LEU B 29 -15.79 12.18 -2.55
N THR B 30 -14.66 12.33 -3.21
CA THR B 30 -14.51 13.30 -4.29
C THR B 30 -13.08 13.30 -4.82
N GLU B 31 -12.92 12.99 -6.11
CA GLU B 31 -11.61 12.98 -6.72
C GLU B 31 -10.90 14.31 -6.52
N ALA B 32 -11.68 15.37 -6.40
CA ALA B 32 -11.13 16.71 -6.19
C ALA B 32 -10.47 16.80 -4.82
N SER B 33 -11.01 16.08 -3.85
CA SER B 33 -10.48 16.08 -2.49
C SER B 33 -8.99 15.82 -2.50
N LEU B 34 -8.51 15.14 -3.56
CA LEU B 34 -7.09 14.83 -3.69
C LEU B 34 -6.28 16.11 -3.86
N GLN B 35 -6.91 17.13 -4.42
CA GLN B 35 -6.24 18.41 -4.65
C GLN B 35 -5.89 19.07 -3.31
N LYS B 36 -6.86 19.10 -2.40
CA LYS B 36 -6.65 19.69 -1.09
C LYS B 36 -5.68 18.87 -0.26
N LEU B 37 -5.63 17.56 -0.53
CA LEU B 37 -4.74 16.67 0.19
C LEU B 37 -3.28 16.96 -0.15
N GLN B 38 -3.04 17.43 -1.37
CA GLN B 38 -1.69 17.76 -1.81
C GLN B 38 -1.05 18.80 -0.90
N GLU B 39 -1.84 19.82 -0.54
CA GLU B 39 -1.35 20.89 0.32
C GLU B 39 -0.93 20.34 1.68
N ARG B 40 -1.73 19.43 2.23
CA ARG B 40 -1.43 18.83 3.52
C ARG B 40 -0.28 17.83 3.41
N ARG B 41 -0.21 17.15 2.26
CA ARG B 41 0.83 16.16 2.03
C ARG B 41 2.18 16.85 1.77
N ASP B 42 2.13 18.00 1.10
CA ASP B 42 3.35 18.75 0.80
C ASP B 42 4.04 19.22 2.07
N GLN B 43 3.23 19.50 3.10
CA GLN B 43 3.77 19.95 4.38
C GLN B 43 4.61 18.87 5.04
N GLU B 44 5.85 18.73 4.58
CA GLU B 44 6.77 17.73 5.13
C GLU B 44 7.78 18.37 6.07
N LEU B 45 7.38 19.46 6.71
CA LEU B 45 8.26 20.17 7.63
C LEU B 45 7.69 20.16 9.05
N ARG B 46 8.58 20.19 10.04
CA ARG B 46 8.16 20.19 11.44
C ARG B 46 7.58 21.54 11.84
N ARG B 47 6.97 21.59 13.01
CA ARG B 47 6.38 22.83 13.51
C ARG B 47 6.68 23.01 14.99
N LEU B 48 6.41 24.22 15.51
CA LEU B 48 6.66 24.52 16.91
C LEU B 48 5.34 24.63 17.68
N GLU B 49 4.84 23.50 18.14
CA GLU B 49 3.59 23.47 18.89
C GLU B 49 3.37 22.10 19.53
N GLU B 50 2.36 22.00 20.38
CA GLU B 50 2.04 20.75 21.06
C GLU B 50 1.03 19.94 20.26
N GLU B 51 0.84 18.68 20.65
CA GLU B 51 -0.11 17.80 19.98
C GLU B 51 -0.84 16.92 20.98
N GLU A 1 -16.09 18.20 4.87
CA GLU A 1 -15.05 18.13 3.80
C GLU A 1 -13.66 18.34 4.39
N ASN A 2 -13.28 17.51 5.34
CA ASN A 2 -11.98 17.60 5.98
C ASN A 2 -11.78 16.45 6.98
N LYS A 3 -12.80 16.21 7.80
CA LYS A 3 -12.73 15.15 8.79
C LYS A 3 -12.67 13.77 8.13
N GLN A 4 -13.42 13.61 7.05
CA GLN A 4 -13.43 12.36 6.32
C GLN A 4 -12.16 12.22 5.51
N VAL A 5 -11.75 13.33 4.89
CA VAL A 5 -10.54 13.34 4.10
C VAL A 5 -9.33 13.07 4.98
N GLU A 6 -9.33 13.67 6.17
CA GLU A 6 -8.24 13.47 7.12
C GLU A 6 -8.16 12.01 7.52
N GLU A 7 -9.32 11.40 7.75
CA GLU A 7 -9.39 10.00 8.13
C GLU A 7 -8.70 9.13 7.08
N ILE A 8 -8.95 9.44 5.81
CA ILE A 8 -8.34 8.69 4.71
C ILE A 8 -6.83 8.86 4.72
N LEU A 9 -6.38 10.07 4.99
CA LEU A 9 -4.95 10.37 5.04
C LEU A 9 -4.26 9.45 6.04
N ARG A 10 -4.90 9.24 7.18
CA ARG A 10 -4.36 8.37 8.21
C ARG A 10 -4.26 6.95 7.69
N LEU A 11 -5.34 6.50 7.05
CA LEU A 11 -5.38 5.16 6.47
C LEU A 11 -4.31 5.04 5.38
N GLU A 12 -4.08 6.15 4.67
CA GLU A 12 -3.08 6.18 3.62
C GLU A 12 -1.71 5.86 4.19
N LYS A 13 -1.42 6.43 5.36
CA LYS A 13 -0.15 6.20 6.03
C LYS A 13 -0.01 4.73 6.40
N GLU A 14 -1.10 4.14 6.88
CA GLU A 14 -1.11 2.73 7.26
C GLU A 14 -0.89 1.84 6.05
N ILE A 15 -1.50 2.20 4.93
CA ILE A 15 -1.37 1.44 3.70
C ILE A 15 0.03 1.57 3.12
N GLU A 16 0.51 2.81 3.02
CA GLU A 16 1.83 3.08 2.48
C GLU A 16 2.91 2.51 3.41
N ASP A 17 2.66 2.54 4.71
CA ASP A 17 3.61 2.01 5.68
C ASP A 17 3.73 0.50 5.56
N LEU A 18 2.58 -0.16 5.42
CA LEU A 18 2.55 -1.61 5.28
C LEU A 18 3.22 -2.04 3.99
N GLN A 19 3.05 -1.23 2.94
CA GLN A 19 3.64 -1.52 1.64
C GLN A 19 5.16 -1.54 1.74
N ARG A 20 5.72 -0.50 2.35
CA ARG A 20 7.16 -0.39 2.52
C ARG A 20 7.68 -1.48 3.45
N MET A 21 6.87 -1.83 4.44
CA MET A 21 7.23 -2.86 5.40
C MET A 21 7.35 -4.22 4.72
N LYS A 22 6.37 -4.53 3.86
CA LYS A 22 6.37 -5.79 3.13
C LYS A 22 7.60 -5.92 2.25
N GLU A 23 7.86 -4.88 1.46
CA GLU A 23 9.01 -4.89 0.55
C GLU A 23 10.32 -4.91 1.35
N GLN A 24 10.37 -4.12 2.41
CA GLN A 24 11.56 -4.05 3.26
C GLN A 24 11.76 -5.35 4.02
N GLN A 25 10.65 -6.01 4.36
CA GLN A 25 10.71 -7.26 5.09
C GLN A 25 11.23 -8.39 4.20
N GLU A 26 10.68 -8.48 2.99
CA GLU A 26 11.10 -9.50 2.04
C GLU A 26 12.53 -9.27 1.59
N LEU A 27 12.89 -8.01 1.41
CA LEU A 27 14.25 -7.65 0.99
C LEU A 27 15.27 -8.09 2.04
N SER A 28 14.93 -7.87 3.31
CA SER A 28 15.83 -8.24 4.40
C SER A 28 16.12 -9.74 4.37
N LEU A 29 15.13 -10.51 3.91
CA LEU A 29 15.28 -11.95 3.81
C LEU A 29 16.29 -12.30 2.72
N THR A 30 16.05 -11.80 1.52
CA THR A 30 16.92 -12.04 0.38
C THR A 30 16.37 -11.38 -0.87
N GLU A 31 17.14 -10.46 -1.45
CA GLU A 31 16.71 -9.76 -2.65
C GLU A 31 16.35 -10.77 -3.75
N ALA A 32 17.00 -11.93 -3.71
CA ALA A 32 16.75 -12.98 -4.69
C ALA A 32 15.35 -13.56 -4.53
N SER A 33 14.84 -13.52 -3.30
CA SER A 33 13.51 -14.04 -3.01
C SER A 33 12.48 -13.45 -3.96
N LEU A 34 12.79 -12.28 -4.52
CA LEU A 34 11.89 -11.63 -5.46
C LEU A 34 11.72 -12.46 -6.72
N GLN A 35 12.75 -13.24 -7.05
CA GLN A 35 12.70 -14.10 -8.22
C GLN A 35 11.67 -15.20 -8.05
N LYS A 36 11.80 -15.96 -6.96
CA LYS A 36 10.86 -17.04 -6.67
C LYS A 36 9.45 -16.48 -6.45
N LEU A 37 9.38 -15.34 -5.77
CA LEU A 37 8.11 -14.69 -5.49
C LEU A 37 7.41 -14.29 -6.79
N GLN A 38 8.20 -13.76 -7.73
CA GLN A 38 7.66 -13.33 -9.02
C GLN A 38 7.16 -14.52 -9.82
N GLU A 39 7.92 -15.61 -9.78
CA GLU A 39 7.56 -16.82 -10.50
C GLU A 39 6.26 -17.41 -9.97
N ARG A 40 6.10 -17.37 -8.65
CA ARG A 40 4.89 -17.90 -8.02
C ARG A 40 3.66 -17.11 -8.45
N ARG A 41 3.77 -15.79 -8.44
CA ARG A 41 2.67 -14.93 -8.83
C ARG A 41 2.40 -15.04 -10.33
N ASP A 42 3.47 -15.13 -11.11
CA ASP A 42 3.36 -15.24 -12.57
C ASP A 42 2.82 -16.61 -12.97
N GLN A 43 3.10 -17.61 -12.13
CA GLN A 43 2.65 -18.97 -12.41
C GLN A 43 1.13 -19.03 -12.57
N GLU A 44 0.44 -18.14 -11.86
CA GLU A 44 -1.02 -18.09 -11.93
C GLU A 44 -1.48 -17.24 -13.10
N LEU A 45 -0.62 -16.34 -13.57
CA LEU A 45 -0.96 -15.47 -14.68
C LEU A 45 -0.29 -15.96 -15.97
N ARG A 46 -0.76 -15.45 -17.10
CA ARG A 46 -0.22 -15.84 -18.41
C ARG A 46 -0.87 -15.04 -19.53
N ARG A 47 -0.12 -14.80 -20.60
CA ARG A 47 -0.62 -14.05 -21.73
C ARG A 47 -0.88 -14.98 -22.92
N LEU A 48 -1.66 -14.50 -23.89
CA LEU A 48 -1.98 -15.27 -25.07
C LEU A 48 -2.07 -14.38 -26.31
N GLU A 49 -2.38 -15.00 -27.45
CA GLU A 49 -2.49 -14.25 -28.70
C GLU A 49 -3.63 -14.80 -29.55
N GLU A 50 -3.59 -16.10 -29.82
CA GLU A 50 -4.62 -16.74 -30.63
C GLU A 50 -4.67 -16.13 -32.03
N GLU A 51 -5.43 -16.78 -32.91
CA GLU A 51 -5.57 -16.29 -34.29
C GLU A 51 -7.04 -16.19 -34.68
N GLU B 1 13.32 -20.79 3.79
CA GLU B 1 13.48 -19.59 2.95
C GLU B 1 12.19 -19.28 2.20
N ASN B 2 11.82 -20.16 1.26
CA ASN B 2 10.61 -19.98 0.47
C ASN B 2 9.39 -19.83 1.37
N LYS B 3 9.41 -20.50 2.52
CA LYS B 3 8.31 -20.43 3.46
C LYS B 3 8.14 -19.02 4.01
N GLN B 4 9.26 -18.33 4.20
CA GLN B 4 9.23 -16.96 4.72
C GLN B 4 8.89 -15.98 3.60
N VAL B 5 9.34 -16.31 2.38
CA VAL B 5 9.08 -15.46 1.23
C VAL B 5 7.60 -15.50 0.84
N GLU B 6 6.98 -16.65 1.07
CA GLU B 6 5.56 -16.83 0.75
C GLU B 6 4.69 -16.05 1.74
N GLU B 7 5.14 -15.99 2.99
CA GLU B 7 4.40 -15.28 4.02
C GLU B 7 4.28 -13.80 3.67
N ILE B 8 5.29 -13.27 3.01
CA ILE B 8 5.30 -11.87 2.60
C ILE B 8 4.17 -11.58 1.62
N LEU B 9 3.86 -12.56 0.79
CA LEU B 9 2.79 -12.41 -0.20
C LEU B 9 1.44 -12.25 0.49
N ARG B 10 1.24 -13.01 1.56
CA ARG B 10 -0.01 -12.95 2.31
C ARG B 10 -0.21 -11.56 2.89
N LEU B 11 0.89 -10.93 3.32
CA LEU B 11 0.83 -9.60 3.88
C LEU B 11 0.35 -8.58 2.85
N GLU B 12 0.72 -8.82 1.58
CA GLU B 12 0.32 -7.93 0.49
C GLU B 12 -1.19 -7.78 0.44
N LYS B 13 -1.90 -8.85 0.76
CA LYS B 13 -3.37 -8.84 0.75
C LYS B 13 -3.89 -7.89 1.83
N GLU B 14 -3.14 -7.77 2.92
CA GLU B 14 -3.52 -6.90 4.03
C GLU B 14 -3.36 -5.43 3.64
N ILE B 15 -2.19 -5.10 3.09
CA ILE B 15 -1.90 -3.73 2.67
C ILE B 15 -2.78 -3.33 1.49
N GLU B 16 -3.05 -4.30 0.61
CA GLU B 16 -3.88 -4.04 -0.57
C GLU B 16 -5.33 -3.77 -0.16
N ASP B 17 -5.80 -4.50 0.84
CA ASP B 17 -7.17 -4.33 1.33
C ASP B 17 -7.38 -2.92 1.85
N LEU B 18 -6.44 -2.44 2.66
CA LEU B 18 -6.53 -1.10 3.22
C LEU B 18 -6.50 -0.06 2.11
N GLN B 19 -5.77 -0.35 1.04
CA GLN B 19 -5.66 0.56 -0.08
C GLN B 19 -7.01 0.74 -0.78
N ARG B 20 -7.64 -0.38 -1.11
CA ARG B 20 -8.94 -0.35 -1.78
C ARG B 20 -9.96 0.41 -0.95
N MET B 21 -9.98 0.15 0.36
CA MET B 21 -10.90 0.81 1.26
C MET B 21 -10.58 2.31 1.34
N LYS B 22 -9.31 2.64 1.21
CA LYS B 22 -8.87 4.02 1.27
C LYS B 22 -9.35 4.81 0.05
N GLU B 23 -9.08 4.27 -1.13
CA GLU B 23 -9.49 4.91 -2.37
C GLU B 23 -11.00 4.99 -2.49
N GLN B 24 -11.68 3.94 -2.04
CA GLN B 24 -13.13 3.90 -2.10
C GLN B 24 -13.76 4.88 -1.12
N GLN B 25 -13.11 5.08 0.02
CA GLN B 25 -13.61 6.00 1.03
C GLN B 25 -13.40 7.44 0.61
N GLU B 26 -12.19 7.75 0.12
CA GLU B 26 -11.87 9.10 -0.32
C GLU B 26 -12.72 9.50 -1.53
N LEU B 27 -13.10 8.50 -2.33
CA LEU B 27 -13.92 8.75 -3.50
C LEU B 27 -15.38 8.91 -3.13
N SER B 28 -15.76 8.34 -1.98
CA SER B 28 -17.13 8.43 -1.51
C SER B 28 -17.43 9.80 -0.92
N LEU B 29 -16.50 10.32 -0.13
CA LEU B 29 -16.67 11.63 0.48
C LEU B 29 -16.65 12.73 -0.57
N THR B 30 -15.66 12.68 -1.46
CA THR B 30 -15.54 13.68 -2.52
C THR B 30 -14.27 13.45 -3.34
N GLU B 31 -14.45 13.19 -4.63
CA GLU B 31 -13.32 12.96 -5.52
C GLU B 31 -12.39 14.18 -5.53
N ALA B 32 -12.96 15.35 -5.31
CA ALA B 32 -12.19 16.58 -5.28
C ALA B 32 -11.26 16.61 -4.09
N SER B 33 -11.68 15.97 -3.00
CA SER B 33 -10.87 15.91 -1.79
C SER B 33 -9.44 15.47 -2.11
N LEU B 34 -9.30 14.74 -3.20
CA LEU B 34 -7.99 14.25 -3.63
C LEU B 34 -7.05 15.42 -3.91
N GLN B 35 -7.63 16.52 -4.39
CA GLN B 35 -6.84 17.72 -4.68
C GLN B 35 -6.46 18.45 -3.41
N LYS B 36 -7.31 18.37 -2.39
CA LYS B 36 -7.06 19.01 -1.11
C LYS B 36 -5.88 18.36 -0.39
N LEU B 37 -5.71 17.06 -0.60
CA LEU B 37 -4.63 16.32 0.02
C LEU B 37 -3.27 16.89 -0.38
N GLN B 38 -3.12 17.21 -1.66
CA GLN B 38 -1.87 17.76 -2.17
C GLN B 38 -1.49 19.04 -1.43
N GLU B 39 -2.44 19.96 -1.31
CA GLU B 39 -2.21 21.22 -0.62
C GLU B 39 -1.90 21.00 0.86
N ARG B 40 -2.50 19.96 1.43
CA ARG B 40 -2.29 19.63 2.84
C ARG B 40 -0.97 18.90 3.04
N ARG B 41 -0.65 17.97 2.13
CA ARG B 41 0.57 17.20 2.22
C ARG B 41 1.76 18.03 1.74
N ASP B 42 1.51 18.94 0.81
CA ASP B 42 2.57 19.80 0.28
C ASP B 42 3.16 20.68 1.38
N GLN B 43 2.29 21.32 2.15
CA GLN B 43 2.73 22.19 3.23
C GLN B 43 3.14 21.38 4.46
N GLU B 44 4.13 20.50 4.29
CA GLU B 44 4.61 19.67 5.38
C GLU B 44 5.98 20.14 5.87
N LEU B 45 6.71 20.84 4.99
CA LEU B 45 8.03 21.34 5.33
C LEU B 45 7.95 22.37 6.46
N ARG B 46 8.90 22.30 7.39
CA ARG B 46 8.93 23.22 8.51
C ARG B 46 10.37 23.57 8.89
N ARG B 47 10.74 24.84 8.73
CA ARG B 47 12.09 25.29 9.05
C ARG B 47 12.21 25.64 10.52
N LEU B 48 12.87 24.78 11.29
CA LEU B 48 13.04 25.00 12.71
C LEU B 48 14.50 24.81 13.11
N GLU B 49 14.91 25.52 14.17
CA GLU B 49 16.28 25.43 14.65
C GLU B 49 16.43 24.34 15.70
N GLU B 50 15.44 24.23 16.58
CA GLU B 50 15.46 23.21 17.62
C GLU B 50 15.53 21.81 17.02
N GLU B 51 14.89 21.63 15.88
CA GLU B 51 14.88 20.33 15.21
C GLU B 51 16.28 19.96 14.72
N GLU A 1 -16.18 19.22 3.38
CA GLU A 1 -15.66 17.83 3.46
C GLU A 1 -14.14 17.82 3.61
N ASN A 2 -13.68 18.02 4.84
CA ASN A 2 -12.24 18.03 5.11
C ASN A 2 -11.88 16.94 6.12
N LYS A 3 -12.71 16.78 7.14
CA LYS A 3 -12.48 15.79 8.18
C LYS A 3 -12.44 14.39 7.58
N GLN A 4 -13.14 14.20 6.47
CA GLN A 4 -13.17 12.91 5.79
C GLN A 4 -11.87 12.69 5.04
N VAL A 5 -11.39 13.75 4.40
CA VAL A 5 -10.14 13.67 3.66
C VAL A 5 -8.98 13.41 4.60
N GLU A 6 -9.04 14.02 5.78
CA GLU A 6 -8.00 13.84 6.78
C GLU A 6 -7.99 12.40 7.27
N GLU A 7 -9.18 11.85 7.49
CA GLU A 7 -9.32 10.47 7.94
C GLU A 7 -8.63 9.51 6.97
N ILE A 8 -8.85 9.74 5.67
CA ILE A 8 -8.24 8.90 4.65
C ILE A 8 -6.73 9.05 4.66
N LEU A 9 -6.26 10.26 4.91
CA LEU A 9 -4.83 10.54 4.96
C LEU A 9 -4.16 9.67 6.03
N ARG A 10 -4.77 9.61 7.20
CA ARG A 10 -4.24 8.80 8.29
C ARG A 10 -4.22 7.33 7.88
N LEU A 11 -5.31 6.89 7.28
CA LEU A 11 -5.43 5.52 6.81
C LEU A 11 -4.38 5.25 5.74
N GLU A 12 -4.10 6.26 4.93
CA GLU A 12 -3.11 6.15 3.87
C GLU A 12 -1.75 5.80 4.46
N LYS A 13 -1.38 6.49 5.53
CA LYS A 13 -0.12 6.25 6.20
C LYS A 13 -0.07 4.83 6.73
N GLU A 14 -1.20 4.37 7.26
CA GLU A 14 -1.29 3.01 7.80
C GLU A 14 -0.97 1.98 6.71
N ILE A 15 -1.52 2.20 5.52
CA ILE A 15 -1.30 1.31 4.40
C ILE A 15 0.12 1.50 3.86
N GLU A 16 0.57 2.75 3.84
CA GLU A 16 1.90 3.07 3.37
C GLU A 16 2.95 2.41 4.24
N ASP A 17 2.69 2.40 5.55
CA ASP A 17 3.61 1.78 6.51
C ASP A 17 3.61 0.27 6.34
N LEU A 18 2.42 -0.29 6.11
CA LEU A 18 2.26 -1.72 5.92
C LEU A 18 2.86 -2.17 4.60
N GLN A 19 2.77 -1.29 3.60
CA GLN A 19 3.30 -1.60 2.27
C GLN A 19 4.83 -1.56 2.28
N ARG A 20 5.38 -0.52 2.89
CA ARG A 20 6.83 -0.38 2.98
C ARG A 20 7.44 -1.49 3.83
N MET A 21 6.70 -1.91 4.85
CA MET A 21 7.16 -2.98 5.74
C MET A 21 7.22 -4.31 5.00
N LYS A 22 6.21 -4.57 4.19
CA LYS A 22 6.14 -5.81 3.43
C LYS A 22 7.33 -5.91 2.47
N GLU A 23 7.58 -4.83 1.73
CA GLU A 23 8.69 -4.81 0.79
C GLU A 23 10.03 -4.88 1.50
N GLN A 24 10.12 -4.20 2.65
CA GLN A 24 11.34 -4.19 3.44
C GLN A 24 11.59 -5.56 4.06
N GLN A 25 10.53 -6.23 4.46
CA GLN A 25 10.64 -7.55 5.08
C GLN A 25 11.14 -8.57 4.08
N GLU A 26 10.61 -8.52 2.86
CA GLU A 26 11.01 -9.45 1.81
C GLU A 26 12.44 -9.18 1.37
N LEU A 27 12.78 -7.91 1.19
CA LEU A 27 14.14 -7.52 0.78
C LEU A 27 15.16 -7.95 1.82
N SER A 28 14.74 -7.92 3.09
CA SER A 28 15.63 -8.30 4.19
C SER A 28 16.14 -9.72 3.99
N LEU A 29 15.29 -10.58 3.45
CA LEU A 29 15.64 -11.97 3.19
C LEU A 29 16.64 -12.05 2.04
N THR A 30 16.27 -11.46 0.91
CA THR A 30 17.12 -11.45 -0.27
C THR A 30 16.39 -10.83 -1.44
N GLU A 31 16.95 -9.76 -2.00
CA GLU A 31 16.34 -9.09 -3.14
C GLU A 31 16.07 -10.09 -4.27
N ALA A 32 16.89 -11.13 -4.32
CA ALA A 32 16.74 -12.16 -5.33
C ALA A 32 15.48 -12.96 -5.10
N SER A 33 15.06 -13.05 -3.84
CA SER A 33 13.86 -13.78 -3.47
C SER A 33 12.68 -13.36 -4.35
N LEU A 34 12.75 -12.14 -4.87
CA LEU A 34 11.71 -11.63 -5.74
C LEU A 34 11.52 -12.53 -6.96
N GLN A 35 12.59 -13.22 -7.34
CA GLN A 35 12.54 -14.12 -8.49
C GLN A 35 11.62 -15.29 -8.21
N LYS A 36 11.69 -15.82 -6.99
CA LYS A 36 10.86 -16.95 -6.59
C LYS A 36 9.38 -16.55 -6.59
N LEU A 37 9.09 -15.43 -5.96
CA LEU A 37 7.73 -14.92 -5.87
C LEU A 37 7.11 -14.75 -7.26
N GLN A 38 7.92 -14.28 -8.21
CA GLN A 38 7.46 -14.08 -9.58
C GLN A 38 7.16 -15.41 -10.26
N GLU A 39 8.01 -16.40 -10.00
CA GLU A 39 7.84 -17.73 -10.59
C GLU A 39 6.68 -18.47 -9.94
N ARG A 40 6.49 -18.25 -8.64
CA ARG A 40 5.42 -18.90 -7.91
C ARG A 40 4.08 -18.22 -8.17
N ARG A 41 4.12 -16.92 -8.42
CA ARG A 41 2.91 -16.15 -8.69
C ARG A 41 2.37 -16.48 -10.08
N ASP A 42 3.28 -16.78 -11.01
CA ASP A 42 2.89 -17.11 -12.37
C ASP A 42 2.32 -18.52 -12.45
N GLN A 43 2.80 -19.40 -11.58
CA GLN A 43 2.35 -20.78 -11.55
C GLN A 43 0.85 -20.85 -11.29
N GLU A 44 0.35 -19.91 -10.50
CA GLU A 44 -1.07 -19.85 -10.17
C GLU A 44 -1.83 -18.94 -11.12
N LEU A 45 -1.11 -18.01 -11.76
CA LEU A 45 -1.73 -17.09 -12.70
C LEU A 45 -1.57 -17.59 -14.13
N ARG A 46 -1.69 -18.91 -14.32
CA ARG A 46 -1.56 -19.50 -15.63
C ARG A 46 -2.93 -19.87 -16.21
N ARG A 47 -3.80 -20.37 -15.34
CA ARG A 47 -5.14 -20.78 -15.74
C ARG A 47 -6.14 -19.64 -15.49
N LEU A 48 -7.14 -19.55 -16.36
CA LEU A 48 -8.16 -18.51 -16.23
C LEU A 48 -9.17 -18.87 -15.14
N GLU A 49 -8.78 -18.64 -13.89
CA GLU A 49 -9.64 -18.94 -12.76
C GLU A 49 -10.39 -17.70 -12.30
N GLU A 50 -11.56 -17.89 -11.70
CA GLU A 50 -12.37 -16.78 -11.22
C GLU A 50 -13.06 -17.14 -9.90
N GLU A 51 -13.67 -18.32 -9.87
CA GLU A 51 -14.37 -18.77 -8.67
C GLU A 51 -13.41 -18.89 -7.49
N GLU B 1 13.93 -20.03 3.08
CA GLU B 1 14.27 -19.43 1.79
C GLU B 1 13.01 -19.00 1.05
N ASN B 2 12.02 -19.88 1.01
CA ASN B 2 10.76 -19.60 0.32
C ASN B 2 9.63 -19.41 1.33
N LYS B 3 9.70 -20.16 2.43
CA LYS B 3 8.68 -20.07 3.47
C LYS B 3 8.61 -18.66 4.04
N GLN B 4 9.75 -17.98 4.09
CA GLN B 4 9.82 -16.63 4.62
C GLN B 4 9.38 -15.63 3.54
N VAL B 5 9.72 -15.93 2.30
CA VAL B 5 9.38 -15.06 1.19
C VAL B 5 7.90 -15.19 0.85
N GLU B 6 7.35 -16.38 1.04
CA GLU B 6 5.94 -16.63 0.76
C GLU B 6 5.04 -15.86 1.72
N GLU B 7 5.52 -15.69 2.95
CA GLU B 7 4.77 -14.97 3.97
C GLU B 7 4.51 -13.53 3.53
N ILE B 8 5.48 -12.95 2.82
CA ILE B 8 5.35 -11.58 2.35
C ILE B 8 4.19 -11.45 1.38
N LEU B 9 4.00 -12.48 0.55
CA LEU B 9 2.92 -12.48 -0.42
C LEU B 9 1.56 -12.36 0.27
N ARG B 10 1.37 -13.15 1.31
CA ARG B 10 0.13 -13.13 2.07
C ARG B 10 -0.09 -11.77 2.70
N LEU B 11 1.01 -11.10 3.06
CA LEU B 11 0.94 -9.79 3.67
C LEU B 11 0.39 -8.76 2.66
N GLU B 12 0.73 -8.96 1.40
CA GLU B 12 0.28 -8.06 0.34
C GLU B 12 -1.24 -7.99 0.31
N LYS B 13 -1.89 -9.11 0.60
CA LYS B 13 -3.35 -9.17 0.62
C LYS B 13 -3.90 -8.18 1.62
N GLU B 14 -3.19 -7.98 2.72
CA GLU B 14 -3.61 -7.06 3.76
C GLU B 14 -3.41 -5.62 3.31
N ILE B 15 -2.38 -5.40 2.50
CA ILE B 15 -2.09 -4.06 2.00
C ILE B 15 -3.08 -3.66 0.91
N GLU B 16 -3.35 -4.58 0.00
CA GLU B 16 -4.29 -4.32 -1.09
C GLU B 16 -5.70 -4.19 -0.56
N ASP B 17 -6.04 -4.99 0.44
CA ASP B 17 -7.36 -4.95 1.05
C ASP B 17 -7.58 -3.63 1.78
N LEU B 18 -6.57 -3.20 2.52
CA LEU B 18 -6.66 -1.94 3.26
C LEU B 18 -6.69 -0.76 2.30
N GLN B 19 -5.91 -0.84 1.24
CA GLN B 19 -5.84 0.22 0.24
C GLN B 19 -7.17 0.38 -0.47
N ARG B 20 -7.79 -0.74 -0.83
CA ARG B 20 -9.08 -0.73 -1.52
C ARG B 20 -10.11 0.06 -0.71
N MET B 21 -10.07 -0.10 0.60
CA MET B 21 -11.00 0.59 1.48
C MET B 21 -10.63 2.07 1.60
N LYS B 22 -9.33 2.36 1.51
CA LYS B 22 -8.85 3.73 1.60
C LYS B 22 -9.22 4.53 0.35
N GLU B 23 -9.08 3.90 -0.81
CA GLU B 23 -9.39 4.55 -2.08
C GLU B 23 -10.90 4.77 -2.21
N GLN B 24 -11.68 3.76 -1.84
CA GLN B 24 -13.13 3.83 -1.92
C GLN B 24 -13.68 4.88 -0.97
N GLN B 25 -13.02 5.05 0.17
CA GLN B 25 -13.45 6.02 1.17
C GLN B 25 -13.18 7.45 0.72
N GLU B 26 -11.98 7.70 0.21
CA GLU B 26 -11.61 9.03 -0.25
C GLU B 26 -12.41 9.41 -1.50
N LEU B 27 -12.79 8.40 -2.29
CA LEU B 27 -13.56 8.65 -3.50
C LEU B 27 -15.04 8.83 -3.18
N SER B 28 -15.46 8.35 -2.01
CA SER B 28 -16.84 8.46 -1.59
C SER B 28 -17.15 9.87 -1.08
N LEU B 29 -16.22 10.42 -0.28
CA LEU B 29 -16.40 11.76 0.26
C LEU B 29 -16.43 12.81 -0.85
N THR B 30 -15.45 12.74 -1.74
CA THR B 30 -15.37 13.67 -2.86
C THR B 30 -14.10 13.46 -3.66
N GLU B 31 -14.26 13.13 -4.94
CA GLU B 31 -13.12 12.91 -5.82
C GLU B 31 -12.21 14.14 -5.84
N ALA B 32 -12.83 15.31 -5.63
CA ALA B 32 -12.08 16.56 -5.62
C ALA B 32 -11.15 16.63 -4.42
N SER B 33 -11.54 15.96 -3.34
CA SER B 33 -10.74 15.94 -2.12
C SER B 33 -9.29 15.56 -2.43
N LEU B 34 -9.10 14.84 -3.53
CA LEU B 34 -7.77 14.42 -3.95
C LEU B 34 -6.89 15.64 -4.22
N GLN B 35 -7.51 16.73 -4.65
CA GLN B 35 -6.79 17.97 -4.94
C GLN B 35 -6.33 18.63 -3.65
N LYS B 36 -7.30 18.99 -2.81
CA LYS B 36 -6.99 19.63 -1.53
C LYS B 36 -6.13 18.72 -0.67
N LEU B 37 -6.31 17.42 -0.83
CA LEU B 37 -5.55 16.43 -0.08
C LEU B 37 -4.07 16.51 -0.42
N GLN B 38 -3.77 16.67 -1.70
CA GLN B 38 -2.39 16.76 -2.17
C GLN B 38 -1.70 18.00 -1.61
N GLU B 39 -2.42 19.11 -1.61
CA GLU B 39 -1.88 20.38 -1.12
C GLU B 39 -1.45 20.24 0.35
N ARG B 40 -2.16 19.38 1.08
CA ARG B 40 -1.85 19.16 2.49
C ARG B 40 -0.46 18.55 2.66
N ARG B 41 -0.17 17.53 1.87
CA ARG B 41 1.13 16.86 1.93
C ARG B 41 2.18 17.65 1.16
N ASP B 42 1.75 18.35 0.13
CA ASP B 42 2.66 19.16 -0.69
C ASP B 42 3.37 20.21 0.16
N GLN B 43 2.61 20.85 1.04
CA GLN B 43 3.17 21.88 1.92
C GLN B 43 3.92 21.26 3.09
N GLU B 44 5.10 20.73 2.81
CA GLU B 44 5.93 20.11 3.84
C GLU B 44 7.06 21.03 4.27
N LEU B 45 6.82 22.34 4.18
CA LEU B 45 7.83 23.32 4.55
C LEU B 45 7.49 23.95 5.91
N ARG B 46 6.82 23.18 6.76
CA ARG B 46 6.44 23.66 8.09
C ARG B 46 5.56 24.90 7.98
N ARG B 47 4.75 24.96 6.93
CA ARG B 47 3.86 26.09 6.72
C ARG B 47 2.40 25.66 6.85
N LEU B 48 1.76 26.06 7.95
CA LEU B 48 0.37 25.71 8.18
C LEU B 48 -0.43 26.94 8.62
N GLU B 49 0.13 27.70 9.55
CA GLU B 49 -0.53 28.90 10.06
C GLU B 49 0.50 29.93 10.53
N GLU B 50 0.01 31.03 11.09
CA GLU B 50 0.89 32.09 11.59
C GLU B 50 0.44 32.57 12.96
N GLU B 51 -0.13 31.66 13.74
CA GLU B 51 -0.61 32.00 15.08
C GLU B 51 0.36 31.48 16.14
N GLU A 1 -17.07 18.89 5.78
CA GLU A 1 -16.35 17.76 5.10
C GLU A 1 -14.84 17.94 5.21
N ASN A 2 -14.20 17.07 5.98
CA ASN A 2 -12.76 17.12 6.17
C ASN A 2 -12.28 15.99 7.06
N LYS A 3 -13.06 15.68 8.09
CA LYS A 3 -12.71 14.62 9.03
C LYS A 3 -12.60 13.27 8.31
N GLN A 4 -13.37 13.12 7.24
CA GLN A 4 -13.34 11.89 6.46
C GLN A 4 -12.11 11.85 5.58
N VAL A 5 -11.81 12.97 4.95
CA VAL A 5 -10.64 13.07 4.10
C VAL A 5 -9.37 12.98 4.93
N GLU A 6 -9.43 13.51 6.15
CA GLU A 6 -8.29 13.48 7.06
C GLU A 6 -8.02 12.05 7.47
N GLU A 7 -9.08 11.32 7.80
CA GLU A 7 -8.94 9.92 8.20
C GLU A 7 -8.29 9.11 7.09
N ILE A 8 -8.67 9.40 5.85
CA ILE A 8 -8.12 8.71 4.69
C ILE A 8 -6.61 8.97 4.60
N LEU A 9 -6.22 10.21 4.83
CA LEU A 9 -4.80 10.59 4.78
C LEU A 9 -4.00 9.74 5.75
N ARG A 10 -4.45 9.70 7.01
CA ARG A 10 -3.78 8.90 8.03
C ARG A 10 -3.76 7.44 7.59
N LEU A 11 -4.86 7.01 6.98
CA LEU A 11 -4.98 5.64 6.49
C LEU A 11 -3.97 5.42 5.37
N GLU A 12 -3.76 6.45 4.55
CA GLU A 12 -2.82 6.38 3.45
C GLU A 12 -1.43 6.04 3.98
N LYS A 13 -1.06 6.67 5.09
CA LYS A 13 0.23 6.42 5.70
C LYS A 13 0.31 4.98 6.22
N GLU A 14 -0.80 4.52 6.80
CA GLU A 14 -0.87 3.16 7.32
C GLU A 14 -0.71 2.15 6.19
N ILE A 15 -1.45 2.37 5.11
CA ILE A 15 -1.39 1.48 3.95
C ILE A 15 -0.01 1.54 3.30
N GLU A 16 0.47 2.76 3.05
CA GLU A 16 1.78 2.96 2.46
C GLU A 16 2.88 2.36 3.34
N ASP A 17 2.67 2.43 4.64
CA ASP A 17 3.63 1.88 5.60
C ASP A 17 3.69 0.36 5.49
N LEU A 18 2.52 -0.24 5.30
CA LEU A 18 2.44 -1.69 5.18
C LEU A 18 3.19 -2.17 3.94
N GLN A 19 3.07 -1.40 2.86
CA GLN A 19 3.74 -1.74 1.60
C GLN A 19 5.25 -1.73 1.78
N ARG A 20 5.76 -0.66 2.41
CA ARG A 20 7.19 -0.54 2.65
C ARG A 20 7.70 -1.70 3.50
N MET A 21 6.95 -2.04 4.54
CA MET A 21 7.33 -3.14 5.42
C MET A 21 7.34 -4.46 4.66
N LYS A 22 6.46 -4.58 3.68
CA LYS A 22 6.36 -5.79 2.87
C LYS A 22 7.64 -5.99 2.06
N GLU A 23 8.03 -4.95 1.32
CA GLU A 23 9.24 -5.02 0.50
C GLU A 23 10.48 -5.09 1.38
N GLN A 24 10.42 -4.42 2.53
CA GLN A 24 11.54 -4.40 3.46
C GLN A 24 11.74 -5.78 4.09
N GLN A 25 10.65 -6.49 4.30
CA GLN A 25 10.71 -7.83 4.89
C GLN A 25 11.24 -8.83 3.87
N GLU A 26 10.83 -8.68 2.62
CA GLU A 26 11.27 -9.57 1.56
C GLU A 26 12.72 -9.30 1.20
N LEU A 27 13.08 -8.02 1.08
CA LEU A 27 14.44 -7.64 0.75
C LEU A 27 15.40 -8.01 1.87
N SER A 28 14.92 -7.92 3.11
CA SER A 28 15.74 -8.26 4.27
C SER A 28 16.20 -9.71 4.18
N LEU A 29 15.32 -10.56 3.67
CA LEU A 29 15.63 -11.97 3.51
C LEU A 29 16.66 -12.17 2.40
N THR A 30 16.21 -11.92 1.17
CA THR A 30 17.08 -12.07 0.00
C THR A 30 16.43 -11.41 -1.21
N GLU A 31 17.12 -10.46 -1.82
CA GLU A 31 16.59 -9.76 -3.00
C GLU A 31 16.20 -10.77 -4.07
N ALA A 32 16.85 -11.93 -4.05
CA ALA A 32 16.57 -12.99 -5.01
C ALA A 32 15.18 -13.57 -4.79
N SER A 33 14.71 -13.51 -3.54
CA SER A 33 13.39 -14.03 -3.19
C SER A 33 12.33 -13.48 -4.14
N LEU A 34 12.62 -12.32 -4.72
CA LEU A 34 11.69 -11.69 -5.65
C LEU A 34 11.40 -12.62 -6.83
N GLN A 35 12.36 -13.50 -7.14
CA GLN A 35 12.20 -14.44 -8.24
C GLN A 35 11.13 -15.48 -7.91
N LYS A 36 11.16 -15.99 -6.68
CA LYS A 36 10.19 -16.98 -6.24
C LYS A 36 8.81 -16.35 -6.12
N LEU A 37 8.78 -15.15 -5.55
CA LEU A 37 7.52 -14.41 -5.38
C LEU A 37 6.83 -14.21 -6.73
N GLN A 38 7.62 -13.93 -7.75
CA GLN A 38 7.09 -13.70 -9.10
C GLN A 38 6.56 -14.99 -9.68
N GLU A 39 7.38 -16.04 -9.63
CA GLU A 39 6.98 -17.35 -10.16
C GLU A 39 5.80 -17.92 -9.38
N ARG A 40 5.75 -17.60 -8.09
CA ARG A 40 4.68 -18.09 -7.23
C ARG A 40 3.34 -17.46 -7.62
N ARG A 41 3.35 -16.16 -7.88
CA ARG A 41 2.14 -15.45 -8.26
C ARG A 41 1.75 -15.77 -9.70
N ASP A 42 2.72 -15.72 -10.61
CA ASP A 42 2.47 -16.02 -12.01
C ASP A 42 1.94 -17.45 -12.19
N GLN A 43 2.29 -18.32 -11.25
CA GLN A 43 1.86 -19.71 -11.31
C GLN A 43 0.34 -19.81 -11.35
N GLU A 44 -0.33 -18.83 -10.75
CA GLU A 44 -1.79 -18.80 -10.72
C GLU A 44 -2.36 -18.72 -12.14
N LEU A 45 -1.56 -18.20 -13.07
CA LEU A 45 -1.99 -18.07 -14.46
C LEU A 45 -1.33 -19.12 -15.34
N ARG A 46 -0.02 -19.00 -15.52
CA ARG A 46 0.73 -19.93 -16.34
C ARG A 46 0.22 -19.93 -17.78
N ARG A 47 -0.18 -18.76 -18.26
CA ARG A 47 -0.69 -18.61 -19.62
C ARG A 47 -0.73 -17.15 -20.04
N LEU A 48 -0.69 -16.91 -21.34
CA LEU A 48 -0.72 -15.56 -21.88
C LEU A 48 -1.94 -15.35 -22.77
N GLU A 49 -2.36 -14.10 -22.90
CA GLU A 49 -3.51 -13.77 -23.73
C GLU A 49 -3.07 -13.18 -25.07
N GLU A 50 -3.00 -14.03 -26.08
CA GLU A 50 -2.58 -13.60 -27.41
C GLU A 50 -3.39 -14.32 -28.48
N GLU A 51 -4.05 -13.54 -29.35
CA GLU A 51 -4.87 -14.11 -30.42
C GLU A 51 -4.55 -13.42 -31.75
N GLU B 1 14.13 -19.37 4.31
CA GLU B 1 14.39 -18.62 3.09
C GLU B 1 13.09 -18.34 2.34
N ASN B 2 12.53 -19.38 1.72
CA ASN B 2 11.28 -19.24 0.97
C ASN B 2 10.08 -19.23 1.92
N LYS B 3 10.20 -19.93 3.03
CA LYS B 3 9.13 -20.01 4.02
C LYS B 3 8.82 -18.63 4.60
N GLN B 4 9.83 -17.78 4.65
CA GLN B 4 9.66 -16.43 5.19
C GLN B 4 9.09 -15.51 4.12
N VAL B 5 9.49 -15.73 2.88
CA VAL B 5 9.03 -14.93 1.76
C VAL B 5 7.57 -15.25 1.42
N GLU B 6 7.19 -16.51 1.62
CA GLU B 6 5.83 -16.94 1.35
C GLU B 6 4.84 -16.21 2.26
N GLU B 7 5.24 -15.99 3.51
CA GLU B 7 4.40 -15.30 4.47
C GLU B 7 4.16 -13.86 4.04
N ILE B 8 5.14 -13.27 3.36
CA ILE B 8 5.05 -11.89 2.88
C ILE B 8 3.90 -11.75 1.89
N LEU B 9 3.66 -12.80 1.12
CA LEU B 9 2.59 -12.79 0.13
C LEU B 9 1.25 -12.51 0.79
N ARG B 10 1.00 -13.18 1.91
CA ARG B 10 -0.25 -13.00 2.66
C ARG B 10 -0.38 -11.56 3.14
N LEU B 11 0.74 -10.94 3.45
CA LEU B 11 0.76 -9.56 3.93
C LEU B 11 0.33 -8.62 2.82
N GLU B 12 0.69 -8.95 1.59
CA GLU B 12 0.34 -8.12 0.44
C GLU B 12 -1.17 -7.98 0.32
N LYS B 13 -1.89 -9.05 0.67
CA LYS B 13 -3.35 -9.04 0.60
C LYS B 13 -3.92 -8.07 1.64
N GLU B 14 -3.26 -7.96 2.79
CA GLU B 14 -3.71 -7.07 3.84
C GLU B 14 -3.52 -5.61 3.43
N ILE B 15 -2.33 -5.29 2.96
CA ILE B 15 -2.03 -3.93 2.53
C ILE B 15 -2.84 -3.57 1.28
N GLU B 16 -2.96 -4.53 0.38
CA GLU B 16 -3.73 -4.33 -0.85
C GLU B 16 -5.20 -4.08 -0.52
N ASP B 17 -5.72 -4.86 0.42
CA ASP B 17 -7.12 -4.71 0.83
C ASP B 17 -7.31 -3.41 1.59
N LEU B 18 -6.28 -3.00 2.32
CA LEU B 18 -6.33 -1.76 3.09
C LEU B 18 -6.31 -0.56 2.17
N GLN B 19 -5.55 -0.66 1.07
CA GLN B 19 -5.45 0.42 0.10
C GLN B 19 -6.71 0.52 -0.74
N ARG B 20 -7.32 -0.62 -1.03
CA ARG B 20 -8.53 -0.67 -1.83
C ARG B 20 -9.70 -0.04 -1.08
N MET B 21 -9.73 -0.21 0.24
CA MET B 21 -10.79 0.34 1.06
C MET B 21 -10.63 1.85 1.22
N LYS B 22 -9.39 2.31 1.29
CA LYS B 22 -9.11 3.73 1.44
C LYS B 22 -9.37 4.47 0.13
N GLU B 23 -8.92 3.88 -0.98
CA GLU B 23 -9.11 4.48 -2.29
C GLU B 23 -10.60 4.59 -2.63
N GLN B 24 -11.38 3.62 -2.18
CA GLN B 24 -12.81 3.62 -2.43
C GLN B 24 -13.52 4.64 -1.53
N GLN B 25 -12.98 4.82 -0.33
CA GLN B 25 -13.56 5.76 0.64
C GLN B 25 -13.34 7.20 0.19
N GLU B 26 -12.15 7.48 -0.32
CA GLU B 26 -11.81 8.83 -0.78
C GLU B 26 -12.61 9.18 -2.05
N LEU B 27 -12.70 8.23 -2.97
CA LEU B 27 -13.43 8.43 -4.21
C LEU B 27 -14.92 8.63 -3.93
N SER B 28 -15.44 7.87 -2.97
CA SER B 28 -16.85 7.97 -2.62
C SER B 28 -17.14 9.28 -1.89
N LEU B 29 -16.14 9.79 -1.18
CA LEU B 29 -16.28 11.04 -0.44
C LEU B 29 -16.48 12.21 -1.41
N THR B 30 -15.44 12.50 -2.19
CA THR B 30 -15.48 13.59 -3.15
C THR B 30 -14.14 13.76 -3.85
N GLU B 31 -14.14 13.60 -5.17
CA GLU B 31 -12.91 13.73 -5.95
C GLU B 31 -12.25 15.08 -5.69
N ALA B 32 -13.08 16.08 -5.33
CA ALA B 32 -12.57 17.41 -5.05
C ALA B 32 -11.73 17.42 -3.78
N SER B 33 -12.08 16.55 -2.83
CA SER B 33 -11.36 16.45 -1.57
C SER B 33 -9.86 16.32 -1.82
N LEU B 34 -9.50 15.81 -3.00
CA LEU B 34 -8.11 15.63 -3.36
C LEU B 34 -7.40 16.98 -3.46
N GLN B 35 -8.16 18.01 -3.81
CA GLN B 35 -7.61 19.36 -3.94
C GLN B 35 -7.35 19.97 -2.57
N LYS B 36 -8.15 19.58 -1.59
CA LYS B 36 -8.00 20.09 -0.23
C LYS B 36 -6.83 19.41 0.47
N LEU B 37 -6.61 18.14 0.17
CA LEU B 37 -5.51 17.39 0.77
C LEU B 37 -4.17 17.92 0.30
N GLN B 38 -4.11 18.34 -0.97
CA GLN B 38 -2.87 18.86 -1.54
C GLN B 38 -2.41 20.09 -0.77
N GLU B 39 -3.35 20.93 -0.36
CA GLU B 39 -3.04 22.13 0.39
C GLU B 39 -2.57 21.79 1.81
N ARG B 40 -3.17 20.76 2.39
CA ARG B 40 -2.81 20.33 3.74
C ARG B 40 -1.51 19.55 3.73
N ARG B 41 -1.29 18.77 2.68
CA ARG B 41 -0.08 17.97 2.54
C ARG B 41 1.09 18.83 2.07
N ASP B 42 0.80 19.77 1.17
CA ASP B 42 1.82 20.66 0.63
C ASP B 42 2.33 21.62 1.70
N GLN B 43 1.41 22.15 2.49
CA GLN B 43 1.77 23.08 3.55
C GLN B 43 2.58 22.39 4.65
N GLU B 44 2.47 21.07 4.73
CA GLU B 44 3.19 20.30 5.74
C GLU B 44 4.69 20.34 5.49
N LEU B 45 5.08 20.61 4.24
CA LEU B 45 6.48 20.68 3.88
C LEU B 45 7.04 22.08 4.11
N ARG B 46 6.70 23.01 3.21
CA ARG B 46 7.15 24.38 3.32
C ARG B 46 6.37 25.15 4.38
N ARG B 47 6.88 26.31 4.77
CA ARG B 47 6.22 27.14 5.78
C ARG B 47 6.69 28.59 5.67
N LEU B 48 5.75 29.52 5.83
CA LEU B 48 6.06 30.94 5.75
C LEU B 48 5.24 31.73 6.76
N GLU B 49 5.87 32.06 7.88
CA GLU B 49 5.20 32.82 8.94
C GLU B 49 5.68 34.27 8.95
N GLU B 50 7.00 34.45 9.09
CA GLU B 50 7.57 35.79 9.12
C GLU B 50 8.56 35.98 7.96
N GLU B 51 8.79 37.24 7.59
CA GLU B 51 9.71 37.55 6.51
C GLU B 51 11.11 37.82 7.04
N GLU A 1 -15.16 19.78 5.33
CA GLU A 1 -14.91 18.66 4.38
C GLU A 1 -13.45 18.20 4.42
N ASN A 2 -12.83 18.37 5.59
CA ASN A 2 -11.44 17.98 5.76
C ASN A 2 -11.32 16.80 6.72
N LYS A 3 -12.32 16.64 7.58
CA LYS A 3 -12.32 15.54 8.56
C LYS A 3 -12.42 14.19 7.85
N GLN A 4 -13.08 14.16 6.70
CA GLN A 4 -13.22 12.93 5.95
C GLN A 4 -11.95 12.65 5.15
N VAL A 5 -11.47 13.68 4.46
CA VAL A 5 -10.24 13.55 3.68
C VAL A 5 -9.07 13.31 4.61
N GLU A 6 -9.13 13.90 5.80
CA GLU A 6 -8.07 13.73 6.78
C GLU A 6 -8.08 12.31 7.32
N GLU A 7 -9.27 11.78 7.56
CA GLU A 7 -9.42 10.42 8.06
C GLU A 7 -8.76 9.42 7.10
N ILE A 8 -8.98 9.65 5.80
CA ILE A 8 -8.40 8.79 4.78
C ILE A 8 -6.89 8.95 4.74
N LEU A 9 -6.42 10.18 4.95
CA LEU A 9 -4.99 10.46 4.95
C LEU A 9 -4.29 9.63 6.00
N ARG A 10 -4.90 9.53 7.18
CA ARG A 10 -4.35 8.76 8.28
C ARG A 10 -4.35 7.27 7.89
N LEU A 11 -5.46 6.84 7.32
CA LEU A 11 -5.60 5.46 6.89
C LEU A 11 -4.57 5.16 5.80
N GLU A 12 -4.30 6.18 4.98
CA GLU A 12 -3.33 6.04 3.90
C GLU A 12 -1.96 5.70 4.47
N LYS A 13 -1.56 6.43 5.51
CA LYS A 13 -0.28 6.19 6.16
C LYS A 13 -0.20 4.77 6.70
N GLU A 14 -1.31 4.31 7.28
CA GLU A 14 -1.37 2.96 7.84
C GLU A 14 -1.08 1.93 6.76
N ILE A 15 -1.75 2.05 5.61
CA ILE A 15 -1.56 1.13 4.51
C ILE A 15 -0.17 1.29 3.92
N GLU A 16 0.27 2.55 3.79
CA GLU A 16 1.59 2.85 3.24
C GLU A 16 2.67 2.24 4.13
N ASP A 17 2.45 2.28 5.44
CA ASP A 17 3.40 1.73 6.38
C ASP A 17 3.41 0.20 6.29
N LEU A 18 2.24 -0.38 5.99
CA LEU A 18 2.11 -1.82 5.87
C LEU A 18 2.78 -2.31 4.58
N GLN A 19 2.64 -1.53 3.51
CA GLN A 19 3.23 -1.88 2.23
C GLN A 19 4.75 -1.80 2.30
N ARG A 20 5.26 -0.73 2.89
CA ARG A 20 6.70 -0.54 3.03
C ARG A 20 7.31 -1.64 3.91
N MET A 21 6.59 -2.01 4.97
CA MET A 21 7.06 -3.05 5.88
C MET A 21 7.16 -4.39 5.17
N LYS A 22 6.19 -4.66 4.31
CA LYS A 22 6.16 -5.91 3.56
C LYS A 22 7.31 -5.97 2.56
N GLU A 23 7.51 -4.88 1.84
CA GLU A 23 8.59 -4.80 0.85
C GLU A 23 9.95 -4.90 1.53
N GLN A 24 10.10 -4.22 2.65
CA GLN A 24 11.34 -4.23 3.40
C GLN A 24 11.65 -5.63 3.92
N GLN A 25 10.60 -6.36 4.29
CA GLN A 25 10.77 -7.72 4.81
C GLN A 25 11.29 -8.65 3.72
N GLU A 26 10.71 -8.56 2.53
CA GLU A 26 11.12 -9.39 1.41
C GLU A 26 12.53 -9.04 0.95
N LEU A 27 12.81 -7.74 0.84
CA LEU A 27 14.13 -7.28 0.41
C LEU A 27 15.20 -7.68 1.42
N SER A 28 14.80 -7.76 2.69
CA SER A 28 15.73 -8.15 3.75
C SER A 28 16.32 -9.53 3.49
N LEU A 29 15.46 -10.44 3.03
CA LEU A 29 15.90 -11.80 2.73
C LEU A 29 16.83 -11.82 1.52
N THR A 30 16.34 -11.27 0.41
CA THR A 30 17.11 -11.22 -0.83
C THR A 30 16.28 -10.61 -1.95
N GLU A 31 16.82 -9.56 -2.57
CA GLU A 31 16.11 -8.89 -3.66
C GLU A 31 15.74 -9.89 -4.75
N ALA A 32 16.50 -10.98 -4.83
CA ALA A 32 16.24 -12.01 -5.81
C ALA A 32 14.92 -12.73 -5.53
N SER A 33 14.55 -12.77 -4.25
CA SER A 33 13.30 -13.42 -3.84
C SER A 33 12.13 -12.93 -4.69
N LEU A 34 12.28 -11.72 -5.23
CA LEU A 34 11.23 -11.13 -6.07
C LEU A 34 10.95 -12.03 -7.27
N GLN A 35 11.97 -12.76 -7.70
CA GLN A 35 11.83 -13.67 -8.84
C GLN A 35 10.96 -14.87 -8.46
N LYS A 36 11.34 -15.54 -7.37
CA LYS A 36 10.59 -16.70 -6.90
C LYS A 36 9.22 -16.28 -6.40
N LEU A 37 9.15 -15.09 -5.80
CA LEU A 37 7.90 -14.56 -5.28
C LEU A 37 6.92 -14.26 -6.41
N GLN A 38 7.45 -13.85 -7.55
CA GLN A 38 6.63 -13.52 -8.71
C GLN A 38 6.05 -14.79 -9.33
N GLU A 39 6.90 -15.80 -9.51
CA GLU A 39 6.47 -17.06 -10.09
C GLU A 39 5.41 -17.73 -9.22
N ARG A 40 5.53 -17.56 -7.91
CA ARG A 40 4.59 -18.14 -6.97
C ARG A 40 3.28 -17.35 -6.94
N ARG A 41 3.39 -16.03 -7.10
CA ARG A 41 2.21 -15.17 -7.11
C ARG A 41 1.30 -15.49 -8.29
N ASP A 42 1.90 -15.93 -9.39
CA ASP A 42 1.15 -16.28 -10.59
C ASP A 42 0.50 -17.66 -10.45
N GLN A 43 1.14 -18.53 -9.68
CA GLN A 43 0.63 -19.88 -9.47
C GLN A 43 -0.67 -19.85 -8.67
N GLU A 44 -0.81 -18.86 -7.81
CA GLU A 44 -2.00 -18.72 -6.99
C GLU A 44 -3.12 -18.01 -7.75
N LEU A 45 -2.75 -17.22 -8.75
CA LEU A 45 -3.72 -16.49 -9.55
C LEU A 45 -3.88 -17.13 -10.93
N ARG A 46 -5.02 -16.85 -11.57
CA ARG A 46 -5.29 -17.40 -12.90
C ARG A 46 -5.87 -16.33 -13.81
N ARG A 47 -6.25 -16.73 -15.02
CA ARG A 47 -6.82 -15.80 -15.99
C ARG A 47 -8.32 -16.03 -16.14
N LEU A 48 -8.70 -17.27 -16.42
CA LEU A 48 -10.11 -17.61 -16.58
C LEU A 48 -10.70 -18.14 -15.28
N GLU A 49 -11.38 -17.26 -14.55
CA GLU A 49 -12.00 -17.64 -13.29
C GLU A 49 -10.96 -18.15 -12.30
N GLU A 50 -11.37 -18.35 -11.04
CA GLU A 50 -10.47 -18.82 -10.01
C GLU A 50 -10.71 -20.30 -9.72
N GLU A 51 -11.93 -20.63 -9.34
CA GLU A 51 -12.29 -22.01 -9.03
C GLU A 51 -11.46 -22.55 -7.89
N GLU B 1 14.65 -19.24 3.05
CA GLU B 1 14.61 -18.11 2.13
C GLU B 1 13.22 -17.96 1.52
N ASN B 2 12.83 -18.93 0.70
CA ASN B 2 11.53 -18.91 0.05
C ASN B 2 10.41 -19.04 1.07
N LYS B 3 10.68 -19.74 2.17
CA LYS B 3 9.71 -19.93 3.23
C LYS B 3 9.31 -18.59 3.85
N GLN B 4 10.30 -17.71 4.00
CA GLN B 4 10.05 -16.40 4.58
C GLN B 4 9.43 -15.47 3.54
N VAL B 5 9.75 -15.69 2.28
CA VAL B 5 9.23 -14.89 1.19
C VAL B 5 7.76 -15.18 0.95
N GLU B 6 7.37 -16.44 1.17
CA GLU B 6 5.99 -16.87 0.99
C GLU B 6 5.05 -16.07 1.90
N GLU B 7 5.52 -15.81 3.12
CA GLU B 7 4.73 -15.06 4.09
C GLU B 7 4.52 -13.62 3.64
N ILE B 8 5.50 -13.09 2.90
CA ILE B 8 5.42 -11.72 2.41
C ILE B 8 4.22 -11.55 1.48
N LEU B 9 4.02 -12.51 0.59
CA LEU B 9 2.91 -12.47 -0.35
C LEU B 9 1.58 -12.43 0.40
N ARG B 10 1.52 -13.13 1.53
CA ARG B 10 0.31 -13.17 2.34
C ARG B 10 0.03 -11.81 2.96
N LEU B 11 1.10 -11.12 3.34
CA LEU B 11 0.98 -9.79 3.94
C LEU B 11 0.44 -8.79 2.92
N GLU B 12 0.82 -8.97 1.67
CA GLU B 12 0.37 -8.08 0.60
C GLU B 12 -1.15 -8.04 0.53
N LYS B 13 -1.78 -9.18 0.78
CA LYS B 13 -3.24 -9.26 0.75
C LYS B 13 -3.85 -8.36 1.83
N GLU B 14 -3.13 -8.20 2.93
CA GLU B 14 -3.60 -7.37 4.03
C GLU B 14 -3.48 -5.88 3.67
N ILE B 15 -2.32 -5.49 3.17
CA ILE B 15 -2.09 -4.10 2.78
C ILE B 15 -2.99 -3.70 1.61
N GLU B 16 -3.25 -4.66 0.73
CA GLU B 16 -4.10 -4.42 -0.43
C GLU B 16 -5.54 -4.19 0.00
N ASP B 17 -6.04 -5.08 0.86
CA ASP B 17 -7.41 -4.97 1.35
C ASP B 17 -7.61 -3.65 2.08
N LEU B 18 -6.60 -3.25 2.84
CA LEU B 18 -6.65 -1.99 3.59
C LEU B 18 -6.52 -0.81 2.65
N GLN B 19 -5.79 -0.99 1.55
CA GLN B 19 -5.59 0.07 0.57
C GLN B 19 -6.84 0.25 -0.27
N ARG B 20 -7.59 -0.83 -0.45
CA ARG B 20 -8.82 -0.79 -1.24
C ARG B 20 -9.90 0.04 -0.55
N MET B 21 -10.06 -0.19 0.75
CA MET B 21 -11.06 0.54 1.52
C MET B 21 -10.69 2.02 1.65
N LYS B 22 -9.39 2.28 1.69
CA LYS B 22 -8.88 3.64 1.82
C LYS B 22 -9.07 4.42 0.52
N GLU B 23 -8.74 3.79 -0.60
CA GLU B 23 -8.88 4.44 -1.90
C GLU B 23 -10.35 4.59 -2.29
N GLN B 24 -11.16 3.59 -1.94
CA GLN B 24 -12.58 3.63 -2.25
C GLN B 24 -13.30 4.68 -1.40
N GLN B 25 -12.81 4.88 -0.19
CA GLN B 25 -13.41 5.85 0.72
C GLN B 25 -13.18 7.27 0.23
N GLU B 26 -11.94 7.58 -0.15
CA GLU B 26 -11.61 8.91 -0.65
C GLU B 26 -12.33 9.20 -1.96
N LEU B 27 -12.42 8.19 -2.81
CA LEU B 27 -13.09 8.32 -4.10
C LEU B 27 -14.57 8.64 -3.90
N SER B 28 -15.21 7.91 -2.99
CA SER B 28 -16.62 8.13 -2.70
C SER B 28 -16.86 9.54 -2.17
N LEU B 29 -15.82 10.12 -1.58
CA LEU B 29 -15.89 11.46 -1.04
C LEU B 29 -16.01 12.49 -2.16
N THR B 30 -14.91 12.67 -2.88
CA THR B 30 -14.86 13.62 -3.99
C THR B 30 -13.48 13.60 -4.65
N GLU B 31 -13.45 13.28 -5.93
CA GLU B 31 -12.20 13.23 -6.67
C GLU B 31 -11.44 14.55 -6.53
N ALA B 32 -12.19 15.63 -6.33
CA ALA B 32 -11.60 16.95 -6.16
C ALA B 32 -10.80 17.02 -4.86
N SER B 33 -11.24 16.28 -3.86
CA SER B 33 -10.57 16.26 -2.56
C SER B 33 -9.08 16.00 -2.74
N LEU B 34 -8.72 15.36 -3.85
CA LEU B 34 -7.32 15.07 -4.14
C LEU B 34 -6.52 16.35 -4.26
N GLN B 35 -7.19 17.42 -4.70
CA GLN B 35 -6.53 18.71 -4.86
C GLN B 35 -6.10 19.25 -3.50
N LYS B 36 -7.06 19.41 -2.60
CA LYS B 36 -6.78 19.93 -1.26
C LYS B 36 -5.94 18.93 -0.48
N LEU B 37 -6.15 17.64 -0.77
CA LEU B 37 -5.41 16.57 -0.10
C LEU B 37 -3.94 16.60 -0.50
N GLN B 38 -3.67 17.01 -1.74
CA GLN B 38 -2.30 17.09 -2.23
C GLN B 38 -1.52 18.17 -1.50
N GLU B 39 -2.21 19.25 -1.15
CA GLU B 39 -1.57 20.37 -0.44
C GLU B 39 -1.02 19.90 0.90
N ARG B 40 -1.79 19.07 1.60
CA ARG B 40 -1.38 18.56 2.90
C ARG B 40 -0.19 17.61 2.77
N ARG B 41 -0.23 16.75 1.75
CA ARG B 41 0.84 15.80 1.51
C ARG B 41 2.13 16.51 1.14
N ASP B 42 2.02 17.50 0.26
CA ASP B 42 3.18 18.26 -0.18
C ASP B 42 3.88 18.93 1.00
N GLN B 43 3.09 19.34 1.99
CA GLN B 43 3.63 20.00 3.18
C GLN B 43 4.21 18.97 4.14
N GLU B 44 5.43 18.51 3.85
CA GLU B 44 6.09 17.53 4.69
C GLU B 44 7.17 18.19 5.55
N LEU B 45 7.65 19.34 5.11
CA LEU B 45 8.68 20.06 5.85
C LEU B 45 8.14 20.56 7.20
N ARG B 46 9.02 20.62 8.19
CA ARG B 46 8.64 21.07 9.52
C ARG B 46 9.82 21.75 10.23
N ARG B 47 10.67 22.39 9.44
CA ARG B 47 11.83 23.08 9.99
C ARG B 47 11.50 24.54 10.29
N LEU B 48 11.10 24.81 11.53
CA LEU B 48 10.76 26.16 11.95
C LEU B 48 9.60 26.70 11.11
N GLU B 49 9.09 27.87 11.50
CA GLU B 49 7.99 28.50 10.79
C GLU B 49 8.12 30.02 10.83
N GLU B 50 9.34 30.51 10.62
CA GLU B 50 9.60 31.95 10.62
C GLU B 50 9.26 32.55 11.99
N GLU B 51 10.25 32.60 12.87
CA GLU B 51 10.07 33.16 14.20
C GLU B 51 11.16 34.18 14.53
N GLU A 1 -15.59 18.34 5.25
CA GLU A 1 -14.94 17.70 4.07
C GLU A 1 -13.48 17.37 4.38
N ASN A 2 -12.75 18.36 4.87
CA ASN A 2 -11.34 18.18 5.19
C ASN A 2 -11.14 17.04 6.19
N LYS A 3 -12.04 16.95 7.16
CA LYS A 3 -11.98 15.90 8.17
C LYS A 3 -12.08 14.52 7.53
N GLN A 4 -12.75 14.44 6.39
CA GLN A 4 -12.90 13.19 5.68
C GLN A 4 -11.64 12.86 4.91
N VAL A 5 -11.09 13.86 4.23
CA VAL A 5 -9.87 13.68 3.48
C VAL A 5 -8.71 13.38 4.42
N GLU A 6 -8.73 14.02 5.58
CA GLU A 6 -7.70 13.82 6.59
C GLU A 6 -7.77 12.40 7.12
N GLU A 7 -9.00 11.92 7.37
CA GLU A 7 -9.21 10.57 7.87
C GLU A 7 -8.59 9.56 6.92
N ILE A 8 -8.79 9.76 5.63
CA ILE A 8 -8.25 8.85 4.62
C ILE A 8 -6.73 8.96 4.57
N LEU A 9 -6.22 10.17 4.81
CA LEU A 9 -4.78 10.40 4.80
C LEU A 9 -4.10 9.54 5.88
N ARG A 10 -4.72 9.49 7.06
CA ARG A 10 -4.19 8.69 8.15
C ARG A 10 -4.24 7.22 7.76
N LEU A 11 -5.36 6.80 7.19
CA LEU A 11 -5.53 5.43 6.74
C LEU A 11 -4.50 5.11 5.66
N GLU A 12 -4.21 6.12 4.84
CA GLU A 12 -3.22 5.96 3.77
C GLU A 12 -1.87 5.60 4.35
N LYS A 13 -1.51 6.27 5.44
CA LYS A 13 -0.24 6.01 6.10
C LYS A 13 -0.20 4.59 6.63
N GLU A 14 -1.33 4.13 7.16
CA GLU A 14 -1.43 2.78 7.68
C GLU A 14 -1.14 1.74 6.59
N ILE A 15 -1.71 1.97 5.41
CA ILE A 15 -1.50 1.08 4.28
C ILE A 15 -0.08 1.24 3.73
N GLU A 16 0.37 2.48 3.64
CA GLU A 16 1.71 2.78 3.15
C GLU A 16 2.75 2.18 4.08
N ASP A 17 2.46 2.19 5.38
CA ASP A 17 3.38 1.63 6.37
C ASP A 17 3.43 0.12 6.24
N LEU A 18 2.27 -0.48 6.00
CA LEU A 18 2.18 -1.93 5.85
C LEU A 18 2.93 -2.39 4.61
N GLN A 19 2.73 -1.68 3.50
CA GLN A 19 3.39 -2.01 2.24
C GLN A 19 4.91 -1.87 2.39
N ARG A 20 5.33 -0.76 2.98
CA ARG A 20 6.76 -0.51 3.18
C ARG A 20 7.36 -1.53 4.14
N MET A 21 6.64 -1.82 5.22
CA MET A 21 7.10 -2.78 6.21
C MET A 21 7.21 -4.17 5.59
N LYS A 22 6.27 -4.51 4.72
CA LYS A 22 6.27 -5.81 4.07
C LYS A 22 7.40 -5.91 3.05
N GLU A 23 7.63 -4.82 2.31
CA GLU A 23 8.69 -4.78 1.31
C GLU A 23 10.06 -4.82 1.99
N GLN A 24 10.18 -4.11 3.10
CA GLN A 24 11.44 -4.06 3.84
C GLN A 24 11.79 -5.43 4.42
N GLN A 25 10.77 -6.15 4.87
CA GLN A 25 10.96 -7.47 5.45
C GLN A 25 11.41 -8.47 4.39
N GLU A 26 10.72 -8.45 3.24
CA GLU A 26 11.06 -9.35 2.14
C GLU A 26 12.43 -9.02 1.57
N LEU A 27 12.76 -7.73 1.53
CA LEU A 27 14.04 -7.28 1.01
C LEU A 27 15.19 -7.87 1.84
N SER A 28 14.96 -8.02 3.13
CA SER A 28 15.97 -8.58 4.03
C SER A 28 16.39 -9.97 3.57
N LEU A 29 15.44 -10.70 2.99
CA LEU A 29 15.70 -12.05 2.50
C LEU A 29 16.58 -12.01 1.24
N THR A 30 15.98 -11.55 0.14
CA THR A 30 16.70 -11.45 -1.13
C THR A 30 15.90 -10.60 -2.11
N GLU A 31 16.53 -9.54 -2.61
CA GLU A 31 15.89 -8.65 -3.58
C GLU A 31 15.37 -9.45 -4.76
N ALA A 32 16.04 -10.57 -5.05
CA ALA A 32 15.65 -11.43 -6.14
C ALA A 32 14.32 -12.11 -5.86
N SER A 33 14.04 -12.31 -4.57
CA SER A 33 12.79 -12.95 -4.14
C SER A 33 11.59 -12.28 -4.80
N LEU A 34 11.77 -11.01 -5.17
CA LEU A 34 10.70 -10.26 -5.82
C LEU A 34 10.28 -10.94 -7.12
N GLN A 35 11.23 -11.62 -7.76
CA GLN A 35 10.96 -12.33 -9.00
C GLN A 35 10.14 -13.59 -8.74
N LYS A 36 10.68 -14.47 -7.90
CA LYS A 36 10.00 -15.71 -7.56
C LYS A 36 8.70 -15.42 -6.82
N LEU A 37 8.69 -14.32 -6.07
CA LEU A 37 7.51 -13.91 -5.31
C LEU A 37 6.38 -13.49 -6.25
N GLN A 38 6.73 -12.73 -7.29
CA GLN A 38 5.74 -12.27 -8.25
C GLN A 38 5.25 -13.41 -9.13
N GLU A 39 6.18 -14.28 -9.52
CA GLU A 39 5.85 -15.43 -10.37
C GLU A 39 4.87 -16.35 -9.67
N ARG A 40 5.14 -16.65 -8.40
CA ARG A 40 4.27 -17.54 -7.62
C ARG A 40 2.89 -16.92 -7.46
N ARG A 41 2.85 -15.65 -7.07
CA ARG A 41 1.59 -14.95 -6.88
C ARG A 41 0.82 -14.83 -8.19
N ASP A 42 1.51 -14.42 -9.24
CA ASP A 42 0.90 -14.27 -10.55
C ASP A 42 0.37 -15.61 -11.07
N GLN A 43 1.00 -16.70 -10.63
CA GLN A 43 0.59 -18.04 -11.05
C GLN A 43 -0.87 -18.30 -10.70
N GLU A 44 -1.31 -17.72 -9.59
CA GLU A 44 -2.69 -17.90 -9.14
C GLU A 44 -3.63 -16.90 -9.83
N LEU A 45 -3.07 -15.79 -10.31
CA LEU A 45 -3.85 -14.77 -10.99
C LEU A 45 -4.51 -15.34 -12.25
N ARG A 46 -3.85 -16.33 -12.86
CA ARG A 46 -4.37 -16.95 -14.07
C ARG A 46 -5.74 -17.57 -13.81
N ARG A 47 -6.51 -17.76 -14.89
CA ARG A 47 -7.83 -18.34 -14.78
C ARG A 47 -7.76 -19.85 -14.60
N LEU A 48 -8.00 -20.31 -13.38
CA LEU A 48 -7.96 -21.74 -13.07
C LEU A 48 -9.12 -22.13 -12.16
N GLU A 49 -9.53 -23.40 -12.25
CA GLU A 49 -10.64 -23.91 -11.44
C GLU A 49 -10.15 -24.33 -10.06
N GLU A 50 -10.56 -23.58 -9.03
CA GLU A 50 -10.17 -23.87 -7.66
C GLU A 50 -11.39 -24.01 -6.76
N GLU A 51 -11.73 -25.24 -6.40
CA GLU A 51 -12.88 -25.49 -5.54
C GLU A 51 -12.47 -25.48 -4.07
N GLU B 1 14.89 -19.20 0.96
CA GLU B 1 14.79 -18.50 -0.32
C GLU B 1 13.52 -18.90 -1.06
N ASN B 2 12.43 -19.06 -0.31
CA ASN B 2 11.15 -19.44 -0.91
C ASN B 2 10.05 -19.48 0.15
N LYS B 3 10.20 -20.38 1.12
CA LYS B 3 9.22 -20.52 2.19
C LYS B 3 9.11 -19.22 3.00
N GLN B 4 10.21 -18.48 3.06
CA GLN B 4 10.23 -17.22 3.79
C GLN B 4 9.64 -16.10 2.96
N VAL B 5 9.82 -16.19 1.64
CA VAL B 5 9.31 -15.19 0.72
C VAL B 5 7.79 -15.28 0.61
N GLU B 6 7.26 -16.49 0.71
CA GLU B 6 5.83 -16.71 0.62
C GLU B 6 5.09 -16.04 1.77
N GLU B 7 5.72 -16.03 2.95
CA GLU B 7 5.13 -15.42 4.13
C GLU B 7 4.83 -13.94 3.89
N ILE B 8 5.74 -13.27 3.19
CA ILE B 8 5.58 -11.85 2.89
C ILE B 8 4.35 -11.62 2.02
N LEU B 9 4.13 -12.51 1.05
CA LEU B 9 2.99 -12.40 0.15
C LEU B 9 1.68 -12.39 0.93
N ARG B 10 1.63 -13.15 2.02
CA ARG B 10 0.43 -13.22 2.85
C ARG B 10 0.10 -11.83 3.41
N LEU B 11 1.14 -11.11 3.81
CA LEU B 11 0.96 -9.77 4.35
C LEU B 11 0.47 -8.81 3.27
N GLU B 12 0.94 -9.04 2.04
CA GLU B 12 0.55 -8.20 0.91
C GLU B 12 -0.96 -8.20 0.73
N LYS B 13 -1.59 -9.34 1.00
CA LYS B 13 -3.04 -9.46 0.88
C LYS B 13 -3.73 -8.49 1.82
N GLU B 14 -3.14 -8.30 2.99
CA GLU B 14 -3.70 -7.40 4.00
C GLU B 14 -3.51 -5.94 3.60
N ILE B 15 -2.35 -5.61 3.03
CA ILE B 15 -2.06 -4.25 2.63
C ILE B 15 -2.88 -3.84 1.39
N GLU B 16 -3.14 -4.81 0.51
CA GLU B 16 -3.92 -4.55 -0.69
C GLU B 16 -5.40 -4.39 -0.35
N ASP B 17 -5.90 -5.25 0.53
CA ASP B 17 -7.30 -5.21 0.93
C ASP B 17 -7.60 -3.91 1.69
N LEU B 18 -6.60 -3.43 2.42
CA LEU B 18 -6.76 -2.20 3.19
C LEU B 18 -6.76 -0.98 2.27
N GLN B 19 -6.00 -1.06 1.18
CA GLN B 19 -5.91 0.03 0.22
C GLN B 19 -7.24 0.21 -0.51
N ARG B 20 -7.93 -0.90 -0.78
CA ARG B 20 -9.21 -0.86 -1.48
C ARG B 20 -10.22 0.00 -0.71
N MET B 21 -10.23 -0.14 0.61
CA MET B 21 -11.14 0.62 1.45
C MET B 21 -10.72 2.08 1.56
N LYS B 22 -9.41 2.32 1.51
CA LYS B 22 -8.87 3.68 1.60
C LYS B 22 -9.09 4.44 0.29
N GLU B 23 -8.99 3.72 -0.83
CA GLU B 23 -9.16 4.32 -2.14
C GLU B 23 -10.63 4.61 -2.40
N GLN B 24 -11.49 3.65 -2.07
CA GLN B 24 -12.92 3.80 -2.27
C GLN B 24 -13.49 4.86 -1.33
N GLN B 25 -12.89 4.96 -0.14
CA GLN B 25 -13.33 5.93 0.86
C GLN B 25 -13.03 7.36 0.40
N GLU B 26 -11.82 7.58 -0.09
CA GLU B 26 -11.42 8.91 -0.57
C GLU B 26 -12.17 9.27 -1.84
N LEU B 27 -12.48 8.26 -2.65
CA LEU B 27 -13.19 8.47 -3.90
C LEU B 27 -14.69 8.63 -3.64
N SER B 28 -15.15 8.13 -2.49
CA SER B 28 -16.55 8.20 -2.13
C SER B 28 -16.91 9.60 -1.62
N LEU B 29 -16.05 10.15 -0.77
CA LEU B 29 -16.28 11.49 -0.22
C LEU B 29 -16.28 12.54 -1.32
N THR B 30 -15.28 12.48 -2.19
CA THR B 30 -15.16 13.42 -3.30
C THR B 30 -13.84 13.24 -4.02
N GLU B 31 -13.90 12.91 -5.31
CA GLU B 31 -12.70 12.72 -6.11
C GLU B 31 -11.85 14.00 -6.09
N ALA B 32 -12.52 15.13 -5.97
CA ALA B 32 -11.84 16.42 -5.93
C ALA B 32 -11.01 16.56 -4.66
N SER B 33 -11.47 15.95 -3.58
CA SER B 33 -10.77 16.01 -2.31
C SER B 33 -9.30 15.63 -2.48
N LEU B 34 -9.01 14.86 -3.52
CA LEU B 34 -7.65 14.43 -3.80
C LEU B 34 -6.78 15.63 -4.16
N GLN B 35 -7.39 16.65 -4.75
CA GLN B 35 -6.67 17.86 -5.14
C GLN B 35 -6.07 18.53 -3.90
N LYS B 36 -6.94 18.93 -2.98
CA LYS B 36 -6.48 19.58 -1.75
C LYS B 36 -5.61 18.63 -0.95
N LEU B 37 -5.86 17.33 -1.09
CA LEU B 37 -5.10 16.31 -0.39
C LEU B 37 -3.65 16.32 -0.83
N GLN B 38 -3.42 16.58 -2.11
CA GLN B 38 -2.07 16.62 -2.66
C GLN B 38 -1.30 17.80 -2.09
N GLU B 39 -2.01 18.88 -1.81
CA GLU B 39 -1.38 20.09 -1.27
C GLU B 39 -0.86 19.84 0.14
N ARG B 40 -1.62 19.10 0.93
CA ARG B 40 -1.22 18.79 2.30
C ARG B 40 0.06 17.96 2.32
N ARG B 41 0.10 16.90 1.53
CA ARG B 41 1.27 16.04 1.46
C ARG B 41 2.49 16.83 0.99
N ASP B 42 2.32 17.65 -0.03
CA ASP B 42 3.41 18.45 -0.56
C ASP B 42 3.84 19.51 0.44
N GLN B 43 2.88 20.00 1.23
CA GLN B 43 3.17 21.02 2.24
C GLN B 43 4.05 20.45 3.34
N GLU B 44 5.34 20.38 3.09
CA GLU B 44 6.30 19.86 4.07
C GLU B 44 7.01 21.01 4.79
N LEU B 45 6.32 22.14 4.91
CA LEU B 45 6.88 23.31 5.58
C LEU B 45 6.98 23.08 7.08
N ARG B 46 8.21 22.92 7.58
CA ARG B 46 8.43 22.70 9.00
C ARG B 46 9.93 22.69 9.32
N ARG B 47 10.71 22.06 8.45
CA ARG B 47 12.15 21.98 8.64
C ARG B 47 12.89 22.23 7.33
N LEU B 48 12.44 23.24 6.59
CA LEU B 48 13.05 23.60 5.32
C LEU B 48 12.92 22.45 4.32
N GLU B 49 12.81 22.80 3.03
CA GLU B 49 12.68 21.81 1.98
C GLU B 49 13.68 22.07 0.86
N GLU B 50 13.51 23.21 0.18
CA GLU B 50 14.39 23.57 -0.92
C GLU B 50 15.37 24.66 -0.49
N GLU B 51 14.83 25.76 0.02
CA GLU B 51 15.66 26.87 0.47
C GLU B 51 15.07 27.53 1.71
N GLU A 1 -15.37 20.45 4.75
CA GLU A 1 -14.77 19.24 4.12
C GLU A 1 -13.27 19.19 4.33
N ASN A 2 -12.81 18.28 5.19
CA ASN A 2 -11.39 18.14 5.48
C ASN A 2 -11.16 17.01 6.48
N LYS A 3 -12.05 16.90 7.46
CA LYS A 3 -11.94 15.86 8.48
C LYS A 3 -12.06 14.47 7.86
N GLN A 4 -12.81 14.38 6.77
CA GLN A 4 -13.01 13.11 6.08
C GLN A 4 -11.78 12.80 5.24
N VAL A 5 -11.33 13.81 4.49
CA VAL A 5 -10.16 13.63 3.66
C VAL A 5 -8.93 13.37 4.51
N GLU A 6 -8.90 14.02 5.68
CA GLU A 6 -7.80 13.84 6.62
C GLU A 6 -7.82 12.43 7.18
N GLU A 7 -9.02 11.92 7.45
CA GLU A 7 -9.18 10.58 7.98
C GLU A 7 -8.53 9.57 7.04
N ILE A 8 -8.84 9.68 5.75
CA ILE A 8 -8.26 8.79 4.74
C ILE A 8 -6.75 8.96 4.68
N LEU A 9 -6.30 10.19 4.88
CA LEU A 9 -4.87 10.50 4.85
C LEU A 9 -4.14 9.64 5.88
N ARG A 10 -4.70 9.55 7.07
CA ARG A 10 -4.11 8.73 8.13
C ARG A 10 -4.12 7.27 7.71
N LEU A 11 -5.25 6.85 7.13
CA LEU A 11 -5.40 5.49 6.66
C LEU A 11 -4.38 5.20 5.57
N GLU A 12 -4.09 6.22 4.77
CA GLU A 12 -3.12 6.10 3.69
C GLU A 12 -1.74 5.75 4.25
N LYS A 13 -1.36 6.47 5.30
CA LYS A 13 -0.07 6.24 5.95
C LYS A 13 0.01 4.81 6.47
N GLU A 14 -1.09 4.33 7.04
CA GLU A 14 -1.14 2.98 7.57
C GLU A 14 -0.86 1.95 6.47
N ILE A 15 -1.55 2.09 5.35
CA ILE A 15 -1.36 1.19 4.22
C ILE A 15 0.03 1.34 3.64
N GLU A 16 0.47 2.59 3.51
CA GLU A 16 1.79 2.89 2.97
C GLU A 16 2.87 2.28 3.85
N ASP A 17 2.68 2.37 5.16
CA ASP A 17 3.64 1.80 6.11
C ASP A 17 3.59 0.28 6.06
N LEU A 18 2.39 -0.26 5.92
CA LEU A 18 2.19 -1.70 5.85
C LEU A 18 2.94 -2.28 4.66
N GLN A 19 2.84 -1.60 3.52
CA GLN A 19 3.51 -2.05 2.31
C GLN A 19 5.03 -1.97 2.47
N ARG A 20 5.49 -0.91 3.12
CA ARG A 20 6.91 -0.72 3.36
C ARG A 20 7.48 -1.87 4.18
N MET A 21 6.74 -2.30 5.19
CA MET A 21 7.15 -3.39 6.04
C MET A 21 7.23 -4.69 5.25
N LYS A 22 6.25 -4.92 4.39
CA LYS A 22 6.21 -6.11 3.56
C LYS A 22 7.37 -6.13 2.57
N GLU A 23 7.61 -4.99 1.94
CA GLU A 23 8.68 -4.86 0.97
C GLU A 23 10.05 -4.95 1.65
N GLN A 24 10.15 -4.34 2.83
CA GLN A 24 11.40 -4.35 3.58
C GLN A 24 11.69 -5.75 4.12
N GLN A 25 10.64 -6.43 4.59
CA GLN A 25 10.78 -7.77 5.13
C GLN A 25 11.24 -8.74 4.05
N GLU A 26 10.73 -8.55 2.84
CA GLU A 26 11.09 -9.42 1.72
C GLU A 26 12.53 -9.17 1.29
N LEU A 27 12.89 -7.90 1.12
CA LEU A 27 14.24 -7.54 0.72
C LEU A 27 15.26 -8.01 1.75
N SER A 28 14.85 -8.03 3.02
CA SER A 28 15.72 -8.48 4.09
C SER A 28 16.22 -9.89 3.83
N LEU A 29 15.33 -10.73 3.29
CA LEU A 29 15.67 -12.10 2.97
C LEU A 29 16.63 -12.16 1.79
N THR A 30 16.21 -11.56 0.69
CA THR A 30 17.02 -11.52 -0.53
C THR A 30 16.29 -10.75 -1.62
N GLU A 31 16.93 -9.71 -2.14
CA GLU A 31 16.33 -8.90 -3.19
C GLU A 31 15.91 -9.79 -4.36
N ALA A 32 16.62 -10.89 -4.53
CA ALA A 32 16.32 -11.85 -5.59
C ALA A 32 14.99 -12.54 -5.32
N SER A 33 14.64 -12.67 -4.05
CA SER A 33 13.40 -13.31 -3.64
C SER A 33 12.22 -12.72 -4.42
N LEU A 34 12.38 -11.47 -4.86
CA LEU A 34 11.34 -10.80 -5.62
C LEU A 34 10.99 -11.59 -6.87
N GLN A 35 11.96 -12.34 -7.38
CA GLN A 35 11.76 -13.15 -8.57
C GLN A 35 10.87 -14.35 -8.27
N LYS A 36 11.25 -15.13 -7.26
CA LYS A 36 10.50 -16.31 -6.86
C LYS A 36 9.14 -15.90 -6.31
N LEU A 37 9.08 -14.73 -5.67
CA LEU A 37 7.85 -14.23 -5.09
C LEU A 37 6.86 -13.84 -6.18
N GLN A 38 7.36 -13.21 -7.23
CA GLN A 38 6.52 -12.78 -8.34
C GLN A 38 5.97 -13.98 -9.10
N GLU A 39 6.85 -14.91 -9.46
CA GLU A 39 6.45 -16.11 -10.18
C GLU A 39 5.46 -16.93 -9.37
N ARG A 40 5.65 -16.94 -8.06
CA ARG A 40 4.77 -17.68 -7.16
C ARG A 40 3.36 -17.10 -7.17
N ARG A 41 3.28 -15.77 -7.17
CA ARG A 41 1.99 -15.08 -7.18
C ARG A 41 1.20 -15.44 -8.43
N ASP A 42 1.86 -15.37 -9.58
CA ASP A 42 1.21 -15.69 -10.85
C ASP A 42 0.91 -17.19 -10.95
N GLN A 43 1.67 -18.00 -10.22
CA GLN A 43 1.48 -19.44 -10.23
C GLN A 43 0.06 -19.81 -9.80
N GLU A 44 -0.55 -18.96 -8.99
CA GLU A 44 -1.90 -19.19 -8.51
C GLU A 44 -2.90 -18.28 -9.21
N LEU A 45 -2.60 -17.91 -10.45
CA LEU A 45 -3.46 -17.04 -11.23
C LEU A 45 -4.75 -17.78 -11.62
N ARG A 46 -4.63 -19.08 -11.87
CA ARG A 46 -5.79 -19.89 -12.25
C ARG A 46 -6.50 -20.43 -11.02
N ARG A 47 -7.79 -20.72 -11.17
CA ARG A 47 -8.59 -21.25 -10.07
C ARG A 47 -8.14 -22.66 -9.71
N LEU A 48 -7.07 -22.76 -8.92
CA LEU A 48 -6.55 -24.06 -8.50
C LEU A 48 -6.11 -24.02 -7.04
N GLU A 49 -6.91 -24.59 -6.16
CA GLU A 49 -6.61 -24.62 -4.73
C GLU A 49 -5.53 -25.66 -4.44
N GLU A 50 -5.85 -26.92 -4.67
CA GLU A 50 -4.92 -28.01 -4.43
C GLU A 50 -5.50 -29.35 -4.89
N GLU A 51 -6.79 -29.55 -4.62
CA GLU A 51 -7.47 -30.78 -5.01
C GLU A 51 -8.71 -30.47 -5.85
N GLU B 1 15.00 -19.09 2.69
CA GLU B 1 15.02 -18.31 1.46
C GLU B 1 13.93 -18.76 0.51
N ASN B 2 12.74 -18.99 1.04
CA ASN B 2 11.60 -19.42 0.22
C ASN B 2 10.33 -19.52 1.07
N LYS B 3 10.45 -20.12 2.25
CA LYS B 3 9.31 -20.26 3.15
C LYS B 3 8.92 -18.92 3.76
N GLN B 4 9.91 -18.07 3.96
CA GLN B 4 9.67 -16.74 4.53
C GLN B 4 9.17 -15.78 3.46
N VAL B 5 9.62 -15.99 2.23
CA VAL B 5 9.21 -15.16 1.11
C VAL B 5 7.73 -15.37 0.79
N GLU B 6 7.26 -16.60 1.00
CA GLU B 6 5.87 -16.94 0.74
C GLU B 6 4.94 -16.15 1.66
N GLU B 7 5.39 -15.93 2.89
CA GLU B 7 4.60 -15.20 3.87
C GLU B 7 4.38 -13.76 3.41
N ILE B 8 5.34 -13.23 2.67
CA ILE B 8 5.24 -11.86 2.16
C ILE B 8 4.01 -11.70 1.27
N LEU B 9 3.69 -12.76 0.53
CA LEU B 9 2.53 -12.72 -0.36
C LEU B 9 1.25 -12.45 0.43
N ARG B 10 1.14 -13.08 1.60
CA ARG B 10 -0.03 -12.90 2.45
C ARG B 10 -0.12 -11.45 2.92
N LEU B 11 1.02 -10.88 3.29
CA LEU B 11 1.06 -9.50 3.75
C LEU B 11 0.65 -8.55 2.63
N GLU B 12 1.00 -8.90 1.40
CA GLU B 12 0.66 -8.09 0.25
C GLU B 12 -0.86 -7.90 0.14
N LYS B 13 -1.59 -8.96 0.46
CA LYS B 13 -3.05 -8.90 0.40
C LYS B 13 -3.59 -8.04 1.55
N GLU B 14 -2.94 -8.12 2.70
CA GLU B 14 -3.34 -7.34 3.87
C GLU B 14 -3.23 -5.86 3.59
N ILE B 15 -2.16 -5.47 2.90
CA ILE B 15 -1.94 -4.07 2.56
C ILE B 15 -2.88 -3.62 1.45
N GLU B 16 -3.20 -4.54 0.55
CA GLU B 16 -4.10 -4.24 -0.55
C GLU B 16 -5.54 -4.10 -0.06
N ASP B 17 -5.94 -5.01 0.84
CA ASP B 17 -7.29 -4.97 1.41
C ASP B 17 -7.53 -3.65 2.12
N LEU B 18 -6.53 -3.18 2.84
CA LEU B 18 -6.61 -1.93 3.57
C LEU B 18 -6.56 -0.75 2.61
N GLN B 19 -5.90 -0.94 1.47
CA GLN B 19 -5.79 0.10 0.47
C GLN B 19 -7.10 0.28 -0.29
N ARG B 20 -7.84 -0.81 -0.43
CA ARG B 20 -9.13 -0.77 -1.13
C ARG B 20 -10.12 0.11 -0.38
N MET B 21 -10.18 -0.05 0.93
CA MET B 21 -11.09 0.74 1.76
C MET B 21 -10.66 2.20 1.79
N LYS B 22 -9.36 2.43 1.71
CA LYS B 22 -8.82 3.78 1.72
C LYS B 22 -9.11 4.50 0.41
N GLU B 23 -8.85 3.82 -0.70
CA GLU B 23 -9.08 4.40 -2.02
C GLU B 23 -10.56 4.50 -2.32
N GLN B 24 -11.33 3.53 -1.82
CA GLN B 24 -12.78 3.52 -2.04
C GLN B 24 -13.45 4.60 -1.21
N GLN B 25 -12.89 4.89 -0.03
CA GLN B 25 -13.45 5.91 0.85
C GLN B 25 -13.21 7.31 0.30
N GLU B 26 -11.97 7.57 -0.14
CA GLU B 26 -11.62 8.88 -0.68
C GLU B 26 -12.35 9.12 -2.00
N LEU B 27 -12.58 8.06 -2.75
CA LEU B 27 -13.27 8.15 -4.03
C LEU B 27 -14.75 8.47 -3.82
N SER B 28 -15.39 7.73 -2.91
CA SER B 28 -16.79 7.95 -2.60
C SER B 28 -17.01 9.34 -2.03
N LEU B 29 -15.99 9.85 -1.35
CA LEU B 29 -16.06 11.18 -0.74
C LEU B 29 -16.20 12.25 -1.82
N THR B 30 -15.16 12.39 -2.62
CA THR B 30 -15.15 13.39 -3.70
C THR B 30 -13.79 13.42 -4.38
N GLU B 31 -13.77 13.12 -5.68
CA GLU B 31 -12.53 13.13 -6.44
C GLU B 31 -11.82 14.47 -6.30
N ALA B 32 -12.61 15.52 -6.09
CA ALA B 32 -12.05 16.86 -5.92
C ALA B 32 -11.28 16.96 -4.62
N SER B 33 -11.81 16.32 -3.57
CA SER B 33 -11.16 16.33 -2.27
C SER B 33 -9.69 15.96 -2.39
N LEU B 34 -9.36 15.20 -3.44
CA LEU B 34 -7.99 14.77 -3.66
C LEU B 34 -7.11 15.98 -3.99
N GLN B 35 -7.72 17.01 -4.59
CA GLN B 35 -6.98 18.22 -4.93
C GLN B 35 -6.46 18.91 -3.67
N LYS B 36 -7.36 19.15 -2.73
CA LYS B 36 -7.00 19.78 -1.46
C LYS B 36 -6.12 18.85 -0.64
N LEU B 37 -6.33 17.54 -0.81
CA LEU B 37 -5.57 16.53 -0.09
C LEU B 37 -4.10 16.59 -0.51
N GLN B 38 -3.86 16.89 -1.78
CA GLN B 38 -2.50 16.98 -2.30
C GLN B 38 -1.77 18.17 -1.70
N GLU B 39 -2.49 19.26 -1.48
CA GLU B 39 -1.91 20.47 -0.91
C GLU B 39 -1.41 20.22 0.51
N ARG B 40 -2.21 19.53 1.31
CA ARG B 40 -1.85 19.22 2.67
C ARG B 40 -0.75 18.15 2.72
N ARG B 41 -0.77 17.25 1.74
CA ARG B 41 0.22 16.18 1.66
C ARG B 41 1.54 16.70 1.10
N ASP B 42 1.44 17.61 0.13
CA ASP B 42 2.63 18.18 -0.51
C ASP B 42 3.50 18.89 0.52
N GLN B 43 2.85 19.47 1.53
CA GLN B 43 3.57 20.19 2.59
C GLN B 43 4.17 19.21 3.60
N GLU B 44 5.07 18.35 3.13
CA GLU B 44 5.71 17.37 3.99
C GLU B 44 7.11 17.84 4.40
N LEU B 45 7.70 18.73 3.60
CA LEU B 45 9.03 19.25 3.88
C LEU B 45 9.04 20.00 5.21
N ARG B 46 7.91 20.62 5.55
CA ARG B 46 7.80 21.36 6.80
C ARG B 46 7.48 20.43 7.97
N ARG B 47 7.13 21.02 9.10
CA ARG B 47 6.80 20.23 10.29
C ARG B 47 5.51 20.74 10.94
N LEU B 48 5.41 22.05 11.12
CA LEU B 48 4.23 22.65 11.72
C LEU B 48 3.94 22.04 13.08
N GLU B 49 4.45 22.69 14.13
CA GLU B 49 4.24 22.21 15.50
C GLU B 49 3.70 23.33 16.39
N GLU B 50 2.50 23.12 16.92
CA GLU B 50 1.88 24.11 17.79
C GLU B 50 1.70 23.55 19.21
N GLU B 51 1.46 24.45 20.16
CA GLU B 51 1.27 24.04 21.55
C GLU B 51 0.00 24.66 22.12
N GLU A 1 -15.41 18.63 2.97
CA GLU A 1 -14.27 18.04 2.23
C GLU A 1 -12.95 18.25 2.98
N ASN A 2 -12.92 17.78 4.22
CA ASN A 2 -11.73 17.91 5.05
C ASN A 2 -11.66 16.80 6.10
N LYS A 3 -12.78 16.57 6.77
CA LYS A 3 -12.85 15.53 7.80
C LYS A 3 -12.80 14.14 7.17
N GLN A 4 -13.46 13.99 6.03
CA GLN A 4 -13.48 12.72 5.33
C GLN A 4 -12.14 12.50 4.64
N VAL A 5 -11.58 13.57 4.11
CA VAL A 5 -10.30 13.49 3.43
C VAL A 5 -9.19 13.17 4.42
N GLU A 6 -9.20 13.85 5.56
CA GLU A 6 -8.19 13.63 6.58
C GLU A 6 -8.27 12.19 7.07
N GLU A 7 -9.49 11.67 7.20
CA GLU A 7 -9.69 10.30 7.64
C GLU A 7 -8.97 9.35 6.69
N ILE A 8 -9.18 9.54 5.39
CA ILE A 8 -8.53 8.71 4.38
C ILE A 8 -7.02 8.83 4.49
N LEU A 9 -6.56 10.04 4.80
CA LEU A 9 -5.13 10.29 4.95
C LEU A 9 -4.55 9.42 6.05
N ARG A 10 -5.31 9.27 7.14
CA ARG A 10 -4.88 8.43 8.25
C ARG A 10 -4.73 6.99 7.78
N LEU A 11 -5.73 6.51 7.05
CA LEU A 11 -5.70 5.16 6.52
C LEU A 11 -4.53 5.00 5.56
N GLU A 12 -4.25 6.06 4.80
CA GLU A 12 -3.16 6.05 3.84
C GLU A 12 -1.84 5.79 4.55
N LYS A 13 -1.66 6.41 5.71
CA LYS A 13 -0.44 6.25 6.48
C LYS A 13 -0.29 4.80 6.95
N GLU A 14 -1.39 4.25 7.49
CA GLU A 14 -1.38 2.87 7.96
C GLU A 14 -1.12 1.90 6.82
N ILE A 15 -1.74 2.18 5.67
CA ILE A 15 -1.58 1.34 4.50
C ILE A 15 -0.15 1.44 3.95
N GLU A 16 0.32 2.67 3.77
CA GLU A 16 1.66 2.90 3.27
C GLU A 16 2.70 2.30 4.21
N ASP A 17 2.41 2.34 5.51
CA ASP A 17 3.31 1.79 6.51
C ASP A 17 3.44 0.28 6.33
N LEU A 18 2.32 -0.38 6.11
CA LEU A 18 2.31 -1.83 5.91
C LEU A 18 3.16 -2.21 4.70
N GLN A 19 3.05 -1.42 3.64
CA GLN A 19 3.81 -1.67 2.42
C GLN A 19 5.31 -1.57 2.68
N ARG A 20 5.70 -0.51 3.38
CA ARG A 20 7.12 -0.29 3.70
C ARG A 20 7.68 -1.46 4.51
N MET A 21 6.92 -1.88 5.53
CA MET A 21 7.35 -2.99 6.38
C MET A 21 7.43 -4.29 5.59
N LYS A 22 6.48 -4.48 4.68
CA LYS A 22 6.44 -5.69 3.87
C LYS A 22 7.60 -5.70 2.86
N GLU A 23 7.82 -4.56 2.21
CA GLU A 23 8.89 -4.44 1.23
C GLU A 23 10.26 -4.54 1.90
N GLN A 24 10.37 -3.95 3.09
CA GLN A 24 11.62 -3.98 3.83
C GLN A 24 11.94 -5.39 4.31
N GLN A 25 10.89 -6.16 4.61
CA GLN A 25 11.06 -7.53 5.08
C GLN A 25 11.52 -8.44 3.95
N GLU A 26 10.92 -8.27 2.78
CA GLU A 26 11.26 -9.08 1.61
C GLU A 26 12.69 -8.81 1.17
N LEU A 27 13.11 -7.55 1.24
CA LEU A 27 14.46 -7.16 0.84
C LEU A 27 15.50 -7.88 1.69
N SER A 28 15.13 -8.19 2.93
CA SER A 28 16.04 -8.89 3.84
C SER A 28 16.53 -10.19 3.21
N LEU A 29 15.62 -10.87 2.52
CA LEU A 29 15.96 -12.13 1.85
C LEU A 29 16.78 -11.85 0.60
N THR A 30 16.21 -11.05 -0.30
CA THR A 30 16.86 -10.69 -1.55
C THR A 30 15.85 -10.03 -2.49
N GLU A 31 16.18 -8.83 -2.96
CA GLU A 31 15.30 -8.10 -3.87
C GLU A 31 14.95 -8.97 -5.07
N ALA A 32 15.84 -9.91 -5.39
CA ALA A 32 15.61 -10.81 -6.52
C ALA A 32 14.45 -11.75 -6.24
N SER A 33 14.25 -12.10 -4.97
CA SER A 33 13.17 -13.00 -4.59
C SER A 33 11.85 -12.52 -5.17
N LEU A 34 11.76 -11.23 -5.45
CA LEU A 34 10.55 -10.66 -6.02
C LEU A 34 10.23 -11.30 -7.36
N GLN A 35 11.27 -11.79 -8.05
CA GLN A 35 11.07 -12.43 -9.35
C GLN A 35 10.18 -13.65 -9.18
N LYS A 36 10.57 -14.53 -8.26
CA LYS A 36 9.79 -15.74 -7.98
C LYS A 36 8.48 -15.37 -7.32
N LEU A 37 8.51 -14.28 -6.55
CA LEU A 37 7.33 -13.80 -5.85
C LEU A 37 6.25 -13.35 -6.83
N GLN A 38 6.69 -12.72 -7.93
CA GLN A 38 5.76 -12.25 -8.95
C GLN A 38 5.17 -13.43 -9.73
N GLU A 39 6.03 -14.31 -10.20
CA GLU A 39 5.61 -15.46 -10.96
C GLU A 39 4.67 -16.35 -10.14
N ARG A 40 4.92 -16.40 -8.84
CA ARG A 40 4.09 -17.20 -7.93
C ARG A 40 2.71 -16.59 -7.77
N ARG A 41 2.66 -15.28 -7.53
CA ARG A 41 1.40 -14.58 -7.35
C ARG A 41 0.63 -14.50 -8.67
N ASP A 42 1.34 -14.24 -9.75
CA ASP A 42 0.71 -14.14 -11.08
C ASP A 42 0.01 -15.43 -11.44
N GLN A 43 0.51 -16.56 -10.92
CA GLN A 43 -0.07 -17.85 -11.19
C GLN A 43 -1.54 -17.90 -10.76
N GLU A 44 -1.82 -17.35 -9.58
CA GLU A 44 -3.18 -17.33 -9.05
C GLU A 44 -3.83 -15.97 -9.28
N LEU A 45 -3.43 -15.30 -10.35
CA LEU A 45 -3.98 -13.99 -10.69
C LEU A 45 -5.10 -14.11 -11.72
N ARG A 46 -6.09 -13.23 -11.63
CA ARG A 46 -7.21 -13.24 -12.55
C ARG A 46 -7.96 -14.58 -12.47
N ARG A 47 -8.06 -15.12 -11.27
CA ARG A 47 -8.75 -16.39 -11.06
C ARG A 47 -8.97 -16.66 -9.58
N LEU A 48 -10.07 -16.15 -9.04
CA LEU A 48 -10.39 -16.33 -7.63
C LEU A 48 -11.26 -17.58 -7.43
N GLU A 49 -12.44 -17.58 -8.03
CA GLU A 49 -13.35 -18.71 -7.92
C GLU A 49 -13.86 -19.14 -9.29
N GLU A 50 -14.27 -18.16 -10.09
CA GLU A 50 -14.78 -18.44 -11.44
C GLU A 50 -14.16 -17.49 -12.46
N GLU A 51 -14.25 -17.86 -13.73
CA GLU A 51 -13.70 -17.05 -14.81
C GLU A 51 -14.69 -16.94 -15.97
N GLU B 1 13.81 -21.11 0.47
CA GLU B 1 14.02 -19.71 0.10
C GLU B 1 12.70 -19.03 -0.27
N ASN B 2 11.77 -19.81 -0.80
CA ASN B 2 10.47 -19.28 -1.18
C ASN B 2 9.52 -19.20 0.02
N LYS B 3 9.75 -20.07 1.00
CA LYS B 3 8.93 -20.09 2.21
C LYS B 3 8.93 -18.75 2.90
N GLN B 4 10.06 -18.05 2.83
CA GLN B 4 10.19 -16.74 3.45
C GLN B 4 9.60 -15.67 2.55
N VAL B 5 9.70 -15.87 1.24
CA VAL B 5 9.17 -14.93 0.27
C VAL B 5 7.65 -15.00 0.22
N GLU B 6 7.11 -16.20 0.44
CA GLU B 6 5.67 -16.40 0.42
C GLU B 6 5.02 -15.76 1.64
N GLU B 7 5.71 -15.80 2.77
CA GLU B 7 5.19 -15.22 4.01
C GLU B 7 4.93 -13.73 3.84
N ILE B 8 5.79 -13.06 3.07
CA ILE B 8 5.66 -11.63 2.82
C ILE B 8 4.40 -11.33 2.00
N LEU B 9 4.14 -12.17 0.99
CA LEU B 9 2.98 -11.98 0.14
C LEU B 9 1.70 -12.05 0.96
N ARG B 10 1.70 -12.88 1.99
CA ARG B 10 0.52 -13.03 2.85
C ARG B 10 0.17 -11.69 3.49
N LEU B 11 1.19 -10.89 3.77
CA LEU B 11 0.99 -9.57 4.36
C LEU B 11 0.32 -8.64 3.37
N GLU B 12 0.63 -8.81 2.09
CA GLU B 12 0.06 -8.00 1.03
C GLU B 12 -1.47 -8.06 1.06
N LYS B 13 -2.00 -9.22 1.40
CA LYS B 13 -3.44 -9.41 1.47
C LYS B 13 -4.07 -8.48 2.51
N GLU B 14 -3.37 -8.30 3.63
CA GLU B 14 -3.87 -7.44 4.70
C GLU B 14 -3.84 -5.97 4.28
N ILE B 15 -2.71 -5.53 3.74
CA ILE B 15 -2.56 -4.16 3.28
C ILE B 15 -3.47 -3.88 2.10
N GLU B 16 -3.66 -4.89 1.26
CA GLU B 16 -4.52 -4.76 0.09
C GLU B 16 -5.96 -4.48 0.48
N ASP B 17 -6.42 -5.15 1.55
CA ASP B 17 -7.78 -4.96 2.03
C ASP B 17 -7.97 -3.55 2.57
N LEU B 18 -6.98 -3.05 3.30
CA LEU B 18 -7.04 -1.72 3.88
C LEU B 18 -6.87 -0.65 2.80
N GLN B 19 -6.14 -1.00 1.74
CA GLN B 19 -5.92 -0.06 0.63
C GLN B 19 -7.18 0.12 -0.19
N ARG B 20 -7.91 -0.97 -0.41
CA ARG B 20 -9.15 -0.92 -1.18
C ARG B 20 -10.18 -0.01 -0.51
N MET B 21 -10.29 -0.14 0.80
CA MET B 21 -11.24 0.67 1.56
C MET B 21 -10.83 2.14 1.56
N LYS B 22 -9.53 2.39 1.50
CA LYS B 22 -8.99 3.75 1.49
C LYS B 22 -9.28 4.43 0.16
N GLU B 23 -9.00 3.74 -0.94
CA GLU B 23 -9.22 4.28 -2.27
C GLU B 23 -10.71 4.47 -2.54
N GLN B 24 -11.51 3.53 -2.04
CA GLN B 24 -12.96 3.59 -2.24
C GLN B 24 -13.58 4.73 -1.45
N GLN B 25 -12.99 5.04 -0.29
CA GLN B 25 -13.50 6.11 0.56
C GLN B 25 -13.16 7.47 -0.02
N GLU B 26 -11.91 7.65 -0.44
CA GLU B 26 -11.47 8.91 -1.02
C GLU B 26 -12.13 9.16 -2.36
N LEU B 27 -12.41 8.07 -3.08
CA LEU B 27 -13.06 8.17 -4.38
C LEU B 27 -14.56 8.42 -4.23
N SER B 28 -15.09 8.08 -3.07
CA SER B 28 -16.52 8.27 -2.80
C SER B 28 -16.82 9.72 -2.44
N LEU B 29 -16.01 10.29 -1.56
CA LEU B 29 -16.19 11.68 -1.13
C LEU B 29 -15.98 12.63 -2.30
N THR B 30 -14.83 12.53 -2.94
CA THR B 30 -14.51 13.38 -4.09
C THR B 30 -13.09 13.11 -4.59
N GLU B 31 -12.98 12.68 -5.84
CA GLU B 31 -11.70 12.39 -6.44
C GLU B 31 -10.78 13.61 -6.39
N ALA B 32 -11.39 14.79 -6.37
CA ALA B 32 -10.64 16.04 -6.32
C ALA B 32 -9.92 16.18 -4.98
N SER B 33 -10.53 15.67 -3.93
CA SER B 33 -9.95 15.72 -2.59
C SER B 33 -8.50 15.22 -2.61
N LEU B 34 -8.19 14.37 -3.58
CA LEU B 34 -6.85 13.83 -3.72
C LEU B 34 -5.85 14.92 -4.05
N GLN B 35 -6.33 15.96 -4.74
CA GLN B 35 -5.47 17.08 -5.12
C GLN B 35 -5.12 17.94 -3.90
N LYS B 36 -6.08 18.08 -2.99
CA LYS B 36 -5.88 18.86 -1.77
C LYS B 36 -4.88 18.17 -0.85
N LEU B 37 -4.85 16.84 -0.89
CA LEU B 37 -3.93 16.08 -0.05
C LEU B 37 -2.49 16.40 -0.38
N GLN B 38 -2.22 16.68 -1.65
CA GLN B 38 -0.87 17.01 -2.11
C GLN B 38 -0.36 18.27 -1.41
N GLU B 39 -1.15 19.34 -1.48
CA GLU B 39 -0.79 20.60 -0.87
C GLU B 39 -0.68 20.46 0.65
N ARG B 40 -1.49 19.57 1.22
CA ARG B 40 -1.48 19.34 2.65
C ARG B 40 -0.31 18.44 3.06
N ARG B 41 -0.02 17.45 2.24
CA ARG B 41 1.07 16.52 2.52
C ARG B 41 2.41 17.16 2.20
N ASP B 42 2.48 17.89 1.09
CA ASP B 42 3.71 18.55 0.67
C ASP B 42 4.11 19.63 1.68
N GLN B 43 3.13 20.40 2.14
CA GLN B 43 3.38 21.47 3.11
C GLN B 43 3.54 20.89 4.51
N GLU B 44 4.56 20.07 4.70
CA GLU B 44 4.83 19.45 6.00
C GLU B 44 5.99 20.14 6.70
N LEU B 45 6.16 21.43 6.42
CA LEU B 45 7.23 22.20 7.03
C LEU B 45 6.83 22.73 8.40
N ARG B 46 7.74 23.44 9.05
CA ARG B 46 7.47 24.00 10.38
C ARG B 46 6.35 25.03 10.32
N ARG B 47 5.12 24.59 10.57
CA ARG B 47 3.98 25.49 10.54
C ARG B 47 2.94 25.08 11.59
N LEU B 48 2.49 23.82 11.50
CA LEU B 48 1.51 23.31 12.44
C LEU B 48 2.02 22.05 13.13
N GLU B 49 2.18 22.12 14.45
CA GLU B 49 2.67 20.99 15.22
C GLU B 49 2.44 21.21 16.72
N GLU B 50 2.20 20.13 17.45
CA GLU B 50 1.97 20.21 18.88
C GLU B 50 2.96 19.34 19.64
N GLU B 51 2.98 18.05 19.33
CA GLU B 51 3.89 17.12 19.99
C GLU B 51 5.24 17.07 19.27
N GLU A 1 -16.56 16.80 4.16
CA GLU A 1 -15.68 16.91 2.98
C GLU A 1 -14.21 16.70 3.36
N ASN A 2 -13.70 17.59 4.22
CA ASN A 2 -12.32 17.51 4.67
C ASN A 2 -12.15 16.40 5.70
N LYS A 3 -13.16 16.20 6.53
CA LYS A 3 -13.11 15.17 7.56
C LYS A 3 -12.93 13.78 6.95
N GLN A 4 -13.40 13.62 5.72
CA GLN A 4 -13.28 12.35 5.02
C GLN A 4 -11.88 12.19 4.46
N VAL A 5 -11.31 13.28 3.98
CA VAL A 5 -9.96 13.27 3.44
C VAL A 5 -8.95 13.09 4.57
N GLU A 6 -9.28 13.64 5.73
CA GLU A 6 -8.42 13.54 6.90
C GLU A 6 -8.33 12.09 7.37
N GLU A 7 -9.50 11.49 7.60
CA GLU A 7 -9.55 10.10 8.03
C GLU A 7 -8.89 9.19 7.00
N ILE A 8 -9.00 9.59 5.74
CA ILE A 8 -8.41 8.84 4.63
C ILE A 8 -6.89 8.87 4.73
N LEU A 9 -6.34 10.06 4.94
CA LEU A 9 -4.89 10.23 5.05
C LEU A 9 -4.34 9.36 6.18
N ARG A 10 -5.07 9.29 7.29
CA ARG A 10 -4.64 8.49 8.42
C ARG A 10 -4.54 7.02 8.00
N LEU A 11 -5.59 6.54 7.33
CA LEU A 11 -5.62 5.17 6.85
C LEU A 11 -4.48 4.96 5.84
N GLU A 12 -4.20 6.01 5.07
CA GLU A 12 -3.13 5.95 4.08
C GLU A 12 -1.81 5.61 4.75
N LYS A 13 -1.55 6.25 5.89
CA LYS A 13 -0.33 5.99 6.64
C LYS A 13 -0.29 4.53 7.10
N GLU A 14 -1.42 4.05 7.59
CA GLU A 14 -1.53 2.67 8.04
C GLU A 14 -1.16 1.71 6.92
N ILE A 15 -1.68 1.98 5.72
CA ILE A 15 -1.40 1.15 4.56
C ILE A 15 0.04 1.34 4.09
N GLU A 16 0.52 2.58 4.16
CA GLU A 16 1.87 2.91 3.76
C GLU A 16 2.89 2.23 4.68
N ASP A 17 2.53 2.15 5.96
CA ASP A 17 3.41 1.53 6.95
C ASP A 17 3.47 0.02 6.73
N LEU A 18 2.33 -0.59 6.45
CA LEU A 18 2.25 -2.02 6.21
C LEU A 18 2.91 -2.39 4.88
N GLN A 19 2.67 -1.57 3.86
CA GLN A 19 3.24 -1.80 2.53
C GLN A 19 4.75 -1.62 2.55
N ARG A 20 5.22 -0.68 3.36
CA ARG A 20 6.64 -0.39 3.47
C ARG A 20 7.38 -1.56 4.13
N MET A 21 6.82 -2.05 5.23
CA MET A 21 7.42 -3.17 5.96
C MET A 21 7.46 -4.42 5.09
N LYS A 22 6.41 -4.62 4.30
CA LYS A 22 6.34 -5.79 3.43
C LYS A 22 7.45 -5.76 2.37
N GLU A 23 7.62 -4.60 1.75
CA GLU A 23 8.66 -4.43 0.73
C GLU A 23 10.05 -4.50 1.34
N GLN A 24 10.20 -3.90 2.52
CA GLN A 24 11.48 -3.89 3.21
C GLN A 24 11.84 -5.29 3.72
N GLN A 25 10.83 -6.03 4.17
CA GLN A 25 11.03 -7.38 4.67
C GLN A 25 11.47 -8.32 3.55
N GLU A 26 10.84 -8.16 2.39
CA GLU A 26 11.17 -9.00 1.25
C GLU A 26 12.58 -8.70 0.74
N LEU A 27 12.90 -7.42 0.63
CA LEU A 27 14.22 -7.01 0.16
C LEU A 27 15.32 -7.52 1.10
N SER A 28 15.03 -7.50 2.39
CA SER A 28 15.99 -7.96 3.40
C SER A 28 16.38 -9.41 3.13
N LEU A 29 15.44 -10.18 2.60
CA LEU A 29 15.68 -11.58 2.29
C LEU A 29 16.56 -11.71 1.05
N THR A 30 16.09 -11.11 -0.05
CA THR A 30 16.83 -11.15 -1.32
C THR A 30 16.03 -10.44 -2.40
N GLU A 31 16.63 -9.42 -3.00
CA GLU A 31 15.96 -8.66 -4.06
C GLU A 31 15.51 -9.61 -5.16
N ALA A 32 16.24 -10.70 -5.32
CA ALA A 32 15.90 -11.70 -6.34
C ALA A 32 14.60 -12.41 -5.99
N SER A 33 14.31 -12.50 -4.69
CA SER A 33 13.10 -13.15 -4.23
C SER A 33 11.88 -12.60 -4.95
N LEU A 34 12.01 -11.37 -5.45
CA LEU A 34 10.92 -10.73 -6.18
C LEU A 34 10.53 -11.57 -7.40
N GLN A 35 11.50 -12.31 -7.93
CA GLN A 35 11.26 -13.15 -9.08
C GLN A 35 10.32 -14.30 -8.73
N LYS A 36 10.60 -14.96 -7.61
CA LYS A 36 9.77 -16.07 -7.15
C LYS A 36 8.40 -15.57 -6.68
N LEU A 37 8.40 -14.40 -6.06
CA LEU A 37 7.16 -13.80 -5.56
C LEU A 37 6.25 -13.42 -6.73
N GLN A 38 6.84 -12.93 -7.80
CA GLN A 38 6.08 -12.52 -8.98
C GLN A 38 5.53 -13.73 -9.72
N GLU A 39 6.34 -14.77 -9.82
CA GLU A 39 5.94 -15.99 -10.50
C GLU A 39 4.81 -16.69 -9.74
N ARG A 40 4.86 -16.63 -8.41
CA ARG A 40 3.85 -17.25 -7.58
C ARG A 40 2.59 -16.39 -7.51
N ARG A 41 2.77 -15.08 -7.60
CA ARG A 41 1.66 -14.14 -7.54
C ARG A 41 0.94 -14.06 -8.90
N ASP A 42 1.73 -14.11 -9.98
CA ASP A 42 1.17 -14.04 -11.32
C ASP A 42 0.35 -15.28 -11.64
N GLN A 43 0.83 -16.44 -11.19
CA GLN A 43 0.14 -17.70 -11.42
C GLN A 43 -1.25 -17.68 -10.80
N GLU A 44 -1.40 -16.96 -9.71
CA GLU A 44 -2.69 -16.85 -9.01
C GLU A 44 -3.62 -15.89 -9.74
N LEU A 45 -3.05 -14.97 -10.51
CA LEU A 45 -3.83 -13.99 -11.25
C LEU A 45 -4.21 -14.53 -12.63
N ARG A 46 -3.35 -15.36 -13.18
CA ARG A 46 -3.59 -15.94 -14.50
C ARG A 46 -4.46 -17.19 -14.39
N ARG A 47 -4.89 -17.71 -15.55
CA ARG A 47 -5.71 -18.90 -15.58
C ARG A 47 -5.68 -19.56 -16.96
N LEU A 48 -4.70 -20.43 -17.16
CA LEU A 48 -4.54 -21.13 -18.44
C LEU A 48 -5.54 -22.27 -18.56
N GLU A 49 -5.47 -23.00 -19.67
CA GLU A 49 -6.37 -24.12 -19.91
C GLU A 49 -5.65 -25.44 -19.67
N GLU A 50 -6.42 -26.47 -19.31
CA GLU A 50 -5.86 -27.79 -19.05
C GLU A 50 -6.91 -28.87 -19.25
N GLU A 51 -6.48 -30.03 -19.76
CA GLU A 51 -7.39 -31.15 -20.00
C GLU A 51 -6.59 -32.42 -20.31
N GLU B 1 14.96 -19.04 0.65
CA GLU B 1 14.48 -17.76 0.13
C GLU B 1 13.09 -17.91 -0.48
N ASN B 2 12.31 -18.84 0.06
CA ASN B 2 10.95 -19.07 -0.43
C ASN B 2 9.95 -19.11 0.72
N LYS B 3 10.30 -19.82 1.78
CA LYS B 3 9.43 -19.93 2.95
C LYS B 3 9.20 -18.56 3.59
N GLN B 4 10.23 -17.73 3.57
CA GLN B 4 10.12 -16.39 4.14
C GLN B 4 9.45 -15.44 3.16
N VAL B 5 9.68 -15.68 1.87
CA VAL B 5 9.09 -14.85 0.83
C VAL B 5 7.61 -15.16 0.68
N GLU B 6 7.24 -16.40 0.91
CA GLU B 6 5.84 -16.83 0.80
C GLU B 6 4.98 -16.09 1.82
N GLU B 7 5.54 -15.86 3.00
CA GLU B 7 4.82 -15.17 4.06
C GLU B 7 4.51 -13.73 3.66
N ILE B 8 5.40 -13.14 2.86
CA ILE B 8 5.22 -11.77 2.39
C ILE B 8 3.93 -11.64 1.58
N LEU B 9 3.58 -12.70 0.86
CA LEU B 9 2.37 -12.70 0.04
C LEU B 9 1.14 -12.52 0.91
N ARG B 10 1.09 -13.25 2.03
CA ARG B 10 -0.04 -13.15 2.95
C ARG B 10 -0.17 -11.73 3.51
N LEU B 11 0.97 -11.13 3.84
CA LEU B 11 0.99 -9.77 4.38
C LEU B 11 0.44 -8.78 3.37
N GLU B 12 0.69 -9.05 2.09
CA GLU B 12 0.22 -8.19 1.01
C GLU B 12 -1.30 -8.07 1.04
N LYS B 13 -1.96 -9.17 1.39
CA LYS B 13 -3.42 -9.19 1.47
C LYS B 13 -3.93 -8.20 2.50
N GLU B 14 -3.34 -8.24 3.69
CA GLU B 14 -3.75 -7.34 4.77
C GLU B 14 -3.57 -5.88 4.35
N ILE B 15 -2.40 -5.55 3.81
CA ILE B 15 -2.11 -4.19 3.37
C ILE B 15 -2.97 -3.83 2.16
N GLU B 16 -3.23 -4.81 1.30
CA GLU B 16 -4.04 -4.58 0.12
C GLU B 16 -5.50 -4.29 0.50
N ASP B 17 -5.96 -4.92 1.57
CA ASP B 17 -7.33 -4.73 2.04
C ASP B 17 -7.55 -3.28 2.46
N LEU B 18 -6.65 -2.76 3.28
CA LEU B 18 -6.75 -1.38 3.75
C LEU B 18 -6.62 -0.41 2.59
N GLN B 19 -5.71 -0.72 1.66
CA GLN B 19 -5.48 0.13 0.49
C GLN B 19 -6.72 0.20 -0.38
N ARG B 20 -7.40 -0.93 -0.55
CA ARG B 20 -8.60 -0.99 -1.36
C ARG B 20 -9.69 -0.11 -0.80
N MET B 21 -9.94 -0.21 0.50
CA MET B 21 -10.97 0.59 1.16
C MET B 21 -10.57 2.06 1.16
N LYS B 22 -9.26 2.31 1.22
CA LYS B 22 -8.76 3.67 1.22
C LYS B 22 -9.04 4.34 -0.12
N GLU B 23 -8.68 3.66 -1.21
CA GLU B 23 -8.90 4.19 -2.55
C GLU B 23 -10.37 4.51 -2.78
N GLN B 24 -11.24 3.56 -2.44
CA GLN B 24 -12.67 3.76 -2.61
C GLN B 24 -13.16 4.88 -1.70
N GLN B 25 -12.52 5.03 -0.55
CA GLN B 25 -12.88 6.07 0.40
C GLN B 25 -12.67 7.47 -0.16
N GLU B 26 -11.51 7.70 -0.78
CA GLU B 26 -11.23 9.02 -1.35
C GLU B 26 -12.04 9.23 -2.63
N LEU B 27 -12.20 8.16 -3.40
CA LEU B 27 -12.95 8.24 -4.65
C LEU B 27 -14.45 8.33 -4.39
N SER B 28 -14.86 7.97 -3.17
CA SER B 28 -16.27 8.02 -2.78
C SER B 28 -16.69 9.44 -2.40
N LEU B 29 -15.88 10.09 -1.58
CA LEU B 29 -16.19 11.45 -1.14
C LEU B 29 -16.15 12.43 -2.32
N THR B 30 -15.01 12.50 -2.99
CA THR B 30 -14.84 13.39 -4.13
C THR B 30 -13.42 13.29 -4.70
N GLU B 31 -13.33 12.93 -5.97
CA GLU B 31 -12.04 12.81 -6.63
C GLU B 31 -11.23 14.09 -6.50
N ALA B 32 -11.93 15.21 -6.34
CA ALA B 32 -11.28 16.51 -6.20
C ALA B 32 -10.49 16.61 -4.91
N SER B 33 -10.94 15.90 -3.87
CA SER B 33 -10.26 15.92 -2.58
C SER B 33 -8.78 15.63 -2.77
N LEU B 34 -8.45 14.93 -3.85
CA LEU B 34 -7.06 14.59 -4.15
C LEU B 34 -6.22 15.85 -4.25
N GLN B 35 -6.85 16.94 -4.67
CA GLN B 35 -6.16 18.23 -4.80
C GLN B 35 -5.80 18.78 -3.43
N LYS B 36 -6.82 19.05 -2.63
CA LYS B 36 -6.61 19.58 -1.28
C LYS B 36 -5.83 18.58 -0.43
N LEU B 37 -6.01 17.30 -0.72
CA LEU B 37 -5.32 16.23 -0.01
C LEU B 37 -3.83 16.30 -0.24
N GLN B 38 -3.43 16.67 -1.45
CA GLN B 38 -2.01 16.77 -1.81
C GLN B 38 -1.35 17.93 -1.06
N GLU B 39 -2.13 18.97 -0.78
CA GLU B 39 -1.61 20.14 -0.08
C GLU B 39 -1.31 19.80 1.38
N ARG B 40 -2.11 18.91 1.95
CA ARG B 40 -1.91 18.50 3.35
C ARG B 40 -0.75 17.55 3.49
N ARG B 41 -0.52 16.75 2.46
CA ARG B 41 0.57 15.77 2.47
C ARG B 41 1.90 16.44 2.13
N ASP B 42 1.85 17.39 1.20
CA ASP B 42 3.06 18.11 0.78
C ASP B 42 3.60 18.97 1.92
N GLN B 43 2.70 19.42 2.80
CA GLN B 43 3.09 20.25 3.93
C GLN B 43 4.02 19.50 4.88
N GLU B 44 4.05 18.17 4.77
CA GLU B 44 4.90 17.36 5.62
C GLU B 44 6.36 17.78 5.53
N LEU B 45 6.71 18.44 4.43
CA LEU B 45 8.08 18.92 4.24
C LEU B 45 8.26 20.32 4.80
N ARG B 46 9.50 20.79 4.82
CA ARG B 46 9.80 22.12 5.33
C ARG B 46 11.15 22.62 4.80
N ARG B 47 11.42 22.34 3.53
CA ARG B 47 12.67 22.76 2.91
C ARG B 47 12.42 23.29 1.49
N LEU B 48 13.43 23.95 0.93
CA LEU B 48 13.32 24.50 -0.42
C LEU B 48 14.64 24.34 -1.17
N GLU B 49 15.74 24.71 -0.52
CA GLU B 49 17.06 24.62 -1.13
C GLU B 49 17.36 23.17 -1.55
N GLU B 50 17.07 22.86 -2.81
CA GLU B 50 17.31 21.52 -3.34
C GLU B 50 18.79 21.30 -3.62
N GLU B 51 19.51 20.80 -2.64
CA GLU B 51 20.94 20.54 -2.79
C GLU B 51 21.46 19.67 -1.66
N GLU A 1 -15.48 19.31 5.73
CA GLU A 1 -15.26 18.36 4.60
C GLU A 1 -13.82 17.91 4.53
N ASN A 2 -13.11 18.00 5.65
CA ASN A 2 -11.71 17.61 5.71
C ASN A 2 -11.49 16.43 6.66
N LYS A 3 -12.44 16.22 7.57
CA LYS A 3 -12.36 15.14 8.53
C LYS A 3 -12.36 13.78 7.84
N GLN A 4 -13.07 13.70 6.72
CA GLN A 4 -13.15 12.46 5.95
C GLN A 4 -11.90 12.28 5.12
N VAL A 5 -11.47 13.35 4.47
CA VAL A 5 -10.28 13.31 3.65
C VAL A 5 -9.05 13.07 4.52
N GLU A 6 -9.08 13.63 5.73
CA GLU A 6 -7.98 13.47 6.67
C GLU A 6 -7.95 12.04 7.19
N GLU A 7 -9.13 11.48 7.45
CA GLU A 7 -9.25 10.11 7.93
C GLU A 7 -8.56 9.16 6.97
N ILE A 8 -8.83 9.32 5.68
CA ILE A 8 -8.23 8.48 4.66
C ILE A 8 -6.72 8.69 4.63
N LEU A 9 -6.30 9.94 4.76
CA LEU A 9 -4.88 10.27 4.75
C LEU A 9 -4.16 9.49 5.84
N ARG A 10 -4.75 9.44 7.03
CA ARG A 10 -4.19 8.68 8.14
C ARG A 10 -4.09 7.22 7.75
N LEU A 11 -5.13 6.73 7.08
CA LEU A 11 -5.16 5.35 6.63
C LEU A 11 -4.04 5.13 5.62
N GLU A 12 -3.78 6.14 4.80
CA GLU A 12 -2.72 6.07 3.81
C GLU A 12 -1.39 5.79 4.48
N LYS A 13 -1.16 6.47 5.61
CA LYS A 13 0.06 6.28 6.37
C LYS A 13 0.09 4.87 6.94
N GLU A 14 -1.09 4.35 7.25
CA GLU A 14 -1.21 3.00 7.80
C GLU A 14 -0.90 1.95 6.74
N ILE A 15 -1.48 2.13 5.54
CA ILE A 15 -1.25 1.20 4.45
C ILE A 15 0.19 1.29 3.96
N GLU A 16 0.74 2.51 3.98
CA GLU A 16 2.11 2.73 3.56
C GLU A 16 3.08 2.10 4.53
N ASP A 17 2.85 2.31 5.82
CA ASP A 17 3.70 1.75 6.86
C ASP A 17 3.70 0.22 6.78
N LEU A 18 2.51 -0.34 6.54
CA LEU A 18 2.37 -1.78 6.43
C LEU A 18 3.04 -2.29 5.16
N GLN A 19 2.95 -1.50 4.10
CA GLN A 19 3.55 -1.86 2.82
C GLN A 19 5.07 -1.74 2.88
N ARG A 20 5.54 -0.73 3.61
CA ARG A 20 6.97 -0.50 3.76
C ARG A 20 7.62 -1.63 4.56
N MET A 21 6.91 -2.13 5.56
CA MET A 21 7.41 -3.22 6.38
C MET A 21 7.36 -4.53 5.61
N LYS A 22 6.35 -4.66 4.75
CA LYS A 22 6.19 -5.87 3.95
C LYS A 22 7.25 -5.93 2.85
N GLU A 23 7.44 -4.81 2.15
CA GLU A 23 8.42 -4.74 1.07
C GLU A 23 9.84 -4.86 1.63
N GLN A 24 10.06 -4.25 2.78
CA GLN A 24 11.38 -4.29 3.42
C GLN A 24 11.71 -5.71 3.88
N GLN A 25 10.71 -6.42 4.37
CA GLN A 25 10.88 -7.79 4.84
C GLN A 25 11.25 -8.72 3.68
N GLU A 26 10.52 -8.58 2.57
CA GLU A 26 10.77 -9.40 1.40
C GLU A 26 12.11 -9.04 0.76
N LEU A 27 12.36 -7.74 0.61
CA LEU A 27 13.62 -7.27 0.03
C LEU A 27 14.80 -7.63 0.92
N SER A 28 14.55 -7.63 2.24
CA SER A 28 15.59 -7.96 3.21
C SER A 28 16.13 -9.36 2.96
N LEU A 29 15.23 -10.28 2.62
CA LEU A 29 15.60 -11.66 2.34
C LEU A 29 16.45 -11.73 1.08
N THR A 30 15.98 -11.08 0.02
CA THR A 30 16.68 -11.07 -1.26
C THR A 30 15.83 -10.39 -2.32
N GLU A 31 16.36 -9.33 -2.92
CA GLU A 31 15.65 -8.60 -3.96
C GLU A 31 15.20 -9.56 -5.06
N ALA A 32 15.98 -10.63 -5.24
CA ALA A 32 15.68 -11.63 -6.25
C ALA A 32 14.41 -12.39 -5.89
N SER A 33 14.15 -12.50 -4.58
CA SER A 33 12.97 -13.21 -4.09
C SER A 33 11.71 -12.72 -4.80
N LEU A 34 11.77 -11.49 -5.31
CA LEU A 34 10.64 -10.91 -6.04
C LEU A 34 10.30 -11.76 -7.26
N GLN A 35 11.31 -12.42 -7.80
CA GLN A 35 11.11 -13.28 -8.97
C GLN A 35 10.36 -14.56 -8.58
N LYS A 36 10.87 -15.24 -7.56
CA LYS A 36 10.25 -16.47 -7.09
C LYS A 36 8.87 -16.18 -6.51
N LEU A 37 8.74 -15.03 -5.84
CA LEU A 37 7.48 -14.62 -5.25
C LEU A 37 6.43 -14.35 -6.32
N GLN A 38 6.86 -13.72 -7.41
CA GLN A 38 5.95 -13.41 -8.51
C GLN A 38 5.38 -14.69 -9.11
N GLU A 39 6.25 -15.63 -9.44
CA GLU A 39 5.83 -16.90 -10.03
C GLU A 39 4.95 -17.68 -9.05
N ARG A 40 5.27 -17.59 -7.77
CA ARG A 40 4.51 -18.27 -6.75
C ARG A 40 3.09 -17.73 -6.66
N ARG A 41 2.94 -16.44 -6.95
CA ARG A 41 1.64 -15.78 -6.90
C ARG A 41 0.66 -16.46 -7.87
N ASP A 42 1.13 -16.73 -9.08
CA ASP A 42 0.30 -17.37 -10.09
C ASP A 42 0.15 -18.87 -9.82
N GLN A 43 1.13 -19.44 -9.12
CA GLN A 43 1.11 -20.86 -8.78
C GLN A 43 -0.16 -21.24 -8.03
N GLU A 44 -0.73 -20.26 -7.34
CA GLU A 44 -1.95 -20.48 -6.57
C GLU A 44 -3.07 -21.03 -7.46
N LEU A 45 -2.97 -20.77 -8.76
CA LEU A 45 -3.97 -21.24 -9.70
C LEU A 45 -3.77 -22.73 -10.01
N ARG A 46 -4.87 -23.42 -10.30
CA ARG A 46 -4.83 -24.84 -10.61
C ARG A 46 -5.18 -25.08 -12.08
N ARG A 47 -4.87 -26.28 -12.56
CA ARG A 47 -5.15 -26.64 -13.94
C ARG A 47 -4.37 -25.75 -14.91
N LEU A 48 -3.55 -26.36 -15.75
CA LEU A 48 -2.76 -25.63 -16.72
C LEU A 48 -3.36 -25.75 -18.13
N GLU A 49 -3.76 -26.96 -18.48
CA GLU A 49 -4.36 -27.21 -19.79
C GLU A 49 -5.88 -27.14 -19.71
N GLU A 50 -6.51 -26.85 -20.85
CA GLU A 50 -7.96 -26.74 -20.91
C GLU A 50 -8.48 -25.65 -19.98
N GLU A 51 -9.66 -25.13 -20.29
CA GLU A 51 -10.26 -24.07 -19.48
C GLU A 51 -11.64 -23.71 -20.00
N GLU B 1 14.50 -20.02 1.78
CA GLU B 1 14.46 -18.64 1.30
C GLU B 1 13.05 -18.25 0.86
N ASN B 2 12.36 -19.19 0.22
CA ASN B 2 11.00 -18.94 -0.25
C ASN B 2 10.00 -19.01 0.90
N LYS B 3 10.33 -19.81 1.91
CA LYS B 3 9.45 -19.95 3.07
C LYS B 3 9.22 -18.62 3.76
N GLN B 4 10.28 -17.81 3.83
CA GLN B 4 10.18 -16.49 4.46
C GLN B 4 9.56 -15.49 3.50
N VAL B 5 9.75 -15.71 2.20
CA VAL B 5 9.19 -14.83 1.19
C VAL B 5 7.69 -15.05 1.05
N GLU B 6 7.25 -16.28 1.26
CA GLU B 6 5.83 -16.62 1.15
C GLU B 6 5.03 -15.85 2.18
N GLU B 7 5.63 -15.59 3.34
CA GLU B 7 4.95 -14.86 4.41
C GLU B 7 4.62 -13.44 3.98
N ILE B 8 5.45 -12.88 3.11
CA ILE B 8 5.25 -11.52 2.61
C ILE B 8 3.98 -11.44 1.77
N LEU B 9 3.74 -12.45 0.96
CA LEU B 9 2.56 -12.48 0.10
C LEU B 9 1.29 -12.41 0.94
N ARG B 10 1.25 -13.19 2.02
CA ARG B 10 0.09 -13.20 2.91
C ARG B 10 -0.13 -11.82 3.52
N LEU B 11 0.98 -11.13 3.78
CA LEU B 11 0.92 -9.79 4.35
C LEU B 11 0.39 -8.80 3.32
N GLU B 12 0.73 -9.03 2.05
CA GLU B 12 0.29 -8.17 0.97
C GLU B 12 -1.24 -8.09 0.93
N LYS B 13 -1.89 -9.20 1.25
CA LYS B 13 -3.34 -9.26 1.26
C LYS B 13 -3.91 -8.19 2.17
N GLU B 14 -3.21 -7.91 3.26
CA GLU B 14 -3.65 -6.88 4.21
C GLU B 14 -3.43 -5.49 3.65
N ILE B 15 -2.34 -5.31 2.91
CA ILE B 15 -2.03 -4.02 2.30
C ILE B 15 -2.90 -3.79 1.08
N GLU B 16 -3.22 -4.87 0.38
CA GLU B 16 -4.05 -4.80 -0.82
C GLU B 16 -5.49 -4.45 -0.44
N ASP B 17 -5.98 -5.08 0.61
CA ASP B 17 -7.34 -4.83 1.08
C ASP B 17 -7.44 -3.44 1.68
N LEU B 18 -6.36 -2.98 2.31
CA LEU B 18 -6.32 -1.66 2.92
C LEU B 18 -6.28 -0.58 1.85
N GLN B 19 -5.47 -0.81 0.81
CA GLN B 19 -5.35 0.15 -0.28
C GLN B 19 -6.67 0.31 -1.01
N ARG B 20 -7.35 -0.80 -1.27
CA ARG B 20 -8.64 -0.77 -1.95
C ARG B 20 -9.66 0.03 -1.15
N MET B 21 -9.74 -0.26 0.14
CA MET B 21 -10.67 0.44 1.02
C MET B 21 -10.30 1.91 1.12
N LYS B 22 -9.00 2.18 1.03
CA LYS B 22 -8.50 3.56 1.12
C LYS B 22 -8.92 4.36 -0.11
N GLU B 23 -8.64 3.82 -1.28
CA GLU B 23 -9.00 4.49 -2.53
C GLU B 23 -10.50 4.60 -2.68
N GLN B 24 -11.21 3.54 -2.31
CA GLN B 24 -12.66 3.50 -2.39
C GLN B 24 -13.29 4.56 -1.50
N GLN B 25 -12.64 4.84 -0.37
CA GLN B 25 -13.15 5.82 0.58
C GLN B 25 -13.00 7.24 0.05
N GLU B 26 -11.82 7.55 -0.48
CA GLU B 26 -11.55 8.88 -1.02
C GLU B 26 -12.34 9.12 -2.30
N LEU B 27 -12.61 8.04 -3.04
CA LEU B 27 -13.36 8.13 -4.28
C LEU B 27 -14.83 8.43 -4.00
N SER B 28 -15.39 7.74 -3.01
CA SER B 28 -16.79 7.94 -2.63
C SER B 28 -16.99 9.33 -2.03
N LEU B 29 -15.94 9.86 -1.43
CA LEU B 29 -15.99 11.19 -0.82
C LEU B 29 -16.13 12.27 -1.89
N THR B 30 -15.06 12.47 -2.66
CA THR B 30 -15.04 13.47 -3.72
C THR B 30 -13.67 13.52 -4.39
N GLU B 31 -13.65 13.28 -5.69
CA GLU B 31 -12.40 13.31 -6.45
C GLU B 31 -11.69 14.64 -6.25
N ALA B 32 -12.47 15.68 -6.00
CA ALA B 32 -11.92 17.01 -5.78
C ALA B 32 -11.13 17.07 -4.48
N SER B 33 -11.59 16.29 -3.49
CA SER B 33 -10.93 16.25 -2.19
C SER B 33 -9.43 15.99 -2.36
N LEU B 34 -9.06 15.37 -3.47
CA LEU B 34 -7.66 15.08 -3.75
C LEU B 34 -6.87 16.37 -3.93
N GLN B 35 -7.54 17.41 -4.42
CA GLN B 35 -6.90 18.70 -4.62
C GLN B 35 -6.45 19.29 -3.28
N LYS B 36 -7.42 19.45 -2.37
CA LYS B 36 -7.13 19.98 -1.05
C LYS B 36 -6.28 19.01 -0.25
N LEU B 37 -6.43 17.73 -0.55
CA LEU B 37 -5.68 16.68 0.13
C LEU B 37 -4.21 16.72 -0.27
N GLN B 38 -3.94 17.08 -1.52
CA GLN B 38 -2.58 17.16 -2.02
C GLN B 38 -1.84 18.35 -1.43
N GLU B 39 -2.58 19.44 -1.19
CA GLU B 39 -1.99 20.64 -0.62
C GLU B 39 -1.37 20.36 0.74
N ARG B 40 -2.08 19.58 1.57
CA ARG B 40 -1.61 19.24 2.90
C ARG B 40 -0.29 18.48 2.83
N ARG B 41 -0.20 17.55 1.87
CA ARG B 41 1.01 16.75 1.69
C ARG B 41 2.07 17.53 0.92
N ASP B 42 1.65 18.53 0.17
CA ASP B 42 2.57 19.34 -0.62
C ASP B 42 3.37 20.28 0.27
N GLN B 43 2.76 20.71 1.37
CA GLN B 43 3.42 21.63 2.31
C GLN B 43 4.56 20.94 3.05
N GLU B 44 4.62 19.61 2.97
CA GLU B 44 5.66 18.85 3.65
C GLU B 44 7.04 19.17 3.07
N LEU B 45 7.07 19.66 1.83
CA LEU B 45 8.32 20.00 1.17
C LEU B 45 9.04 21.13 1.92
N ARG B 46 8.26 22.06 2.45
CA ARG B 46 8.82 23.19 3.18
C ARG B 46 9.44 22.74 4.49
N ARG B 47 9.95 23.69 5.26
CA ARG B 47 10.58 23.38 6.55
C ARG B 47 9.55 22.90 7.56
N LEU B 48 10.02 22.27 8.63
CA LEU B 48 9.14 21.76 9.67
C LEU B 48 8.38 22.90 10.35
N GLU B 49 7.10 23.03 10.01
CA GLU B 49 6.26 24.08 10.58
C GLU B 49 5.34 23.50 11.66
N GLU B 50 4.61 24.39 12.34
CA GLU B 50 3.69 23.98 13.39
C GLU B 50 2.82 25.14 13.84
N GLU B 51 1.76 24.82 14.58
CA GLU B 51 0.85 25.85 15.07
C GLU B 51 0.50 25.61 16.54
N GLU A 1 -14.20 20.70 2.48
CA GLU A 1 -13.66 19.32 2.52
C GLU A 1 -12.22 19.30 3.05
N ASN A 2 -12.01 18.55 4.12
CA ASN A 2 -10.69 18.44 4.73
C ASN A 2 -10.69 17.39 5.84
N LYS A 3 -11.72 17.42 6.67
CA LYS A 3 -11.84 16.47 7.78
C LYS A 3 -11.94 15.04 7.26
N GLN A 4 -12.68 14.87 6.16
CA GLN A 4 -12.85 13.56 5.56
C GLN A 4 -11.57 13.15 4.84
N VAL A 5 -10.95 14.12 4.19
CA VAL A 5 -9.71 13.87 3.48
C VAL A 5 -8.61 13.52 4.46
N GLU A 6 -8.62 14.18 5.62
CA GLU A 6 -7.63 13.93 6.65
C GLU A 6 -7.78 12.51 7.18
N GLU A 7 -9.03 12.09 7.39
CA GLU A 7 -9.31 10.74 7.88
C GLU A 7 -8.70 9.70 6.95
N ILE A 8 -8.93 9.86 5.65
CA ILE A 8 -8.40 8.95 4.66
C ILE A 8 -6.88 8.94 4.71
N LEU A 9 -6.29 10.11 4.99
CA LEU A 9 -4.85 10.23 5.07
C LEU A 9 -4.30 9.32 6.17
N ARG A 10 -4.99 9.30 7.31
CA ARG A 10 -4.57 8.46 8.41
C ARG A 10 -4.59 6.99 7.98
N LEU A 11 -5.71 6.59 7.36
CA LEU A 11 -5.86 5.24 6.87
C LEU A 11 -4.82 4.97 5.79
N GLU A 12 -4.49 6.01 5.03
CA GLU A 12 -3.50 5.91 3.97
C GLU A 12 -2.15 5.56 4.57
N LYS A 13 -1.80 6.24 5.66
CA LYS A 13 -0.53 6.00 6.35
C LYS A 13 -0.43 4.54 6.79
N GLU A 14 -1.53 4.02 7.35
CA GLU A 14 -1.57 2.64 7.80
C GLU A 14 -1.23 1.68 6.66
N ILE A 15 -1.87 1.89 5.52
CA ILE A 15 -1.63 1.06 4.35
C ILE A 15 -0.23 1.32 3.79
N GLU A 16 0.19 2.58 3.85
CA GLU A 16 1.51 2.96 3.37
C GLU A 16 2.59 2.27 4.17
N ASP A 17 2.40 2.20 5.49
CA ASP A 17 3.36 1.54 6.36
C ASP A 17 3.34 0.04 6.13
N LEU A 18 2.15 -0.48 5.78
CA LEU A 18 1.98 -1.90 5.51
C LEU A 18 2.83 -2.32 4.32
N GLN A 19 2.71 -1.57 3.22
CA GLN A 19 3.47 -1.87 2.00
C GLN A 19 4.96 -1.72 2.26
N ARG A 20 5.33 -0.63 2.94
CA ARG A 20 6.73 -0.36 3.25
C ARG A 20 7.31 -1.49 4.11
N MET A 21 6.48 -2.02 5.00
CA MET A 21 6.92 -3.11 5.88
C MET A 21 7.03 -4.41 5.09
N LYS A 22 6.14 -4.58 4.11
CA LYS A 22 6.14 -5.78 3.29
C LYS A 22 7.39 -5.83 2.41
N GLU A 23 7.72 -4.70 1.79
CA GLU A 23 8.88 -4.63 0.92
C GLU A 23 10.17 -4.77 1.71
N GLN A 24 10.20 -4.15 2.89
CA GLN A 24 11.37 -4.22 3.75
C GLN A 24 11.64 -5.64 4.21
N GLN A 25 10.57 -6.40 4.44
CA GLN A 25 10.70 -7.77 4.89
C GLN A 25 11.18 -8.67 3.76
N GLU A 26 10.60 -8.49 2.57
CA GLU A 26 10.98 -9.29 1.41
C GLU A 26 12.43 -9.01 1.01
N LEU A 27 12.84 -7.76 1.16
CA LEU A 27 14.21 -7.37 0.83
C LEU A 27 15.17 -7.80 1.94
N SER A 28 14.63 -8.07 3.12
CA SER A 28 15.44 -8.50 4.26
C SER A 28 15.80 -9.97 4.14
N LEU A 29 14.81 -10.81 3.82
CA LEU A 29 15.04 -12.24 3.68
C LEU A 29 16.00 -12.51 2.53
N THR A 30 15.78 -11.84 1.40
CA THR A 30 16.62 -12.00 0.23
C THR A 30 16.09 -11.19 -0.94
N GLU A 31 16.90 -10.25 -1.43
CA GLU A 31 16.49 -9.43 -2.55
C GLU A 31 16.13 -10.30 -3.75
N ALA A 32 16.77 -11.46 -3.84
CA ALA A 32 16.51 -12.39 -4.93
C ALA A 32 15.11 -12.98 -4.84
N SER A 33 14.60 -13.10 -3.62
CA SER A 33 13.26 -13.65 -3.40
C SER A 33 12.25 -12.97 -4.32
N LEU A 34 12.56 -11.73 -4.71
CA LEU A 34 11.68 -10.97 -5.59
C LEU A 34 11.48 -11.70 -6.91
N GLN A 35 12.50 -12.44 -7.33
CA GLN A 35 12.43 -13.20 -8.58
C GLN A 35 11.43 -14.34 -8.46
N LYS A 36 11.63 -15.20 -7.47
CA LYS A 36 10.73 -16.32 -7.26
C LYS A 36 9.33 -15.83 -6.90
N LEU A 37 9.27 -14.69 -6.21
CA LEU A 37 8.00 -14.10 -5.81
C LEU A 37 7.22 -13.62 -7.02
N GLN A 38 7.91 -12.95 -7.94
CA GLN A 38 7.28 -12.44 -9.15
C GLN A 38 6.88 -13.58 -10.08
N GLU A 39 7.68 -14.65 -10.07
CA GLU A 39 7.41 -15.80 -10.92
C GLU A 39 6.26 -16.63 -10.34
N ARG A 40 6.13 -16.63 -9.01
CA ARG A 40 5.08 -17.37 -8.34
C ARG A 40 3.72 -16.74 -8.57
N ARG A 41 3.67 -15.41 -8.51
CA ARG A 41 2.43 -14.67 -8.72
C ARG A 41 2.12 -14.56 -10.21
N ASP A 42 3.16 -14.49 -11.03
CA ASP A 42 2.99 -14.38 -12.47
C ASP A 42 2.61 -15.71 -13.10
N GLN A 43 2.95 -16.80 -12.41
CA GLN A 43 2.65 -18.15 -12.89
C GLN A 43 1.15 -18.31 -13.14
N GLU A 44 0.35 -17.90 -12.16
CA GLU A 44 -1.11 -18.00 -12.27
C GLU A 44 -1.65 -16.98 -13.26
N LEU A 45 -0.89 -15.90 -13.48
CA LEU A 45 -1.31 -14.86 -14.40
C LEU A 45 -0.69 -15.07 -15.78
N ARG A 46 -0.70 -16.31 -16.24
CA ARG A 46 -0.14 -16.65 -17.55
C ARG A 46 -0.82 -17.88 -18.13
N ARG A 47 -1.07 -17.85 -19.44
CA ARG A 47 -1.71 -18.97 -20.12
C ARG A 47 -0.94 -19.36 -21.37
N LEU A 48 -1.27 -20.52 -21.93
CA LEU A 48 -0.61 -21.01 -23.14
C LEU A 48 -1.60 -21.16 -24.28
N GLU A 49 -2.43 -22.20 -24.22
CA GLU A 49 -3.42 -22.45 -25.26
C GLU A 49 -4.81 -22.02 -24.80
N GLU A 50 -5.50 -21.27 -25.65
CA GLU A 50 -6.85 -20.79 -25.33
C GLU A 50 -7.90 -21.84 -25.72
N GLU A 51 -8.99 -21.87 -24.97
CA GLU A 51 -10.07 -22.82 -25.23
C GLU A 51 -11.26 -22.54 -24.33
N GLU B 1 14.31 -19.97 2.32
CA GLU B 1 14.17 -18.72 1.57
C GLU B 1 12.72 -18.55 1.08
N ASN B 2 12.25 -19.50 0.30
CA ASN B 2 10.89 -19.46 -0.23
C ASN B 2 9.87 -19.32 0.90
N LYS B 3 10.18 -19.92 2.05
CA LYS B 3 9.29 -19.86 3.19
C LYS B 3 9.15 -18.43 3.71
N GLN B 4 10.20 -17.63 3.51
CA GLN B 4 10.20 -16.25 3.96
C GLN B 4 9.47 -15.36 2.95
N VAL B 5 9.53 -15.74 1.69
CA VAL B 5 8.87 -14.99 0.62
C VAL B 5 7.36 -15.17 0.67
N GLU B 6 6.93 -16.37 1.04
CA GLU B 6 5.51 -16.68 1.12
C GLU B 6 4.82 -15.80 2.17
N GLU B 7 5.54 -15.48 3.24
CA GLU B 7 5.00 -14.65 4.30
C GLU B 7 4.78 -13.22 3.81
N ILE B 8 5.64 -12.77 2.90
CA ILE B 8 5.55 -11.42 2.35
C ILE B 8 4.34 -11.30 1.42
N LEU B 9 4.18 -12.28 0.54
CA LEU B 9 3.07 -12.28 -0.40
C LEU B 9 1.74 -12.24 0.34
N ARG B 10 1.70 -12.83 1.52
CA ARG B 10 0.49 -12.85 2.34
C ARG B 10 0.19 -11.45 2.87
N LEU B 11 1.25 -10.71 3.17
CA LEU B 11 1.10 -9.35 3.68
C LEU B 11 0.49 -8.44 2.61
N GLU B 12 0.83 -8.71 1.36
CA GLU B 12 0.32 -7.92 0.24
C GLU B 12 -1.20 -7.90 0.24
N LYS B 13 -1.80 -9.02 0.63
CA LYS B 13 -3.25 -9.13 0.69
C LYS B 13 -3.83 -8.20 1.75
N GLU B 14 -3.11 -8.07 2.86
CA GLU B 14 -3.56 -7.21 3.96
C GLU B 14 -3.47 -5.74 3.56
N ILE B 15 -2.31 -5.36 3.02
CA ILE B 15 -2.10 -3.97 2.60
C ILE B 15 -2.97 -3.63 1.38
N GLU B 16 -3.18 -4.63 0.53
CA GLU B 16 -4.00 -4.44 -0.66
C GLU B 16 -5.48 -4.32 -0.30
N ASP B 17 -5.92 -5.17 0.63
CA ASP B 17 -7.31 -5.16 1.06
C ASP B 17 -7.62 -3.88 1.84
N LEU B 18 -6.65 -3.42 2.62
CA LEU B 18 -6.82 -2.20 3.41
C LEU B 18 -6.78 -0.97 2.52
N GLN B 19 -6.08 -1.07 1.39
CA GLN B 19 -5.98 0.04 0.45
C GLN B 19 -7.28 0.24 -0.31
N ARG B 20 -8.04 -0.85 -0.49
CA ARG B 20 -9.31 -0.79 -1.20
C ARG B 20 -10.32 0.06 -0.45
N MET B 21 -10.38 -0.13 0.87
CA MET B 21 -11.32 0.62 1.70
C MET B 21 -10.90 2.08 1.83
N LYS B 22 -9.58 2.31 1.80
CA LYS B 22 -9.04 3.66 1.91
C LYS B 22 -9.30 4.46 0.64
N GLU B 23 -9.17 3.79 -0.50
CA GLU B 23 -9.39 4.44 -1.79
C GLU B 23 -10.87 4.75 -2.00
N GLN B 24 -11.72 3.79 -1.68
CA GLN B 24 -13.16 3.95 -1.84
C GLN B 24 -13.69 5.02 -0.90
N GLN B 25 -13.07 5.15 0.26
CA GLN B 25 -13.48 6.14 1.25
C GLN B 25 -13.19 7.56 0.77
N GLU B 26 -11.97 7.76 0.25
CA GLU B 26 -11.58 9.08 -0.24
C GLU B 26 -12.34 9.44 -1.52
N LEU B 27 -12.71 8.41 -2.27
CA LEU B 27 -13.46 8.63 -3.51
C LEU B 27 -14.93 8.87 -3.23
N SER B 28 -15.39 8.44 -2.05
CA SER B 28 -16.79 8.61 -1.67
C SER B 28 -17.06 10.05 -1.22
N LEU B 29 -16.14 10.60 -0.43
CA LEU B 29 -16.30 11.97 0.05
C LEU B 29 -16.25 12.97 -1.10
N THR B 30 -15.27 12.80 -1.97
CA THR B 30 -15.11 13.67 -3.13
C THR B 30 -13.84 13.34 -3.91
N GLU B 31 -14.00 12.96 -5.17
CA GLU B 31 -12.86 12.62 -6.02
C GLU B 31 -11.90 13.80 -6.09
N ALA B 32 -12.44 15.01 -5.97
CA ALA B 32 -11.63 16.22 -6.02
C ALA B 32 -10.73 16.31 -4.80
N SER B 33 -11.19 15.74 -3.69
CA SER B 33 -10.41 15.76 -2.45
C SER B 33 -8.99 15.28 -2.69
N LEU B 34 -8.81 14.48 -3.73
CA LEU B 34 -7.50 13.95 -4.08
C LEU B 34 -6.54 15.08 -4.42
N GLN B 35 -7.09 16.18 -4.94
CA GLN B 35 -6.27 17.33 -5.31
C GLN B 35 -5.70 18.00 -4.06
N LYS B 36 -6.57 18.28 -3.09
CA LYS B 36 -6.16 18.90 -1.85
C LYS B 36 -5.31 17.94 -1.02
N LEU B 37 -5.58 16.65 -1.17
CA LEU B 37 -4.85 15.61 -0.45
C LEU B 37 -3.40 15.55 -0.92
N GLN B 38 -3.20 15.79 -2.22
CA GLN B 38 -1.86 15.74 -2.80
C GLN B 38 -1.03 16.95 -2.34
N GLU B 39 -1.71 18.06 -2.09
CA GLU B 39 -1.03 19.28 -1.65
C GLU B 39 -0.48 19.12 -0.24
N ARG B 40 -1.30 18.57 0.66
CA ARG B 40 -0.90 18.37 2.04
C ARG B 40 0.25 17.37 2.14
N ARG B 41 0.28 16.41 1.20
CA ARG B 41 1.32 15.39 1.18
C ARG B 41 2.65 15.99 0.72
N ASP B 42 2.57 16.99 -0.14
CA ASP B 42 3.77 17.64 -0.66
C ASP B 42 4.51 18.40 0.44
N GLN B 43 3.74 19.08 1.29
CA GLN B 43 4.32 19.85 2.38
C GLN B 43 4.74 18.95 3.55
N GLU B 44 4.40 17.67 3.46
CA GLU B 44 4.73 16.71 4.51
C GLU B 44 6.20 16.32 4.43
N LEU B 45 6.80 16.46 3.25
CA LEU B 45 8.20 16.11 3.05
C LEU B 45 9.11 17.27 3.46
N ARG B 46 8.87 18.44 2.86
CA ARG B 46 9.67 19.62 3.15
C ARG B 46 8.99 20.50 4.21
N ARG B 47 9.71 21.48 4.71
CA ARG B 47 9.17 22.38 5.73
C ARG B 47 8.78 21.62 6.99
N LEU B 48 9.56 21.79 8.05
CA LEU B 48 9.29 21.12 9.31
C LEU B 48 9.62 22.03 10.49
N GLU B 49 10.82 22.59 10.48
CA GLU B 49 11.26 23.48 11.55
C GLU B 49 12.44 24.33 11.11
N GLU B 50 13.01 25.09 12.04
CA GLU B 50 14.15 25.95 11.75
C GLU B 50 13.78 26.98 10.68
N GLU B 51 14.70 27.92 10.45
CA GLU B 51 14.47 28.96 9.45
C GLU B 51 15.60 28.98 8.41
N GLU A 1 -15.20 20.05 4.23
CA GLU A 1 -14.36 18.87 3.86
C GLU A 1 -12.94 19.00 4.41
N ASN A 2 -12.60 18.15 5.38
CA ASN A 2 -11.28 18.18 5.99
C ASN A 2 -11.11 17.01 6.95
N LYS A 3 -12.12 16.78 7.78
CA LYS A 3 -12.08 15.69 8.75
C LYS A 3 -12.17 14.33 8.05
N GLN A 4 -12.89 14.29 6.95
CA GLN A 4 -13.05 13.06 6.19
C GLN A 4 -11.79 12.79 5.38
N VAL A 5 -11.28 13.85 4.74
CA VAL A 5 -10.07 13.72 3.95
C VAL A 5 -8.88 13.41 4.85
N GLU A 6 -8.88 14.02 6.03
CA GLU A 6 -7.81 13.79 7.01
C GLU A 6 -7.81 12.34 7.45
N GLU A 7 -8.99 11.80 7.70
CA GLU A 7 -9.13 10.41 8.12
C GLU A 7 -8.52 9.48 7.07
N ILE A 8 -8.84 9.73 5.81
CA ILE A 8 -8.32 8.92 4.72
C ILE A 8 -6.80 9.00 4.67
N LEU A 9 -6.28 10.21 4.90
CA LEU A 9 -4.84 10.42 4.90
C LEU A 9 -4.16 9.51 5.92
N ARG A 10 -4.77 9.37 7.09
CA ARG A 10 -4.24 8.51 8.13
C ARG A 10 -4.21 7.06 7.63
N LEU A 11 -5.30 6.66 6.99
CA LEU A 11 -5.40 5.31 6.46
C LEU A 11 -4.34 5.10 5.39
N GLU A 12 -4.05 6.17 4.65
CA GLU A 12 -3.03 6.12 3.61
C GLU A 12 -1.67 5.81 4.23
N LYS A 13 -1.42 6.38 5.41
CA LYS A 13 -0.17 6.16 6.11
C LYS A 13 -0.09 4.71 6.59
N GLU A 14 -1.25 4.15 6.94
CA GLU A 14 -1.32 2.77 7.39
C GLU A 14 -1.06 1.81 6.24
N ILE A 15 -1.63 2.13 5.08
CA ILE A 15 -1.46 1.30 3.90
C ILE A 15 -0.04 1.42 3.36
N GLU A 16 0.43 2.66 3.23
CA GLU A 16 1.76 2.91 2.73
C GLU A 16 2.81 2.33 3.67
N ASP A 17 2.52 2.35 4.96
CA ASP A 17 3.43 1.81 5.97
C ASP A 17 3.55 0.29 5.82
N LEU A 18 2.40 -0.35 5.60
CA LEU A 18 2.37 -1.80 5.43
C LEU A 18 3.17 -2.22 4.20
N GLN A 19 3.03 -1.43 3.14
CA GLN A 19 3.74 -1.72 1.89
C GLN A 19 5.25 -1.69 2.10
N ARG A 20 5.72 -0.66 2.81
CA ARG A 20 7.14 -0.51 3.10
C ARG A 20 7.66 -1.73 3.87
N MET A 21 6.87 -2.18 4.84
CA MET A 21 7.25 -3.34 5.64
C MET A 21 7.32 -4.59 4.77
N LYS A 22 6.47 -4.65 3.75
CA LYS A 22 6.44 -5.78 2.84
C LYS A 22 7.76 -5.91 2.10
N GLU A 23 8.19 -4.82 1.47
CA GLU A 23 9.44 -4.80 0.72
C GLU A 23 10.64 -4.90 1.67
N GLN A 24 10.47 -4.36 2.87
CA GLN A 24 11.53 -4.38 3.88
C GLN A 24 11.71 -5.79 4.44
N GLN A 25 10.60 -6.51 4.58
CA GLN A 25 10.64 -7.87 5.12
C GLN A 25 11.21 -8.83 4.09
N GLU A 26 10.86 -8.63 2.82
CA GLU A 26 11.35 -9.47 1.75
C GLU A 26 12.82 -9.18 1.44
N LEU A 27 13.18 -7.91 1.50
CA LEU A 27 14.56 -7.49 1.24
C LEU A 27 15.50 -8.02 2.31
N SER A 28 14.99 -8.13 3.53
CA SER A 28 15.77 -8.63 4.65
C SER A 28 16.30 -10.04 4.36
N LEU A 29 15.45 -10.86 3.76
CA LEU A 29 15.83 -12.22 3.41
C LEU A 29 16.84 -12.23 2.28
N THR A 30 16.44 -11.68 1.13
CA THR A 30 17.29 -11.62 -0.05
C THR A 30 16.52 -11.09 -1.25
N GLU A 31 17.04 -10.05 -1.87
CA GLU A 31 16.39 -9.47 -3.05
C GLU A 31 16.13 -10.54 -4.10
N ALA A 32 16.94 -11.59 -4.08
CA ALA A 32 16.79 -12.69 -5.02
C ALA A 32 15.50 -13.46 -4.77
N SER A 33 15.10 -13.55 -3.50
CA SER A 33 13.88 -14.25 -3.14
C SER A 33 12.71 -13.79 -3.99
N LEU A 34 12.80 -12.57 -4.50
CA LEU A 34 11.76 -12.01 -5.34
C LEU A 34 11.58 -12.85 -6.60
N GLN A 35 12.65 -13.52 -7.01
CA GLN A 35 12.60 -14.37 -8.19
C GLN A 35 11.54 -15.44 -8.04
N LYS A 36 11.62 -16.20 -6.94
CA LYS A 36 10.66 -17.25 -6.66
C LYS A 36 9.30 -16.65 -6.34
N LEU A 37 9.31 -15.46 -5.74
CA LEU A 37 8.09 -14.77 -5.38
C LEU A 37 7.34 -14.32 -6.63
N GLN A 38 8.09 -13.92 -7.65
CA GLN A 38 7.50 -13.48 -8.91
C GLN A 38 6.87 -14.65 -9.67
N GLU A 39 7.62 -15.76 -9.73
CA GLU A 39 7.14 -16.95 -10.42
C GLU A 39 5.98 -17.59 -9.66
N ARG A 40 6.01 -17.46 -8.34
CA ARG A 40 4.97 -18.03 -7.49
C ARG A 40 3.68 -17.21 -7.60
N ARG A 41 3.82 -15.89 -7.57
CA ARG A 41 2.67 -15.00 -7.67
C ARG A 41 2.03 -15.08 -9.05
N ASP A 42 2.86 -15.10 -10.09
CA ASP A 42 2.40 -15.18 -11.46
C ASP A 42 1.67 -16.50 -11.70
N GLN A 43 2.17 -17.57 -11.09
CA GLN A 43 1.56 -18.88 -11.24
C GLN A 43 0.28 -19.00 -10.42
N GLU A 44 0.25 -18.30 -9.29
CA GLU A 44 -0.91 -18.32 -8.41
C GLU A 44 -2.00 -17.38 -8.92
N LEU A 45 -1.60 -16.39 -9.72
CA LEU A 45 -2.55 -15.43 -10.27
C LEU A 45 -2.71 -15.62 -11.77
N ARG A 46 -2.55 -16.86 -12.23
CA ARG A 46 -2.68 -17.19 -13.64
C ARG A 46 -4.10 -17.64 -13.97
N ARG A 47 -4.39 -17.77 -15.26
CA ARG A 47 -5.71 -18.20 -15.72
C ARG A 47 -5.60 -19.34 -16.71
N LEU A 48 -6.36 -20.39 -16.48
CA LEU A 48 -6.36 -21.56 -17.36
C LEU A 48 -7.46 -22.54 -16.97
N GLU A 49 -7.53 -23.66 -17.69
CA GLU A 49 -8.53 -24.68 -17.42
C GLU A 49 -7.95 -26.08 -17.61
N GLU A 50 -8.11 -26.93 -16.60
CA GLU A 50 -7.60 -28.30 -16.65
C GLU A 50 -6.08 -28.31 -16.71
N GLU A 51 -5.54 -27.98 -17.89
CA GLU A 51 -4.08 -27.96 -18.07
C GLU A 51 -3.50 -29.35 -17.90
N GLU B 1 14.10 -20.55 2.25
CA GLU B 1 14.35 -19.46 1.31
C GLU B 1 13.05 -18.87 0.78
N ASN B 2 12.02 -19.71 0.69
CA ASN B 2 10.72 -19.27 0.19
C ASN B 2 9.68 -19.28 1.31
N LYS B 3 9.96 -20.02 2.38
CA LYS B 3 9.03 -20.11 3.51
C LYS B 3 8.78 -18.73 4.11
N GLN B 4 9.85 -17.95 4.26
CA GLN B 4 9.74 -16.61 4.82
C GLN B 4 9.22 -15.64 3.77
N VAL B 5 9.55 -15.92 2.51
CA VAL B 5 9.10 -15.08 1.40
C VAL B 5 7.62 -15.29 1.13
N GLU B 6 7.15 -16.52 1.34
CA GLU B 6 5.75 -16.84 1.11
C GLU B 6 4.84 -16.00 2.00
N GLU B 7 5.29 -15.76 3.23
CA GLU B 7 4.52 -14.97 4.18
C GLU B 7 4.41 -13.53 3.71
N ILE B 8 5.40 -13.07 2.96
CA ILE B 8 5.41 -11.70 2.44
C ILE B 8 4.26 -11.49 1.47
N LEU B 9 3.94 -12.52 0.70
CA LEU B 9 2.86 -12.43 -0.28
C LEU B 9 1.52 -12.21 0.43
N ARG B 10 1.38 -12.80 1.61
CA ARG B 10 0.16 -12.67 2.39
C ARG B 10 -0.06 -11.21 2.80
N LEU B 11 1.02 -10.53 3.18
CA LEU B 11 0.94 -9.14 3.58
C LEU B 11 0.45 -8.27 2.43
N GLU B 12 0.83 -8.63 1.20
CA GLU B 12 0.43 -7.90 0.02
C GLU B 12 -1.09 -7.79 -0.07
N LYS B 13 -1.76 -8.93 0.12
CA LYS B 13 -3.22 -8.98 0.07
C LYS B 13 -3.83 -8.07 1.13
N GLU B 14 -3.18 -7.99 2.29
CA GLU B 14 -3.66 -7.17 3.39
C GLU B 14 -3.49 -5.69 3.06
N ILE B 15 -2.29 -5.31 2.62
CA ILE B 15 -2.01 -3.92 2.27
C ILE B 15 -2.79 -3.52 1.02
N GLU B 16 -2.96 -4.47 0.11
CA GLU B 16 -3.69 -4.21 -1.13
C GLU B 16 -5.18 -4.01 -0.84
N ASP B 17 -5.72 -4.84 0.04
CA ASP B 17 -7.13 -4.74 0.40
C ASP B 17 -7.39 -3.48 1.21
N LEU B 18 -6.45 -3.14 2.10
CA LEU B 18 -6.58 -1.96 2.93
C LEU B 18 -6.56 -0.69 2.07
N GLN B 19 -5.86 -0.75 0.94
CA GLN B 19 -5.77 0.38 0.03
C GLN B 19 -7.09 0.60 -0.70
N ARG B 20 -7.76 -0.50 -1.04
CA ARG B 20 -9.04 -0.43 -1.75
C ARG B 20 -10.06 0.34 -0.92
N MET B 21 -10.09 0.07 0.38
CA MET B 21 -11.02 0.75 1.28
C MET B 21 -10.74 2.25 1.33
N LYS B 22 -9.47 2.61 1.18
CA LYS B 22 -9.05 4.01 1.21
C LYS B 22 -9.64 4.77 0.02
N GLU B 23 -9.43 4.25 -1.18
CA GLU B 23 -9.93 4.88 -2.39
C GLU B 23 -11.45 5.06 -2.33
N GLN B 24 -12.13 4.05 -1.80
CA GLN B 24 -13.58 4.10 -1.67
C GLN B 24 -14.00 5.10 -0.61
N GLN B 25 -13.17 5.24 0.42
CA GLN B 25 -13.45 6.16 1.51
C GLN B 25 -13.24 7.61 1.08
N GLU B 26 -12.12 7.88 0.42
CA GLU B 26 -11.81 9.22 -0.05
C GLU B 26 -12.68 9.59 -1.24
N LEU B 27 -13.02 8.60 -2.05
CA LEU B 27 -13.86 8.81 -3.22
C LEU B 27 -15.32 8.88 -2.84
N SER B 28 -15.65 8.38 -1.65
CA SER B 28 -17.03 8.39 -1.16
C SER B 28 -17.39 9.75 -0.56
N LEU B 29 -16.47 10.32 0.21
CA LEU B 29 -16.71 11.60 0.86
C LEU B 29 -16.82 12.71 -0.19
N THR B 30 -15.86 12.75 -1.11
CA THR B 30 -15.85 13.75 -2.18
C THR B 30 -14.63 13.58 -3.07
N GLU B 31 -14.88 13.32 -4.35
CA GLU B 31 -13.80 13.14 -5.31
C GLU B 31 -12.92 14.38 -5.36
N ALA B 32 -13.51 15.53 -5.07
CA ALA B 32 -12.77 16.79 -5.08
C ALA B 32 -11.75 16.83 -3.95
N SER B 33 -12.06 16.16 -2.84
CA SER B 33 -11.16 16.11 -1.70
C SER B 33 -9.76 15.73 -2.13
N LEU B 34 -9.66 15.01 -3.25
CA LEU B 34 -8.36 14.60 -3.77
C LEU B 34 -7.50 15.81 -4.10
N GLN B 35 -8.15 16.90 -4.48
CA GLN B 35 -7.44 18.13 -4.81
C GLN B 35 -6.83 18.75 -3.54
N LYS B 36 -7.67 18.99 -2.55
CA LYS B 36 -7.22 19.55 -1.29
C LYS B 36 -6.29 18.58 -0.57
N LEU B 37 -6.54 17.29 -0.78
CA LEU B 37 -5.71 16.25 -0.17
C LEU B 37 -4.28 16.33 -0.67
N GLN B 38 -4.11 16.65 -1.95
CA GLN B 38 -2.79 16.76 -2.54
C GLN B 38 -2.08 18.02 -2.05
N GLU B 39 -2.82 19.11 -1.99
CA GLU B 39 -2.26 20.39 -1.53
C GLU B 39 -1.81 20.29 -0.07
N ARG B 40 -2.65 19.68 0.76
CA ARG B 40 -2.34 19.51 2.17
C ARG B 40 -1.20 18.52 2.37
N ARG B 41 -1.20 17.46 1.56
CA ARG B 41 -0.16 16.44 1.65
C ARG B 41 1.17 16.98 1.15
N ASP B 42 1.17 17.51 -0.06
CA ASP B 42 2.38 18.07 -0.66
C ASP B 42 2.93 19.21 0.19
N GLN B 43 2.07 20.16 0.53
CA GLN B 43 2.47 21.31 1.34
C GLN B 43 2.52 20.93 2.82
N GLU B 44 3.38 19.97 3.14
CA GLU B 44 3.53 19.52 4.52
C GLU B 44 4.58 20.35 5.26
N LEU B 45 5.49 20.97 4.50
CA LEU B 45 6.55 21.79 5.09
C LEU B 45 5.97 23.06 5.67
N ARG B 46 6.82 23.86 6.30
CA ARG B 46 6.39 25.12 6.90
C ARG B 46 5.37 24.86 8.00
N ARG B 47 4.66 25.91 8.41
CA ARG B 47 3.65 25.80 9.46
C ARG B 47 4.28 25.40 10.78
N LEU B 48 3.43 25.23 11.80
CA LEU B 48 3.90 24.84 13.12
C LEU B 48 4.87 25.88 13.69
N GLU B 49 4.98 25.91 15.02
CA GLU B 49 5.87 26.86 15.68
C GLU B 49 5.46 28.30 15.35
N GLU B 50 4.60 28.87 16.19
CA GLU B 50 4.14 30.24 15.99
C GLU B 50 3.48 30.78 17.26
N GLU B 51 4.27 31.42 18.11
CA GLU B 51 3.77 31.99 19.36
C GLU B 51 3.34 33.44 19.16
N GLU A 1 -15.35 19.84 5.39
CA GLU A 1 -15.22 18.87 4.28
C GLU A 1 -13.84 18.22 4.25
N ASN A 2 -13.19 18.20 5.41
CA ASN A 2 -11.85 17.61 5.53
C ASN A 2 -11.81 16.51 6.58
N LYS A 3 -12.94 16.27 7.26
CA LYS A 3 -13.01 15.25 8.28
C LYS A 3 -12.91 13.85 7.67
N GLN A 4 -13.66 13.63 6.60
CA GLN A 4 -13.64 12.34 5.92
C GLN A 4 -12.34 12.21 5.14
N VAL A 5 -11.93 13.31 4.53
CA VAL A 5 -10.71 13.34 3.76
C VAL A 5 -9.52 13.10 4.67
N GLU A 6 -9.54 13.73 5.85
CA GLU A 6 -8.47 13.58 6.82
C GLU A 6 -8.40 12.12 7.28
N GLU A 7 -9.58 11.50 7.43
CA GLU A 7 -9.65 10.11 7.84
C GLU A 7 -8.89 9.23 6.85
N ILE A 8 -9.10 9.48 5.56
CA ILE A 8 -8.42 8.71 4.52
C ILE A 8 -6.92 8.89 4.63
N LEU A 9 -6.50 10.12 4.94
CA LEU A 9 -5.07 10.43 5.08
C LEU A 9 -4.43 9.52 6.10
N ARG A 10 -5.05 9.41 7.28
CA ARG A 10 -4.54 8.54 8.33
C ARG A 10 -4.47 7.10 7.83
N LEU A 11 -5.54 6.67 7.16
CA LEU A 11 -5.60 5.33 6.61
C LEU A 11 -4.50 5.15 5.56
N GLU A 12 -4.21 6.23 4.84
CA GLU A 12 -3.17 6.19 3.81
C GLU A 12 -1.82 5.88 4.44
N LYS A 13 -1.54 6.54 5.56
CA LYS A 13 -0.28 6.33 6.28
C LYS A 13 -0.15 4.88 6.70
N GLU A 14 -1.24 4.32 7.21
CA GLU A 14 -1.24 2.92 7.65
C GLU A 14 -0.88 1.99 6.50
N ILE A 15 -1.53 2.17 5.36
CA ILE A 15 -1.26 1.35 4.19
C ILE A 15 0.15 1.59 3.68
N GLU A 16 0.54 2.87 3.63
CA GLU A 16 1.87 3.23 3.16
C GLU A 16 2.94 2.57 4.02
N ASP A 17 2.68 2.47 5.32
CA ASP A 17 3.61 1.85 6.25
C ASP A 17 3.69 0.36 6.02
N LEU A 18 2.53 -0.26 5.79
CA LEU A 18 2.47 -1.70 5.54
C LEU A 18 3.13 -2.05 4.21
N GLN A 19 2.97 -1.18 3.22
CA GLN A 19 3.55 -1.39 1.91
C GLN A 19 5.08 -1.35 1.99
N ARG A 20 5.60 -0.35 2.68
CA ARG A 20 7.04 -0.20 2.83
C ARG A 20 7.61 -1.32 3.70
N MET A 21 6.83 -1.75 4.68
CA MET A 21 7.25 -2.83 5.58
C MET A 21 7.35 -4.15 4.83
N LYS A 22 6.37 -4.41 3.97
CA LYS A 22 6.35 -5.64 3.20
C LYS A 22 7.52 -5.69 2.22
N GLU A 23 7.70 -4.60 1.48
CA GLU A 23 8.80 -4.50 0.51
C GLU A 23 10.14 -4.57 1.21
N GLN A 24 10.24 -3.89 2.35
CA GLN A 24 11.48 -3.88 3.12
C GLN A 24 11.80 -5.27 3.66
N GLN A 25 10.76 -6.04 3.96
CA GLN A 25 10.93 -7.39 4.48
C GLN A 25 11.42 -8.34 3.39
N GLU A 26 10.79 -8.25 2.21
CA GLU A 26 11.17 -9.11 1.09
C GLU A 26 12.62 -8.84 0.70
N LEU A 27 13.04 -7.59 0.82
CA LEU A 27 14.41 -7.21 0.48
C LEU A 27 15.39 -7.68 1.56
N SER A 28 14.86 -7.89 2.77
CA SER A 28 15.68 -8.34 3.88
C SER A 28 16.05 -9.82 3.73
N LEU A 29 15.05 -10.65 3.43
CA LEU A 29 15.26 -12.08 3.26
C LEU A 29 16.12 -12.34 2.02
N THR A 30 15.76 -11.70 0.92
CA THR A 30 16.49 -11.86 -0.34
C THR A 30 15.79 -11.11 -1.46
N GLU A 31 16.51 -10.15 -2.05
CA GLU A 31 15.96 -9.37 -3.16
C GLU A 31 15.58 -10.29 -4.30
N ALA A 32 16.35 -11.35 -4.47
CA ALA A 32 16.10 -12.34 -5.51
C ALA A 32 14.83 -13.12 -5.21
N SER A 33 14.57 -13.33 -3.92
CA SER A 33 13.39 -14.06 -3.49
C SER A 33 12.13 -13.49 -4.15
N LEU A 34 12.20 -12.22 -4.53
CA LEU A 34 11.07 -11.57 -5.17
C LEU A 34 10.76 -12.24 -6.51
N GLN A 35 11.76 -12.86 -7.11
CA GLN A 35 11.58 -13.55 -8.39
C GLN A 35 10.46 -14.58 -8.28
N LYS A 36 10.59 -15.49 -7.33
CA LYS A 36 9.59 -16.52 -7.12
C LYS A 36 8.27 -15.89 -6.68
N LEU A 37 8.37 -14.76 -5.99
CA LEU A 37 7.18 -14.04 -5.52
C LEU A 37 6.36 -13.53 -6.69
N GLN A 38 7.04 -12.99 -7.69
CA GLN A 38 6.37 -12.47 -8.89
C GLN A 38 5.73 -13.60 -9.68
N GLU A 39 6.45 -14.73 -9.77
CA GLU A 39 5.95 -15.89 -10.49
C GLU A 39 4.82 -16.57 -9.73
N ARG A 40 4.88 -16.49 -8.40
CA ARG A 40 3.85 -17.10 -7.56
C ARG A 40 2.53 -16.36 -7.71
N ARG A 41 2.60 -15.03 -7.81
CA ARG A 41 1.39 -14.22 -7.96
C ARG A 41 0.66 -14.57 -9.25
N ASP A 42 1.42 -14.75 -10.33
CA ASP A 42 0.84 -15.09 -11.62
C ASP A 42 0.05 -16.40 -11.55
N GLN A 43 0.66 -17.41 -10.95
CA GLN A 43 0.02 -18.72 -10.81
C GLN A 43 -1.20 -18.62 -9.90
N GLU A 44 -1.15 -17.70 -8.93
CA GLU A 44 -2.24 -17.52 -7.99
C GLU A 44 -3.33 -16.62 -8.59
N LEU A 45 -2.95 -15.80 -9.56
CA LEU A 45 -3.89 -14.90 -10.22
C LEU A 45 -4.49 -15.55 -11.47
N ARG A 46 -5.81 -15.74 -11.46
CA ARG A 46 -6.50 -16.34 -12.58
C ARG A 46 -7.89 -15.73 -12.77
N ARG A 47 -8.56 -16.12 -13.84
CA ARG A 47 -9.90 -15.61 -14.13
C ARG A 47 -10.71 -16.63 -14.92
N LEU A 48 -10.09 -17.18 -15.96
CA LEU A 48 -10.76 -18.18 -16.80
C LEU A 48 -10.79 -19.54 -16.12
N GLU A 49 -11.94 -20.19 -16.14
CA GLU A 49 -12.10 -21.50 -15.53
C GLU A 49 -12.46 -22.55 -16.57
N GLU A 50 -12.60 -23.79 -16.12
CA GLU A 50 -12.94 -24.90 -17.02
C GLU A 50 -14.35 -24.74 -17.58
N GLU A 51 -15.27 -24.31 -16.72
CA GLU A 51 -16.65 -24.11 -17.12
C GLU A 51 -16.87 -22.70 -17.67
N GLU B 1 14.68 -19.64 1.71
CA GLU B 1 14.50 -18.35 1.07
C GLU B 1 13.05 -18.13 0.65
N ASN B 2 12.45 -19.16 0.08
CA ASN B 2 11.06 -19.09 -0.37
C ASN B 2 10.11 -19.05 0.83
N LYS B 3 10.49 -19.73 1.90
CA LYS B 3 9.68 -19.77 3.11
C LYS B 3 9.50 -18.37 3.70
N GLN B 4 10.47 -17.50 3.45
CA GLN B 4 10.41 -16.13 3.95
C GLN B 4 9.53 -15.27 3.06
N VAL B 5 9.48 -15.60 1.78
CA VAL B 5 8.66 -14.85 0.84
C VAL B 5 7.18 -15.12 1.09
N GLU B 6 6.84 -16.36 1.41
CA GLU B 6 5.46 -16.74 1.68
C GLU B 6 4.86 -15.85 2.77
N GLU B 7 5.68 -15.43 3.71
CA GLU B 7 5.22 -14.57 4.80
C GLU B 7 4.97 -13.16 4.27
N ILE B 8 5.69 -12.77 3.24
CA ILE B 8 5.55 -11.45 2.64
C ILE B 8 4.29 -11.38 1.78
N LEU B 9 3.98 -12.48 1.10
CA LEU B 9 2.81 -12.55 0.25
C LEU B 9 1.53 -12.37 1.07
N ARG B 10 1.54 -12.91 2.28
CA ARG B 10 0.38 -12.79 3.17
C ARG B 10 0.09 -11.33 3.48
N LEU B 11 1.14 -10.53 3.59
CA LEU B 11 1.00 -9.11 3.89
C LEU B 11 0.37 -8.38 2.71
N GLU B 12 0.69 -8.83 1.50
CA GLU B 12 0.16 -8.22 0.29
C GLU B 12 -1.37 -8.28 0.29
N LYS B 13 -1.92 -9.36 0.82
CA LYS B 13 -3.36 -9.54 0.88
C LYS B 13 -3.98 -8.56 1.86
N GLU B 14 -3.29 -8.31 2.96
CA GLU B 14 -3.77 -7.39 3.99
C GLU B 14 -3.73 -5.95 3.48
N ILE B 15 -2.60 -5.56 2.91
CA ILE B 15 -2.45 -4.21 2.39
C ILE B 15 -3.44 -3.94 1.26
N GLU B 16 -3.75 -4.99 0.50
CA GLU B 16 -4.70 -4.87 -0.60
C GLU B 16 -6.08 -4.46 -0.09
N ASP B 17 -6.55 -5.16 0.94
CA ASP B 17 -7.86 -4.87 1.53
C ASP B 17 -7.86 -3.49 2.18
N LEU B 18 -6.75 -3.15 2.83
CA LEU B 18 -6.62 -1.85 3.48
C LEU B 18 -6.47 -0.73 2.46
N GLN B 19 -5.76 -1.02 1.37
CA GLN B 19 -5.54 -0.05 0.31
C GLN B 19 -6.82 0.18 -0.49
N ARG B 20 -7.58 -0.89 -0.69
CA ARG B 20 -8.82 -0.81 -1.45
C ARG B 20 -9.86 0.02 -0.71
N MET B 21 -9.92 -0.16 0.61
CA MET B 21 -10.87 0.59 1.44
C MET B 21 -10.52 2.07 1.46
N LYS B 22 -9.23 2.36 1.37
CA LYS B 22 -8.75 3.74 1.39
C LYS B 22 -9.12 4.46 0.08
N GLU B 23 -8.79 3.84 -1.04
CA GLU B 23 -9.09 4.43 -2.35
C GLU B 23 -10.59 4.48 -2.60
N GLN B 24 -11.31 3.50 -2.06
CA GLN B 24 -12.76 3.44 -2.24
C GLN B 24 -13.46 4.52 -1.42
N GLN B 25 -12.90 4.86 -0.28
CA GLN B 25 -13.47 5.88 0.59
C GLN B 25 -13.24 7.28 0.02
N GLU B 26 -12.02 7.56 -0.41
CA GLU B 26 -11.68 8.86 -0.97
C GLU B 26 -12.35 9.04 -2.34
N LEU B 27 -12.56 7.92 -3.03
CA LEU B 27 -13.18 7.96 -4.35
C LEU B 27 -14.65 8.36 -4.24
N SER B 28 -15.33 7.84 -3.22
CA SER B 28 -16.74 8.13 -3.00
C SER B 28 -16.92 9.61 -2.66
N LEU B 29 -15.92 10.19 -2.01
CA LEU B 29 -15.96 11.59 -1.62
C LEU B 29 -15.80 12.50 -2.84
N THR B 30 -14.59 12.53 -3.38
CA THR B 30 -14.30 13.35 -4.56
C THR B 30 -12.81 13.24 -4.92
N GLU B 31 -12.54 12.87 -6.17
CA GLU B 31 -11.18 12.74 -6.64
C GLU B 31 -10.40 14.03 -6.40
N ALA B 32 -11.13 15.15 -6.35
CA ALA B 32 -10.52 16.46 -6.11
C ALA B 32 -9.97 16.54 -4.70
N SER B 33 -10.62 15.85 -3.77
CA SER B 33 -10.19 15.84 -2.38
C SER B 33 -8.72 15.51 -2.26
N LEU B 34 -8.20 14.82 -3.27
CA LEU B 34 -6.79 14.44 -3.29
C LEU B 34 -5.90 15.69 -3.32
N GLN B 35 -6.44 16.77 -3.90
CA GLN B 35 -5.71 18.02 -3.99
C GLN B 35 -5.52 18.63 -2.61
N LYS B 36 -6.58 18.61 -1.81
CA LYS B 36 -6.54 19.16 -0.46
C LYS B 36 -5.54 18.39 0.40
N LEU B 37 -5.31 17.13 0.06
CA LEU B 37 -4.38 16.29 0.80
C LEU B 37 -2.97 16.86 0.75
N GLN B 38 -2.56 17.32 -0.44
CA GLN B 38 -1.24 17.88 -0.62
C GLN B 38 -1.01 19.07 0.31
N GLU B 39 -1.92 20.03 0.27
CA GLU B 39 -1.82 21.22 1.11
C GLU B 39 -1.84 20.84 2.59
N ARG B 40 -2.60 19.82 2.92
CA ARG B 40 -2.72 19.36 4.30
C ARG B 40 -1.43 18.66 4.75
N ARG B 41 -0.94 17.75 3.91
CA ARG B 41 0.28 17.01 4.22
C ARG B 41 1.51 17.92 4.11
N ASP B 42 1.38 19.01 3.36
CA ASP B 42 2.49 19.94 3.18
C ASP B 42 3.02 20.44 4.51
N GLN B 43 2.18 20.41 5.54
CA GLN B 43 2.57 20.85 6.87
C GLN B 43 3.37 19.78 7.60
N GLU B 44 4.44 19.31 6.97
CA GLU B 44 5.30 18.29 7.55
C GLU B 44 6.63 18.88 8.00
N LEU B 45 7.01 20.00 7.40
CA LEU B 45 8.26 20.66 7.74
C LEU B 45 8.15 21.39 9.08
N ARG B 46 9.15 22.20 9.40
CA ARG B 46 9.16 22.96 10.64
C ARG B 46 8.81 24.42 10.41
N ARG B 47 7.57 24.79 10.75
CA ARG B 47 7.11 26.16 10.57
C ARG B 47 6.62 26.74 11.89
N LEU B 48 6.09 27.96 11.84
CA LEU B 48 5.59 28.62 13.03
C LEU B 48 4.23 28.07 13.43
N GLU B 49 4.13 27.58 14.66
CA GLU B 49 2.89 27.01 15.17
C GLU B 49 1.78 28.07 15.17
N GLU B 50 0.58 27.65 14.76
CA GLU B 50 -0.56 28.55 14.72
C GLU B 50 -0.29 29.72 13.78
N GLU B 51 0.49 29.47 12.74
CA GLU B 51 0.83 30.51 11.77
C GLU B 51 1.16 29.90 10.41
N GLU A 1 -16.34 19.15 4.70
CA GLU A 1 -16.07 17.71 4.45
C GLU A 1 -14.57 17.43 4.37
N ASN A 2 -13.85 17.80 5.42
CA ASN A 2 -12.41 17.60 5.47
C ASN A 2 -12.05 16.48 6.46
N LYS A 3 -12.91 16.26 7.44
CA LYS A 3 -12.68 15.22 8.44
C LYS A 3 -12.61 13.85 7.80
N GLN A 4 -13.28 13.69 6.65
CA GLN A 4 -13.28 12.42 5.94
C GLN A 4 -12.00 12.28 5.12
N VAL A 5 -11.63 13.36 4.43
CA VAL A 5 -10.43 13.36 3.62
C VAL A 5 -9.21 13.24 4.52
N GLU A 6 -9.29 13.85 5.70
CA GLU A 6 -8.20 13.82 6.66
C GLU A 6 -8.01 12.41 7.21
N GLU A 7 -9.13 11.78 7.59
CA GLU A 7 -9.09 10.42 8.12
C GLU A 7 -8.46 9.48 7.10
N ILE A 8 -8.75 9.72 5.82
CA ILE A 8 -8.21 8.91 4.74
C ILE A 8 -6.69 9.06 4.67
N LEU A 9 -6.22 10.29 4.75
CA LEU A 9 -4.78 10.57 4.70
C LEU A 9 -4.05 9.77 5.78
N ARG A 10 -4.58 9.80 6.99
CA ARG A 10 -3.98 9.05 8.09
C ARG A 10 -3.94 7.57 7.75
N LEU A 11 -5.03 7.08 7.17
CA LEU A 11 -5.13 5.69 6.77
C LEU A 11 -4.09 5.41 5.68
N GLU A 12 -3.92 6.38 4.78
CA GLU A 12 -2.95 6.24 3.70
C GLU A 12 -1.56 5.97 4.27
N LYS A 13 -1.25 6.64 5.38
CA LYS A 13 0.04 6.45 6.03
C LYS A 13 0.14 5.04 6.58
N GLU A 14 -0.94 4.57 7.21
CA GLU A 14 -0.98 3.24 7.77
C GLU A 14 -0.82 2.19 6.66
N ILE A 15 -1.53 2.42 5.55
CA ILE A 15 -1.47 1.51 4.41
C ILE A 15 -0.08 1.52 3.79
N GLU A 16 0.43 2.72 3.49
CA GLU A 16 1.75 2.87 2.89
C GLU A 16 2.81 2.26 3.80
N ASP A 17 2.60 2.37 5.11
CA ASP A 17 3.54 1.82 6.08
C ASP A 17 3.56 0.30 6.02
N LEU A 18 2.38 -0.29 5.82
CA LEU A 18 2.27 -1.74 5.74
C LEU A 18 3.05 -2.29 4.55
N GLN A 19 2.81 -1.70 3.38
CA GLN A 19 3.51 -2.11 2.16
C GLN A 19 5.02 -1.95 2.32
N ARG A 20 5.42 -0.87 2.99
CA ARG A 20 6.83 -0.59 3.21
C ARG A 20 7.49 -1.74 3.97
N MET A 21 6.83 -2.17 5.05
CA MET A 21 7.35 -3.26 5.86
C MET A 21 7.40 -4.55 5.06
N LYS A 22 6.46 -4.69 4.12
CA LYS A 22 6.39 -5.88 3.28
C LYS A 22 7.65 -5.99 2.42
N GLU A 23 8.00 -4.90 1.75
CA GLU A 23 9.18 -4.88 0.90
C GLU A 23 10.45 -5.06 1.72
N GLN A 24 10.47 -4.46 2.90
CA GLN A 24 11.63 -4.56 3.79
C GLN A 24 11.79 -5.99 4.29
N GLN A 25 10.68 -6.69 4.47
CA GLN A 25 10.70 -8.06 4.94
C GLN A 25 11.17 -9.01 3.84
N GLU A 26 10.62 -8.82 2.64
CA GLU A 26 10.98 -9.66 1.50
C GLU A 26 12.46 -9.48 1.15
N LEU A 27 12.97 -8.27 1.39
CA LEU A 27 14.37 -7.98 1.12
C LEU A 27 15.26 -8.52 2.23
N SER A 28 14.67 -8.72 3.40
CA SER A 28 15.40 -9.24 4.55
C SER A 28 15.70 -10.72 4.39
N LEU A 29 14.68 -11.48 3.98
CA LEU A 29 14.85 -12.92 3.79
C LEU A 29 15.83 -13.21 2.66
N THR A 30 15.67 -12.50 1.55
CA THR A 30 16.53 -12.66 0.39
C THR A 30 16.03 -11.82 -0.77
N GLU A 31 16.87 -10.89 -1.24
CA GLU A 31 16.51 -10.03 -2.35
C GLU A 31 16.15 -10.87 -3.58
N ALA A 32 16.74 -12.05 -3.67
CA ALA A 32 16.48 -12.96 -4.78
C ALA A 32 15.05 -13.48 -4.74
N SER A 33 14.51 -13.61 -3.54
CA SER A 33 13.15 -14.10 -3.36
C SER A 33 12.17 -13.34 -4.26
N LEU A 34 12.55 -12.11 -4.61
CA LEU A 34 11.71 -11.28 -5.47
C LEU A 34 11.56 -11.91 -6.84
N GLN A 35 12.56 -12.66 -7.26
CA GLN A 35 12.54 -13.33 -8.57
C GLN A 35 11.49 -14.44 -8.58
N LYS A 36 11.68 -15.44 -7.72
CA LYS A 36 10.73 -16.55 -7.64
C LYS A 36 9.35 -16.06 -7.25
N LEU A 37 9.31 -14.99 -6.45
CA LEU A 37 8.05 -14.41 -6.02
C LEU A 37 7.27 -13.87 -7.21
N GLN A 38 7.97 -13.24 -8.14
CA GLN A 38 7.35 -12.69 -9.33
C GLN A 38 6.82 -13.80 -10.24
N GLU A 39 7.60 -14.87 -10.37
CA GLU A 39 7.21 -16.00 -11.20
C GLU A 39 6.04 -16.76 -10.57
N ARG A 40 6.05 -16.86 -9.24
CA ARG A 40 5.00 -17.55 -8.51
C ARG A 40 3.68 -16.81 -8.66
N ARG A 41 3.73 -15.49 -8.56
CA ARG A 41 2.52 -14.67 -8.67
C ARG A 41 2.05 -14.60 -10.12
N ASP A 42 3.00 -14.62 -11.05
CA ASP A 42 2.69 -14.56 -12.48
C ASP A 42 2.24 -15.93 -12.99
N GLN A 43 2.81 -16.98 -12.40
CA GLN A 43 2.48 -18.35 -12.79
C GLN A 43 0.99 -18.63 -12.60
N GLU A 44 0.39 -17.95 -11.63
CA GLU A 44 -1.02 -18.13 -11.34
C GLU A 44 -1.86 -17.05 -12.02
N LEU A 45 -1.33 -16.48 -13.10
CA LEU A 45 -2.03 -15.43 -13.83
C LEU A 45 -2.31 -15.87 -15.26
N ARG A 46 -3.55 -16.32 -15.51
CA ARG A 46 -3.95 -16.77 -16.83
C ARG A 46 -3.11 -17.97 -17.28
N ARG A 47 -3.69 -19.16 -17.19
CA ARG A 47 -3.01 -20.38 -17.59
C ARG A 47 -1.77 -20.60 -16.72
N LEU A 48 -1.84 -21.61 -15.85
CA LEU A 48 -0.73 -21.94 -14.96
C LEU A 48 0.19 -22.99 -15.59
N GLU A 49 1.49 -22.84 -15.37
CA GLU A 49 2.46 -23.78 -15.91
C GLU A 49 2.85 -24.82 -14.87
N GLU A 50 2.34 -26.04 -15.03
CA GLU A 50 2.63 -27.12 -14.10
C GLU A 50 3.13 -28.35 -14.85
N GLU A 51 3.84 -29.22 -14.14
CA GLU A 51 4.38 -30.44 -14.73
C GLU A 51 3.64 -31.67 -14.22
N GLU B 1 13.62 -21.12 1.35
CA GLU B 1 13.40 -19.68 1.38
C GLU B 1 11.97 -19.34 0.94
N ASN B 2 11.39 -20.19 0.09
CA ASN B 2 10.04 -19.97 -0.40
C ASN B 2 9.07 -19.74 0.75
N LYS B 3 9.35 -20.35 1.90
CA LYS B 3 8.50 -20.20 3.07
C LYS B 3 8.55 -18.77 3.60
N GLN B 4 9.69 -18.12 3.43
CA GLN B 4 9.87 -16.74 3.88
C GLN B 4 9.30 -15.76 2.86
N VAL B 5 9.33 -16.15 1.60
CA VAL B 5 8.82 -15.30 0.52
C VAL B 5 7.29 -15.34 0.49
N GLU B 6 6.73 -16.50 0.84
CA GLU B 6 5.28 -16.66 0.86
C GLU B 6 4.65 -15.78 1.94
N GLU B 7 5.31 -15.69 3.08
CA GLU B 7 4.82 -14.89 4.20
C GLU B 7 4.65 -13.43 3.78
N ILE B 8 5.53 -12.97 2.89
CA ILE B 8 5.47 -11.59 2.40
C ILE B 8 4.27 -11.37 1.51
N LEU B 9 4.03 -12.31 0.59
CA LEU B 9 2.90 -12.22 -0.32
C LEU B 9 1.58 -12.20 0.45
N ARG B 10 1.50 -13.01 1.49
CA ARG B 10 0.30 -13.08 2.32
C ARG B 10 0.01 -11.73 2.95
N LEU B 11 1.06 -11.06 3.40
CA LEU B 11 0.92 -9.74 4.02
C LEU B 11 0.35 -8.74 3.04
N GLU B 12 0.72 -8.89 1.77
CA GLU B 12 0.25 -8.00 0.71
C GLU B 12 -1.28 -7.95 0.68
N LYS B 13 -1.90 -9.09 0.95
CA LYS B 13 -3.36 -9.18 0.96
C LYS B 13 -3.97 -8.27 2.02
N GLU B 14 -3.28 -8.15 3.15
CA GLU B 14 -3.75 -7.31 4.24
C GLU B 14 -3.63 -5.84 3.89
N ILE B 15 -2.46 -5.44 3.41
CA ILE B 15 -2.22 -4.05 3.03
C ILE B 15 -3.05 -3.69 1.81
N GLU B 16 -3.23 -4.66 0.92
CA GLU B 16 -4.02 -4.45 -0.29
C GLU B 16 -5.47 -4.13 0.06
N ASP B 17 -6.01 -4.88 1.01
CA ASP B 17 -7.40 -4.68 1.44
C ASP B 17 -7.53 -3.35 2.16
N LEU B 18 -6.46 -2.94 2.85
CA LEU B 18 -6.44 -1.68 3.58
C LEU B 18 -6.37 -0.51 2.61
N GLN B 19 -5.57 -0.66 1.56
CA GLN B 19 -5.41 0.38 0.56
C GLN B 19 -6.68 0.55 -0.26
N ARG B 20 -7.24 -0.57 -0.70
CA ARG B 20 -8.47 -0.55 -1.49
C ARG B 20 -9.62 0.06 -0.70
N MET B 21 -9.62 -0.16 0.61
CA MET B 21 -10.66 0.39 1.48
C MET B 21 -10.53 1.90 1.60
N LYS B 22 -9.31 2.38 1.75
CA LYS B 22 -9.05 3.81 1.88
C LYS B 22 -9.32 4.53 0.57
N GLU B 23 -8.88 3.93 -0.53
CA GLU B 23 -9.08 4.52 -1.85
C GLU B 23 -10.56 4.63 -2.18
N GLN B 24 -11.35 3.70 -1.65
CA GLN B 24 -12.78 3.68 -1.90
C GLN B 24 -13.48 4.80 -1.14
N GLN B 25 -12.96 5.14 0.03
CA GLN B 25 -13.54 6.20 0.85
C GLN B 25 -13.29 7.57 0.22
N GLU B 26 -12.05 7.80 -0.20
CA GLU B 26 -11.68 9.07 -0.81
C GLU B 26 -12.41 9.25 -2.13
N LEU B 27 -12.53 8.17 -2.90
CA LEU B 27 -13.22 8.21 -4.18
C LEU B 27 -14.73 8.44 -3.98
N SER B 28 -15.31 7.68 -3.06
CA SER B 28 -16.74 7.81 -2.77
C SER B 28 -17.05 9.20 -2.25
N LEU B 29 -16.09 9.79 -1.53
CA LEU B 29 -16.25 11.12 -0.98
C LEU B 29 -16.45 12.14 -2.10
N THR B 30 -15.43 12.30 -2.93
CA THR B 30 -15.46 13.24 -4.05
C THR B 30 -14.08 13.36 -4.68
N GLU B 31 -14.01 13.09 -5.98
CA GLU B 31 -12.73 13.18 -6.70
C GLU B 31 -12.11 14.55 -6.50
N ALA B 32 -12.95 15.55 -6.26
CA ALA B 32 -12.47 16.91 -6.05
C ALA B 32 -11.70 17.01 -4.73
N SER B 33 -12.16 16.28 -3.73
CA SER B 33 -11.51 16.29 -2.42
C SER B 33 -10.01 16.05 -2.57
N LEU B 34 -9.62 15.38 -3.65
CA LEU B 34 -8.22 15.10 -3.91
C LEU B 34 -7.44 16.39 -4.10
N GLN B 35 -8.12 17.43 -4.59
CA GLN B 35 -7.47 18.72 -4.79
C GLN B 35 -7.01 19.28 -3.46
N LYS B 36 -7.95 19.38 -2.51
CA LYS B 36 -7.63 19.87 -1.18
C LYS B 36 -6.63 18.94 -0.50
N LEU B 37 -6.67 17.67 -0.89
CA LEU B 37 -5.78 16.67 -0.34
C LEU B 37 -4.32 17.02 -0.62
N GLN B 38 -4.03 17.39 -1.86
CA GLN B 38 -2.68 17.74 -2.26
C GLN B 38 -2.15 18.90 -1.41
N GLU B 39 -2.93 19.98 -1.34
CA GLU B 39 -2.55 21.15 -0.56
C GLU B 39 -2.28 20.77 0.89
N ARG B 40 -3.05 19.82 1.41
CA ARG B 40 -2.91 19.37 2.78
C ARG B 40 -1.74 18.40 2.93
N ARG B 41 -1.56 17.55 1.92
CA ARG B 41 -0.48 16.57 1.94
C ARG B 41 0.87 17.24 1.72
N ASP B 42 0.91 18.18 0.77
CA ASP B 42 2.14 18.90 0.47
C ASP B 42 2.72 19.57 1.72
N GLN B 43 1.84 19.88 2.67
CA GLN B 43 2.27 20.51 3.92
C GLN B 43 2.97 19.51 4.83
N GLU B 44 4.10 18.99 4.37
CA GLU B 44 4.87 18.03 5.15
C GLU B 44 6.13 18.67 5.73
N LEU B 45 6.16 19.99 5.76
CA LEU B 45 7.31 20.73 6.29
C LEU B 45 6.95 21.40 7.61
N ARG B 46 6.02 20.81 8.34
CA ARG B 46 5.58 21.35 9.63
C ARG B 46 5.90 20.38 10.77
N ARG B 47 7.10 20.51 11.31
CA ARG B 47 7.54 19.66 12.41
C ARG B 47 6.72 19.93 13.67
N LEU B 48 6.73 18.97 14.60
CA LEU B 48 5.99 19.11 15.85
C LEU B 48 6.76 19.97 16.84
N GLU B 49 6.48 21.28 16.81
CA GLU B 49 7.14 22.21 17.71
C GLU B 49 6.71 21.98 19.16
N GLU B 50 7.37 21.03 19.82
CA GLU B 50 7.05 20.70 21.20
C GLU B 50 7.99 21.44 22.16
N GLU B 51 7.46 21.84 23.32
CA GLU B 51 8.24 22.55 24.31
C GLU B 51 8.88 21.57 25.30
N GLU A 1 -16.11 19.35 5.54
CA GLU A 1 -15.39 18.09 5.21
C GLU A 1 -13.89 18.23 5.43
N ASN A 2 -13.34 17.37 6.28
CA ASN A 2 -11.91 17.40 6.58
C ASN A 2 -11.51 16.21 7.45
N LYS A 3 -12.36 15.89 8.42
CA LYS A 3 -12.10 14.78 9.33
C LYS A 3 -12.11 13.45 8.57
N GLN A 4 -12.92 13.38 7.51
CA GLN A 4 -13.02 12.18 6.71
C GLN A 4 -11.82 12.08 5.77
N VAL A 5 -11.50 13.20 5.13
CA VAL A 5 -10.37 13.24 4.24
C VAL A 5 -9.08 13.04 5.01
N GLU A 6 -9.05 13.57 6.24
CA GLU A 6 -7.89 13.43 7.10
C GLU A 6 -7.69 11.97 7.47
N GLU A 7 -8.80 11.29 7.79
CA GLU A 7 -8.76 9.88 8.13
C GLU A 7 -8.12 9.09 7.00
N ILE A 8 -8.50 9.42 5.77
CA ILE A 8 -7.96 8.76 4.59
C ILE A 8 -6.45 8.94 4.53
N LEU A 9 -6.00 10.16 4.82
CA LEU A 9 -4.58 10.48 4.80
C LEU A 9 -3.83 9.61 5.81
N ARG A 10 -4.35 9.54 7.03
CA ARG A 10 -3.74 8.72 8.07
C ARG A 10 -3.78 7.25 7.65
N LEU A 11 -4.92 6.84 7.13
CA LEU A 11 -5.10 5.47 6.66
C LEU A 11 -4.14 5.19 5.52
N GLU A 12 -3.90 6.23 4.70
CA GLU A 12 -2.99 6.11 3.56
C GLU A 12 -1.59 5.76 4.05
N LYS A 13 -1.16 6.41 5.12
CA LYS A 13 0.16 6.16 5.69
C LYS A 13 0.21 4.72 6.21
N GLU A 14 -0.91 4.27 6.77
CA GLU A 14 -1.01 2.92 7.30
C GLU A 14 -0.83 1.91 6.17
N ILE A 15 -1.53 2.14 5.06
CA ILE A 15 -1.44 1.27 3.90
C ILE A 15 -0.04 1.32 3.32
N GLU A 16 0.46 2.53 3.08
CA GLU A 16 1.79 2.72 2.53
C GLU A 16 2.84 2.08 3.45
N ASP A 17 2.58 2.14 4.75
CA ASP A 17 3.49 1.55 5.73
C ASP A 17 3.61 0.05 5.51
N LEU A 18 2.48 -0.61 5.32
CA LEU A 18 2.46 -2.05 5.09
C LEU A 18 3.22 -2.38 3.81
N GLN A 19 3.11 -1.51 2.82
CA GLN A 19 3.78 -1.71 1.54
C GLN A 19 5.30 -1.61 1.70
N ARG A 20 5.75 -0.50 2.28
CA ARG A 20 7.18 -0.29 2.49
C ARG A 20 7.75 -1.35 3.43
N MET A 21 6.95 -1.73 4.43
CA MET A 21 7.36 -2.74 5.39
C MET A 21 7.43 -4.11 4.72
N LYS A 22 6.55 -4.33 3.75
CA LYS A 22 6.51 -5.61 3.03
C LYS A 22 7.77 -5.80 2.19
N GLU A 23 8.13 -4.78 1.43
CA GLU A 23 9.32 -4.84 0.59
C GLU A 23 10.58 -4.96 1.43
N GLN A 24 10.60 -4.27 2.57
CA GLN A 24 11.74 -4.29 3.47
C GLN A 24 11.89 -5.67 4.11
N GLN A 25 10.76 -6.25 4.53
CA GLN A 25 10.77 -7.57 5.15
C GLN A 25 11.20 -8.63 4.16
N GLU A 26 10.65 -8.56 2.95
CA GLU A 26 10.98 -9.53 1.90
C GLU A 26 12.40 -9.32 1.41
N LEU A 27 12.78 -8.05 1.22
CA LEU A 27 14.13 -7.71 0.76
C LEU A 27 15.16 -8.14 1.78
N SER A 28 14.76 -8.14 3.06
CA SER A 28 15.66 -8.52 4.14
C SER A 28 16.16 -9.95 3.93
N LEU A 29 15.25 -10.85 3.58
CA LEU A 29 15.61 -12.24 3.34
C LEU A 29 16.58 -12.36 2.17
N THR A 30 16.20 -11.74 1.06
CA THR A 30 17.02 -11.75 -0.15
C THR A 30 16.25 -11.16 -1.32
N GLU A 31 16.83 -10.14 -1.96
CA GLU A 31 16.21 -9.50 -3.10
C GLU A 31 15.84 -10.53 -4.16
N ALA A 32 16.57 -11.64 -4.17
CA ALA A 32 16.33 -12.70 -5.13
C ALA A 32 14.98 -13.37 -4.86
N SER A 33 14.56 -13.37 -3.61
CA SER A 33 13.28 -13.98 -3.23
C SER A 33 12.17 -13.49 -4.13
N LEU A 34 12.34 -12.30 -4.70
CA LEU A 34 11.35 -11.73 -5.60
C LEU A 34 11.09 -12.67 -6.77
N GLN A 35 12.11 -13.44 -7.15
CA GLN A 35 11.98 -14.38 -8.25
C GLN A 35 11.14 -15.57 -7.83
N LYS A 36 11.43 -16.11 -6.66
CA LYS A 36 10.70 -17.25 -6.13
C LYS A 36 9.29 -16.83 -5.72
N LEU A 37 9.18 -15.64 -5.14
CA LEU A 37 7.91 -15.11 -4.70
C LEU A 37 7.00 -14.79 -5.89
N GLN A 38 7.61 -14.32 -6.97
CA GLN A 38 6.86 -13.98 -8.18
C GLN A 38 6.26 -15.23 -8.82
N GLU A 39 7.10 -16.25 -9.01
CA GLU A 39 6.66 -17.49 -9.61
C GLU A 39 5.60 -18.17 -8.74
N ARG A 40 5.73 -17.98 -7.42
CA ARG A 40 4.79 -18.57 -6.48
C ARG A 40 3.49 -17.77 -6.42
N ARG A 41 3.61 -16.46 -6.62
CA ARG A 41 2.45 -15.58 -6.59
C ARG A 41 1.54 -15.83 -7.79
N ASP A 42 2.14 -16.20 -8.92
CA ASP A 42 1.39 -16.48 -10.14
C ASP A 42 0.48 -17.69 -9.96
N GLN A 43 0.95 -18.66 -9.18
CA GLN A 43 0.18 -19.88 -8.92
C GLN A 43 -1.10 -19.56 -8.16
N GLU A 44 -0.95 -18.89 -7.02
CA GLU A 44 -2.09 -18.52 -6.18
C GLU A 44 -3.06 -17.63 -6.95
N LEU A 45 -2.56 -16.95 -7.98
CA LEU A 45 -3.39 -16.07 -8.79
C LEU A 45 -3.68 -16.69 -10.14
N ARG A 46 -4.88 -17.28 -10.27
CA ARG A 46 -5.28 -17.92 -11.51
C ARG A 46 -6.76 -18.28 -11.48
N ARG A 47 -7.57 -17.37 -10.97
CA ARG A 47 -9.02 -17.59 -10.88
C ARG A 47 -9.33 -18.79 -9.99
N LEU A 48 -9.94 -18.53 -8.84
CA LEU A 48 -10.29 -19.58 -7.90
C LEU A 48 -11.69 -20.12 -8.19
N GLU A 49 -12.57 -19.24 -8.67
CA GLU A 49 -13.94 -19.62 -8.98
C GLU A 49 -14.30 -19.24 -10.41
N GLU A 50 -15.08 -20.10 -11.07
CA GLU A 50 -15.49 -19.85 -12.44
C GLU A 50 -17.00 -20.07 -12.60
N GLU A 51 -17.44 -21.31 -12.42
CA GLU A 51 -18.85 -21.64 -12.55
C GLU A 51 -19.10 -23.10 -12.19
N GLU B 1 13.54 -21.18 3.75
CA GLU B 1 13.93 -20.13 2.82
C GLU B 1 12.71 -19.40 2.28
N ASN B 2 11.81 -20.14 1.64
CA ASN B 2 10.59 -19.57 1.08
C ASN B 2 9.52 -19.40 2.15
N LYS B 3 9.62 -20.18 3.23
CA LYS B 3 8.66 -20.11 4.31
C LYS B 3 8.52 -18.69 4.84
N GLN B 4 9.63 -17.94 4.81
CA GLN B 4 9.63 -16.56 5.28
C GLN B 4 9.10 -15.63 4.20
N VAL B 5 9.34 -15.98 2.95
CA VAL B 5 8.89 -15.18 1.82
C VAL B 5 7.38 -15.34 1.62
N GLU B 6 6.87 -16.53 1.92
CA GLU B 6 5.45 -16.82 1.78
C GLU B 6 4.62 -15.93 2.71
N GLU B 7 5.14 -15.70 3.92
CA GLU B 7 4.44 -14.88 4.89
C GLU B 7 4.27 -13.45 4.37
N ILE B 8 5.22 -13.01 3.56
CA ILE B 8 5.18 -11.66 3.00
C ILE B 8 4.06 -11.54 1.97
N LEU B 9 3.91 -12.57 1.14
CA LEU B 9 2.88 -12.58 0.11
C LEU B 9 1.49 -12.40 0.73
N ARG B 10 1.28 -13.03 1.88
CA ARG B 10 0.00 -12.93 2.57
C ARG B 10 -0.25 -11.49 3.01
N LEU B 11 0.83 -10.79 3.34
CA LEU B 11 0.73 -9.40 3.77
C LEU B 11 0.36 -8.51 2.59
N GLU B 12 0.85 -8.87 1.41
CA GLU B 12 0.58 -8.12 0.19
C GLU B 12 -0.93 -8.01 -0.05
N LYS B 13 -1.65 -9.07 0.29
CA LYS B 13 -3.09 -9.10 0.12
C LYS B 13 -3.77 -8.17 1.11
N GLU B 14 -3.16 -8.02 2.28
CA GLU B 14 -3.69 -7.16 3.33
C GLU B 14 -3.48 -5.69 2.97
N ILE B 15 -2.27 -5.37 2.50
CA ILE B 15 -1.95 -4.00 2.13
C ILE B 15 -2.74 -3.56 0.90
N GLU B 16 -2.87 -4.45 -0.08
CA GLU B 16 -3.61 -4.14 -1.29
C GLU B 16 -5.09 -3.93 -0.98
N ASP B 17 -5.62 -4.76 -0.08
CA ASP B 17 -7.02 -4.66 0.31
C ASP B 17 -7.24 -3.39 1.13
N LEU B 18 -6.22 -3.00 1.90
CA LEU B 18 -6.30 -1.81 2.73
C LEU B 18 -6.27 -0.56 1.86
N GLN B 19 -5.51 -0.61 0.78
CA GLN B 19 -5.40 0.53 -0.14
C GLN B 19 -6.66 0.65 -1.00
N ARG B 20 -7.20 -0.49 -1.39
CA ARG B 20 -8.40 -0.52 -2.23
C ARG B 20 -9.60 0.01 -1.45
N MET B 21 -9.66 -0.29 -0.16
CA MET B 21 -10.76 0.16 0.68
C MET B 21 -10.63 1.66 0.98
N LYS B 22 -9.40 2.14 1.08
CA LYS B 22 -9.15 3.54 1.37
C LYS B 22 -9.46 4.40 0.15
N GLU B 23 -9.04 3.94 -1.02
CA GLU B 23 -9.27 4.66 -2.27
C GLU B 23 -10.76 4.85 -2.52
N GLN B 24 -11.55 3.83 -2.16
CA GLN B 24 -12.99 3.88 -2.35
C GLN B 24 -13.63 4.84 -1.35
N GLN B 25 -13.03 4.93 -0.17
CA GLN B 25 -13.54 5.82 0.88
C GLN B 25 -13.35 7.28 0.51
N GLU B 26 -12.14 7.62 0.04
CA GLU B 26 -11.85 9.00 -0.34
C GLU B 26 -12.68 9.42 -1.54
N LEU B 27 -12.85 8.51 -2.49
CA LEU B 27 -13.63 8.79 -3.69
C LEU B 27 -15.11 8.98 -3.33
N SER B 28 -15.62 8.12 -2.48
CA SER B 28 -17.01 8.20 -2.05
C SER B 28 -17.28 9.52 -1.35
N LEU B 29 -16.25 10.05 -0.68
CA LEU B 29 -16.37 11.32 0.02
C LEU B 29 -16.65 12.45 -0.95
N THR B 30 -15.68 12.72 -1.82
CA THR B 30 -15.81 13.79 -2.81
C THR B 30 -14.51 13.93 -3.61
N GLU B 31 -14.62 13.76 -4.93
CA GLU B 31 -13.46 13.88 -5.79
C GLU B 31 -12.77 15.22 -5.59
N ALA B 32 -13.54 16.21 -5.17
CA ALA B 32 -13.00 17.55 -4.92
C ALA B 32 -12.07 17.53 -3.72
N SER B 33 -12.35 16.65 -2.77
CA SER B 33 -11.54 16.53 -1.57
C SER B 33 -10.07 16.41 -1.93
N LEU B 34 -9.79 15.91 -3.13
CA LEU B 34 -8.43 15.75 -3.60
C LEU B 34 -7.72 17.10 -3.64
N GLN B 35 -8.48 18.16 -3.89
CA GLN B 35 -7.93 19.51 -3.96
C GLN B 35 -7.43 19.94 -2.57
N LYS B 36 -8.30 19.79 -1.58
CA LYS B 36 -7.95 20.15 -0.21
C LYS B 36 -6.96 19.15 0.37
N LEU B 37 -7.04 17.91 -0.11
CA LEU B 37 -6.16 16.85 0.36
C LEU B 37 -4.74 17.07 -0.16
N GLN B 38 -4.63 17.61 -1.37
CA GLN B 38 -3.33 17.86 -1.97
C GLN B 38 -2.56 18.92 -1.19
N GLU B 39 -3.28 19.91 -0.67
CA GLU B 39 -2.67 20.99 0.10
C GLU B 39 -2.02 20.44 1.36
N ARG B 40 -2.72 19.53 2.04
CA ARG B 40 -2.22 18.93 3.27
C ARG B 40 -1.01 18.04 2.98
N ARG B 41 -1.03 17.37 1.83
CA ARG B 41 0.06 16.49 1.45
C ARG B 41 1.25 17.31 0.92
N ASP B 42 0.95 18.40 0.22
CA ASP B 42 1.99 19.26 -0.32
C ASP B 42 2.84 19.87 0.79
N GLN B 43 2.21 20.14 1.93
CA GLN B 43 2.92 20.72 3.07
C GLN B 43 3.70 19.66 3.83
N GLU B 44 4.58 18.95 3.12
CA GLU B 44 5.39 17.91 3.74
C GLU B 44 6.85 18.35 3.87
N LEU B 45 7.06 19.66 3.97
CA LEU B 45 8.40 20.21 4.09
C LEU B 45 8.77 20.41 5.57
N ARG B 46 9.61 19.52 6.09
CA ARG B 46 10.04 19.60 7.48
C ARG B 46 11.44 20.19 7.58
N ARG B 47 11.51 21.52 7.56
CA ARG B 47 12.78 22.22 7.65
C ARG B 47 12.71 23.37 8.66
N LEU B 48 11.64 24.17 8.55
CA LEU B 48 11.45 25.30 9.45
C LEU B 48 10.97 24.84 10.82
N GLU B 49 10.46 23.61 10.89
CA GLU B 49 9.97 23.06 12.15
C GLU B 49 8.82 23.90 12.70
N GLU B 50 7.60 23.37 12.58
CA GLU B 50 6.41 24.06 13.08
C GLU B 50 5.82 23.33 14.27
N GLU B 51 5.49 22.06 14.08
CA GLU B 51 4.91 21.25 15.15
C GLU B 51 5.93 20.28 15.73
N GLU A 1 -15.84 19.13 4.11
CA GLU A 1 -15.34 17.74 3.98
C GLU A 1 -13.82 17.68 4.16
N ASN A 2 -13.39 17.80 5.41
CA ASN A 2 -11.97 17.75 5.73
C ASN A 2 -11.64 16.59 6.65
N LYS A 3 -12.49 16.37 7.64
CA LYS A 3 -12.30 15.29 8.60
C LYS A 3 -12.30 13.94 7.90
N GLN A 4 -13.03 13.85 6.79
CA GLN A 4 -13.10 12.61 6.03
C GLN A 4 -11.81 12.42 5.25
N VAL A 5 -11.33 13.51 4.66
CA VAL A 5 -10.09 13.45 3.90
C VAL A 5 -8.93 13.12 4.82
N GLU A 6 -8.97 13.68 6.02
CA GLU A 6 -7.94 13.43 7.02
C GLU A 6 -7.92 11.95 7.37
N GLU A 7 -9.11 11.37 7.53
CA GLU A 7 -9.22 9.95 7.84
C GLU A 7 -8.54 9.12 6.78
N ILE A 8 -8.75 9.48 5.52
CA ILE A 8 -8.13 8.77 4.40
C ILE A 8 -6.61 8.84 4.50
N LEU A 9 -6.10 10.03 4.80
CA LEU A 9 -4.66 10.21 4.93
C LEU A 9 -4.08 9.26 5.96
N ARG A 10 -4.82 9.05 7.04
CA ARG A 10 -4.39 8.13 8.08
C ARG A 10 -4.35 6.71 7.54
N LEU A 11 -5.41 6.33 6.84
CA LEU A 11 -5.49 5.00 6.23
C LEU A 11 -4.37 4.85 5.20
N GLU A 12 -4.05 5.95 4.53
CA GLU A 12 -2.99 5.95 3.53
C GLU A 12 -1.67 5.53 4.17
N LYS A 13 -1.38 6.09 5.34
CA LYS A 13 -0.15 5.77 6.05
C LYS A 13 -0.13 4.29 6.41
N GLU A 14 -1.26 3.77 6.88
CA GLU A 14 -1.38 2.37 7.24
C GLU A 14 -1.06 1.47 6.05
N ILE A 15 -1.69 1.75 4.92
CA ILE A 15 -1.47 0.98 3.71
C ILE A 15 -0.03 1.13 3.23
N GLU A 16 0.43 2.38 3.15
CA GLU A 16 1.80 2.65 2.71
C GLU A 16 2.80 2.00 3.64
N ASP A 17 2.47 1.94 4.92
CA ASP A 17 3.34 1.33 5.92
C ASP A 17 3.48 -0.16 5.65
N LEU A 18 2.38 -0.81 5.27
CA LEU A 18 2.37 -2.23 4.98
C LEU A 18 3.28 -2.52 3.78
N GLN A 19 3.21 -1.68 2.77
CA GLN A 19 4.01 -1.85 1.57
C GLN A 19 5.50 -1.78 1.92
N ARG A 20 5.87 -0.78 2.72
CA ARG A 20 7.26 -0.62 3.12
C ARG A 20 7.74 -1.82 3.94
N MET A 21 6.89 -2.30 4.84
CA MET A 21 7.21 -3.45 5.68
C MET A 21 7.36 -4.69 4.83
N LYS A 22 6.45 -4.88 3.88
CA LYS A 22 6.48 -6.03 3.00
C LYS A 22 7.71 -5.99 2.10
N GLU A 23 7.99 -4.81 1.55
CA GLU A 23 9.15 -4.63 0.67
C GLU A 23 10.45 -4.71 1.48
N GLN A 24 10.42 -4.19 2.70
CA GLN A 24 11.59 -4.20 3.56
C GLN A 24 11.89 -5.61 4.04
N GLN A 25 10.84 -6.35 4.38
CA GLN A 25 10.99 -7.73 4.86
C GLN A 25 11.51 -8.63 3.75
N GLU A 26 11.06 -8.36 2.52
CA GLU A 26 11.48 -9.16 1.36
C GLU A 26 12.93 -8.85 1.00
N LEU A 27 13.28 -7.57 0.98
CA LEU A 27 14.63 -7.14 0.65
C LEU A 27 15.62 -7.62 1.70
N SER A 28 15.18 -7.64 2.96
CA SER A 28 16.02 -8.08 4.07
C SER A 28 16.48 -9.52 3.85
N LEU A 29 15.61 -10.33 3.26
CA LEU A 29 15.91 -11.72 3.00
C LEU A 29 16.81 -11.86 1.78
N THR A 30 16.32 -11.38 0.64
CA THR A 30 17.08 -11.44 -0.61
C THR A 30 16.28 -10.81 -1.74
N GLU A 31 16.87 -9.80 -2.38
CA GLU A 31 16.21 -9.12 -3.49
C GLU A 31 15.79 -10.14 -4.55
N ALA A 32 16.55 -11.22 -4.65
CA ALA A 32 16.25 -12.28 -5.60
C ALA A 32 14.97 -13.00 -5.22
N SER A 33 14.66 -13.02 -3.93
CA SER A 33 13.46 -13.68 -3.43
C SER A 33 12.24 -13.21 -4.21
N LEU A 34 12.33 -12.00 -4.78
CA LEU A 34 11.25 -11.44 -5.56
C LEU A 34 10.88 -12.38 -6.72
N GLN A 35 11.86 -13.15 -7.17
CA GLN A 35 11.64 -14.09 -8.26
C GLN A 35 10.76 -15.26 -7.80
N LYS A 36 11.17 -15.90 -6.71
CA LYS A 36 10.43 -17.03 -6.16
C LYS A 36 9.08 -16.57 -5.62
N LEU A 37 9.03 -15.35 -5.11
CA LEU A 37 7.80 -14.78 -4.57
C LEU A 37 6.79 -14.53 -5.67
N GLN A 38 7.27 -14.08 -6.83
CA GLN A 38 6.40 -13.80 -7.96
C GLN A 38 5.84 -15.09 -8.55
N GLU A 39 6.68 -16.11 -8.62
CA GLU A 39 6.25 -17.40 -9.16
C GLU A 39 5.25 -18.08 -8.23
N ARG A 40 5.39 -17.84 -6.93
CA ARG A 40 4.50 -18.42 -5.94
C ARG A 40 3.11 -17.78 -6.02
N ARG A 41 3.08 -16.47 -6.18
CA ARG A 41 1.82 -15.73 -6.26
C ARG A 41 0.99 -16.23 -7.45
N ASP A 42 1.66 -16.49 -8.56
CA ASP A 42 0.99 -16.97 -9.77
C ASP A 42 0.46 -18.39 -9.57
N GLN A 43 1.21 -19.18 -8.81
CA GLN A 43 0.82 -20.57 -8.54
C GLN A 43 -0.53 -20.63 -7.83
N GLU A 44 -0.89 -19.54 -7.16
CA GLU A 44 -2.16 -19.48 -6.43
C GLU A 44 -3.34 -19.48 -7.39
N LEU A 45 -3.10 -19.07 -8.63
CA LEU A 45 -4.16 -19.02 -9.64
C LEU A 45 -4.27 -20.36 -10.37
N ARG A 46 -3.14 -20.86 -10.86
CA ARG A 46 -3.12 -22.13 -11.59
C ARG A 46 -3.66 -23.26 -10.72
N ARG A 47 -3.86 -24.42 -11.34
CA ARG A 47 -4.37 -25.59 -10.62
C ARG A 47 -4.06 -26.87 -11.38
N LEU A 48 -3.84 -27.96 -10.65
CA LEU A 48 -3.54 -29.24 -11.25
C LEU A 48 -4.02 -30.39 -10.36
N GLU A 49 -3.46 -30.48 -9.16
CA GLU A 49 -3.83 -31.53 -8.22
C GLU A 49 -5.13 -31.18 -7.50
N GLU A 50 -5.68 -32.15 -6.79
CA GLU A 50 -6.93 -31.94 -6.05
C GLU A 50 -7.28 -33.17 -5.23
N GLU A 51 -7.86 -32.94 -4.05
CA GLU A 51 -8.25 -34.03 -3.16
C GLU A 51 -9.54 -33.69 -2.41
N GLU B 1 15.61 -18.85 2.81
CA GLU B 1 15.03 -17.66 2.18
C GLU B 1 13.80 -18.03 1.36
N ASN B 2 12.86 -18.72 1.99
CA ASN B 2 11.63 -19.13 1.31
C ASN B 2 10.44 -19.06 2.26
N LYS B 3 10.60 -19.61 3.46
CA LYS B 3 9.53 -19.60 4.46
C LYS B 3 9.19 -18.17 4.88
N GLN B 4 10.18 -17.29 4.84
CA GLN B 4 9.98 -15.90 5.21
C GLN B 4 9.38 -15.12 4.05
N VAL B 5 9.74 -15.53 2.83
CA VAL B 5 9.24 -14.87 1.63
C VAL B 5 7.75 -15.16 1.43
N GLU B 6 7.33 -16.36 1.84
CA GLU B 6 5.94 -16.77 1.71
C GLU B 6 5.02 -15.83 2.51
N GLU B 7 5.43 -15.52 3.73
CA GLU B 7 4.65 -14.64 4.60
C GLU B 7 4.48 -13.27 3.96
N ILE B 8 5.46 -12.87 3.15
CA ILE B 8 5.42 -11.58 2.48
C ILE B 8 4.19 -11.47 1.57
N LEU B 9 3.80 -12.60 0.99
CA LEU B 9 2.63 -12.64 0.10
C LEU B 9 1.37 -12.26 0.86
N ARG B 10 1.26 -12.76 2.09
CA ARG B 10 0.10 -12.47 2.92
C ARG B 10 -0.05 -10.97 3.16
N LEU B 11 1.08 -10.30 3.35
CA LEU B 11 1.08 -8.86 3.57
C LEU B 11 0.50 -8.12 2.38
N GLU B 12 0.75 -8.64 1.19
CA GLU B 12 0.25 -8.02 -0.04
C GLU B 12 -1.28 -8.06 -0.07
N LYS B 13 -1.85 -9.14 0.45
CA LYS B 13 -3.30 -9.28 0.48
C LYS B 13 -3.92 -8.31 1.49
N GLU B 14 -3.25 -8.11 2.60
CA GLU B 14 -3.73 -7.21 3.64
C GLU B 14 -3.67 -5.76 3.17
N ILE B 15 -2.54 -5.39 2.57
CA ILE B 15 -2.36 -4.03 2.07
C ILE B 15 -3.31 -3.74 0.91
N GLU B 16 -3.57 -4.76 0.10
CA GLU B 16 -4.46 -4.62 -1.05
C GLU B 16 -5.88 -4.30 -0.59
N ASP B 17 -6.31 -4.97 0.47
CA ASP B 17 -7.65 -4.77 1.02
C ASP B 17 -7.77 -3.39 1.67
N LEU B 18 -6.73 -2.99 2.39
CA LEU B 18 -6.71 -1.70 3.06
C LEU B 18 -6.62 -0.56 2.04
N GLN B 19 -5.94 -0.83 0.93
CA GLN B 19 -5.77 0.17 -0.12
C GLN B 19 -7.10 0.47 -0.79
N ARG B 20 -7.89 -0.58 -1.03
CA ARG B 20 -9.19 -0.41 -1.67
C ARG B 20 -10.10 0.48 -0.85
N MET B 21 -10.17 0.22 0.46
CA MET B 21 -11.00 1.01 1.36
C MET B 21 -10.58 2.48 1.33
N LYS B 22 -9.27 2.72 1.24
CA LYS B 22 -8.74 4.07 1.21
C LYS B 22 -9.20 4.81 -0.05
N GLU B 23 -8.98 4.20 -1.21
CA GLU B 23 -9.38 4.79 -2.47
C GLU B 23 -10.89 4.93 -2.57
N GLN B 24 -11.61 3.91 -2.08
CA GLN B 24 -13.07 3.92 -2.12
C GLN B 24 -13.63 4.94 -1.14
N GLN B 25 -12.94 5.13 -0.02
CA GLN B 25 -13.37 6.08 1.00
C GLN B 25 -13.14 7.52 0.54
N GLU B 26 -11.94 7.77 0.00
CA GLU B 26 -11.59 9.11 -0.48
C GLU B 26 -12.40 9.48 -1.71
N LEU B 27 -12.72 8.47 -2.53
CA LEU B 27 -13.49 8.68 -3.75
C LEU B 27 -14.98 8.79 -3.43
N SER B 28 -15.37 8.32 -2.26
CA SER B 28 -16.77 8.36 -1.84
C SER B 28 -17.13 9.72 -1.26
N LEU B 29 -16.24 10.28 -0.46
CA LEU B 29 -16.47 11.58 0.15
C LEU B 29 -16.52 12.68 -0.91
N THR B 30 -15.51 12.71 -1.78
CA THR B 30 -15.44 13.70 -2.84
C THR B 30 -14.11 13.63 -3.57
N GLU B 31 -14.17 13.36 -4.86
CA GLU B 31 -12.96 13.26 -5.68
C GLU B 31 -12.17 14.56 -5.60
N ALA B 32 -12.88 15.67 -5.43
CA ALA B 32 -12.26 16.99 -5.33
C ALA B 32 -11.45 17.11 -4.05
N SER B 33 -11.90 16.46 -2.99
CA SER B 33 -11.21 16.50 -1.70
C SER B 33 -9.73 16.17 -1.88
N LEU B 34 -9.41 15.43 -2.94
CA LEU B 34 -8.04 15.07 -3.22
C LEU B 34 -7.18 16.31 -3.44
N GLN B 35 -7.81 17.39 -3.91
CA GLN B 35 -7.11 18.64 -4.15
C GLN B 35 -6.49 19.15 -2.85
N LYS B 36 -7.36 19.43 -1.87
CA LYS B 36 -6.90 19.90 -0.57
C LYS B 36 -6.04 18.84 0.10
N LEU B 37 -6.30 17.58 -0.24
CA LEU B 37 -5.56 16.46 0.31
C LEU B 37 -4.09 16.52 -0.10
N GLN B 38 -3.85 16.90 -1.36
CA GLN B 38 -2.50 17.00 -1.89
C GLN B 38 -1.69 18.03 -1.11
N GLU B 39 -2.24 19.24 -1.02
CA GLU B 39 -1.57 20.33 -0.31
C GLU B 39 -1.31 19.95 1.14
N ARG B 40 -2.25 19.24 1.74
CA ARG B 40 -2.13 18.81 3.12
C ARG B 40 -1.10 17.69 3.26
N ARG B 41 -1.11 16.76 2.31
CA ARG B 41 -0.17 15.65 2.32
C ARG B 41 1.26 16.14 2.16
N ASP B 42 1.45 17.11 1.27
CA ASP B 42 2.78 17.67 1.03
C ASP B 42 3.36 18.27 2.31
N GLN B 43 2.48 18.79 3.16
CA GLN B 43 2.91 19.40 4.41
C GLN B 43 3.19 18.34 5.47
N GLU B 44 4.06 17.39 5.14
CA GLU B 44 4.41 16.32 6.07
C GLU B 44 5.83 16.52 6.60
N LEU B 45 6.65 17.25 5.86
CA LEU B 45 8.03 17.50 6.27
C LEU B 45 8.10 18.73 7.17
N ARG B 46 8.94 18.66 8.20
CA ARG B 46 9.11 19.77 9.13
C ARG B 46 10.46 19.68 9.84
N ARG B 47 10.79 18.48 10.31
CA ARG B 47 12.05 18.26 11.01
C ARG B 47 13.07 17.59 10.09
N LEU B 48 14.33 18.02 10.20
CA LEU B 48 15.40 17.46 9.37
C LEU B 48 16.38 16.66 10.23
N GLU B 49 16.99 15.64 9.62
CA GLU B 49 17.94 14.79 10.32
C GLU B 49 19.12 15.62 10.82
N GLU B 50 19.99 14.98 11.61
CA GLU B 50 21.16 15.65 12.15
C GLU B 50 20.75 16.83 13.03
N GLU B 51 21.71 17.34 13.81
CA GLU B 51 21.44 18.47 14.69
C GLU B 51 21.25 19.75 13.89
N GLU A 1 -15.84 17.71 4.28
CA GLU A 1 -14.85 18.47 3.47
C GLU A 1 -13.44 17.95 3.70
N ASN A 2 -12.92 18.18 4.90
CA ASN A 2 -11.57 17.75 5.25
C ASN A 2 -11.60 16.69 6.35
N LYS A 3 -12.73 16.58 7.06
CA LYS A 3 -12.87 15.60 8.14
C LYS A 3 -12.80 14.18 7.60
N GLN A 4 -13.55 13.92 6.53
CA GLN A 4 -13.57 12.60 5.92
C GLN A 4 -12.27 12.37 5.16
N VAL A 5 -11.83 13.40 4.46
CA VAL A 5 -10.59 13.32 3.70
C VAL A 5 -9.42 13.13 4.65
N GLU A 6 -9.50 13.75 5.82
CA GLU A 6 -8.45 13.62 6.83
C GLU A 6 -8.39 12.18 7.33
N GLU A 7 -9.57 11.60 7.56
CA GLU A 7 -9.65 10.22 8.03
C GLU A 7 -8.90 9.30 7.06
N ILE A 8 -9.12 9.51 5.77
CA ILE A 8 -8.45 8.72 4.75
C ILE A 8 -6.94 8.89 4.85
N LEU A 9 -6.51 10.12 5.10
CA LEU A 9 -5.09 10.43 5.23
C LEU A 9 -4.45 9.55 6.30
N ARG A 10 -5.17 9.37 7.42
CA ARG A 10 -4.68 8.53 8.50
C ARG A 10 -4.55 7.10 8.01
N LEU A 11 -5.56 6.63 7.30
CA LEU A 11 -5.55 5.29 6.74
C LEU A 11 -4.40 5.15 5.76
N GLU A 12 -4.14 6.23 5.03
CA GLU A 12 -3.05 6.24 4.05
C GLU A 12 -1.72 6.03 4.75
N LYS A 13 -1.60 6.56 5.96
CA LYS A 13 -0.38 6.42 6.74
C LYS A 13 -0.23 4.98 7.20
N GLU A 14 -1.36 4.35 7.52
CA GLU A 14 -1.36 2.97 7.97
C GLU A 14 -1.10 2.03 6.79
N ILE A 15 -1.56 2.42 5.61
CA ILE A 15 -1.37 1.63 4.41
C ILE A 15 0.06 1.78 3.91
N GLU A 16 0.53 3.02 3.80
CA GLU A 16 1.88 3.28 3.34
C GLU A 16 2.90 2.63 4.27
N ASP A 17 2.56 2.59 5.57
CA ASP A 17 3.45 1.99 6.56
C ASP A 17 3.52 0.47 6.37
N LEU A 18 2.36 -0.16 6.30
CA LEU A 18 2.29 -1.61 6.11
C LEU A 18 2.92 -2.03 4.78
N GLN A 19 2.83 -1.14 3.80
CA GLN A 19 3.40 -1.41 2.48
C GLN A 19 4.92 -1.35 2.53
N ARG A 20 5.45 -0.38 3.26
CA ARG A 20 6.90 -0.22 3.39
C ARG A 20 7.50 -1.37 4.19
N MET A 21 6.74 -1.86 5.16
CA MET A 21 7.19 -2.97 6.01
C MET A 21 7.30 -4.25 5.20
N LYS A 22 6.26 -4.55 4.43
CA LYS A 22 6.24 -5.75 3.60
C LYS A 22 7.37 -5.72 2.57
N GLU A 23 7.57 -4.56 1.97
CA GLU A 23 8.62 -4.39 0.96
C GLU A 23 10.00 -4.54 1.60
N GLN A 24 10.17 -3.97 2.79
CA GLN A 24 11.44 -4.04 3.50
C GLN A 24 11.74 -5.46 3.93
N GLN A 25 10.71 -6.17 4.39
CA GLN A 25 10.85 -7.55 4.83
C GLN A 25 11.34 -8.44 3.69
N GLU A 26 10.77 -8.23 2.50
CA GLU A 26 11.13 -9.01 1.33
C GLU A 26 12.53 -8.62 0.85
N LEU A 27 12.81 -7.33 0.82
CA LEU A 27 14.11 -6.84 0.37
C LEU A 27 15.20 -7.27 1.34
N SER A 28 14.84 -7.41 2.62
CA SER A 28 15.79 -7.82 3.65
C SER A 28 16.36 -9.20 3.31
N LEU A 29 15.51 -10.07 2.77
CA LEU A 29 15.93 -11.41 2.39
C LEU A 29 16.81 -11.37 1.15
N THR A 30 16.20 -11.09 0.01
CA THR A 30 16.90 -11.02 -1.27
C THR A 30 15.99 -10.48 -2.35
N GLU A 31 16.42 -9.39 -2.99
CA GLU A 31 15.62 -8.79 -4.06
C GLU A 31 15.31 -9.83 -5.12
N ALA A 32 16.19 -10.81 -5.27
CA ALA A 32 16.01 -11.88 -6.23
C ALA A 32 14.83 -12.77 -5.84
N SER A 33 14.59 -12.86 -4.53
CA SER A 33 13.49 -13.67 -4.01
C SER A 33 12.20 -13.35 -4.74
N LEU A 34 12.11 -12.15 -5.28
CA LEU A 34 10.92 -11.72 -6.01
C LEU A 34 10.68 -12.62 -7.22
N GLN A 35 11.74 -13.24 -7.72
CA GLN A 35 11.64 -14.14 -8.86
C GLN A 35 10.68 -15.28 -8.55
N LYS A 36 10.88 -15.93 -7.41
CA LYS A 36 10.03 -17.03 -6.99
C LYS A 36 8.63 -16.50 -6.66
N LEU A 37 8.58 -15.29 -6.14
CA LEU A 37 7.31 -14.65 -5.78
C LEU A 37 6.43 -14.50 -7.02
N GLN A 38 7.04 -14.15 -8.14
CA GLN A 38 6.31 -13.97 -9.39
C GLN A 38 5.83 -15.31 -9.94
N GLU A 39 6.73 -16.29 -9.98
CA GLU A 39 6.40 -17.62 -10.48
C GLU A 39 5.31 -18.26 -9.62
N ARG A 40 5.30 -17.92 -8.33
CA ARG A 40 4.31 -18.47 -7.40
C ARG A 40 2.93 -17.91 -7.70
N ARG A 41 2.84 -16.60 -7.82
CA ARG A 41 1.57 -15.94 -8.11
C ARG A 41 1.02 -16.36 -9.47
N ASP A 42 1.90 -16.43 -10.46
CA ASP A 42 1.50 -16.82 -11.80
C ASP A 42 0.97 -18.25 -11.82
N GLN A 43 1.72 -19.16 -11.23
CA GLN A 43 1.32 -20.57 -11.16
C GLN A 43 -0.01 -20.72 -10.45
N GLU A 44 -0.27 -19.84 -9.48
CA GLU A 44 -1.50 -19.88 -8.72
C GLU A 44 -2.66 -19.23 -9.50
N LEU A 45 -2.32 -18.38 -10.46
CA LEU A 45 -3.32 -17.70 -11.27
C LEU A 45 -4.24 -18.70 -11.96
N ARG A 46 -3.67 -19.82 -12.40
CA ARG A 46 -4.43 -20.85 -13.07
C ARG A 46 -3.94 -22.24 -12.69
N ARG A 47 -4.86 -23.18 -12.54
CA ARG A 47 -4.51 -24.55 -12.17
C ARG A 47 -3.77 -24.59 -10.83
N LEU A 48 -4.52 -24.80 -9.76
CA LEU A 48 -3.93 -24.85 -8.42
C LEU A 48 -3.70 -26.30 -7.99
N GLU A 49 -4.80 -27.01 -7.75
CA GLU A 49 -4.72 -28.41 -7.33
C GLU A 49 -6.04 -29.13 -7.59
N GLU A 50 -6.06 -30.43 -7.31
CA GLU A 50 -7.27 -31.23 -7.50
C GLU A 50 -7.88 -31.63 -6.16
N GLU A 51 -7.75 -30.75 -5.18
CA GLU A 51 -8.29 -31.01 -3.85
C GLU A 51 -8.75 -29.72 -3.18
N GLU B 1 14.67 -20.40 2.92
CA GLU B 1 15.04 -19.41 1.93
C GLU B 1 13.81 -18.67 1.40
N ASN B 2 12.94 -19.41 0.72
CA ASN B 2 11.72 -18.83 0.16
C ASN B 2 10.58 -18.84 1.18
N LYS B 3 10.72 -19.68 2.20
CA LYS B 3 9.70 -19.79 3.24
C LYS B 3 9.39 -18.42 3.84
N GLN B 4 10.39 -17.55 3.87
CA GLN B 4 10.23 -16.21 4.41
C GLN B 4 9.59 -15.27 3.38
N VAL B 5 9.85 -15.57 2.11
CA VAL B 5 9.31 -14.76 1.02
C VAL B 5 7.83 -15.06 0.80
N GLU B 6 7.44 -16.30 1.06
CA GLU B 6 6.05 -16.72 0.89
C GLU B 6 5.15 -15.97 1.86
N GLU B 7 5.66 -15.72 3.07
CA GLU B 7 4.90 -15.02 4.09
C GLU B 7 4.62 -13.58 3.66
N ILE B 8 5.54 -13.01 2.89
CA ILE B 8 5.39 -11.64 2.41
C ILE B 8 4.15 -11.50 1.55
N LEU B 9 3.82 -12.56 0.81
CA LEU B 9 2.65 -12.56 -0.06
C LEU B 9 1.37 -12.36 0.75
N ARG B 10 1.31 -13.01 1.91
CA ARG B 10 0.15 -12.90 2.78
C ARG B 10 -0.08 -11.45 3.21
N LEU B 11 1.01 -10.74 3.45
CA LEU B 11 0.94 -9.34 3.87
C LEU B 11 0.40 -8.48 2.72
N GLU B 12 0.75 -8.85 1.50
CA GLU B 12 0.31 -8.12 0.32
C GLU B 12 -1.22 -8.06 0.27
N LYS B 13 -1.87 -9.14 0.69
CA LYS B 13 -3.32 -9.21 0.69
C LYS B 13 -3.90 -8.27 1.75
N GLU B 14 -3.24 -8.22 2.91
CA GLU B 14 -3.68 -7.37 4.00
C GLU B 14 -3.58 -5.90 3.61
N ILE B 15 -2.46 -5.54 3.00
CA ILE B 15 -2.24 -4.17 2.56
C ILE B 15 -3.14 -3.83 1.38
N GLU B 16 -3.38 -4.82 0.53
CA GLU B 16 -4.23 -4.64 -0.64
C GLU B 16 -5.67 -4.34 -0.22
N ASP B 17 -6.12 -5.02 0.82
CA ASP B 17 -7.48 -4.82 1.33
C ASP B 17 -7.62 -3.44 1.97
N LEU B 18 -6.59 -3.04 2.70
CA LEU B 18 -6.59 -1.75 3.37
C LEU B 18 -6.40 -0.61 2.36
N GLN B 19 -5.69 -0.90 1.28
CA GLN B 19 -5.43 0.09 0.25
C GLN B 19 -6.68 0.31 -0.61
N ARG B 20 -7.45 -0.75 -0.82
CA ARG B 20 -8.65 -0.67 -1.62
C ARG B 20 -9.73 0.14 -0.90
N MET B 21 -9.89 -0.11 0.40
CA MET B 21 -10.88 0.61 1.19
C MET B 21 -10.59 2.10 1.20
N LYS B 22 -9.31 2.45 1.30
CA LYS B 22 -8.90 3.85 1.32
C LYS B 22 -9.35 4.58 0.05
N GLU B 23 -9.05 3.98 -1.10
CA GLU B 23 -9.42 4.57 -2.38
C GLU B 23 -10.94 4.71 -2.50
N GLN B 24 -11.66 3.64 -2.18
CA GLN B 24 -13.11 3.66 -2.25
C GLN B 24 -13.71 4.68 -1.30
N GLN B 25 -13.09 4.85 -0.14
CA GLN B 25 -13.57 5.80 0.85
C GLN B 25 -13.29 7.24 0.42
N GLU B 26 -12.06 7.49 -0.04
CA GLU B 26 -11.67 8.82 -0.48
C GLU B 26 -12.33 9.17 -1.82
N LEU B 27 -12.55 8.15 -2.65
CA LEU B 27 -13.16 8.37 -3.96
C LEU B 27 -14.65 8.67 -3.80
N SER B 28 -15.26 8.12 -2.76
CA SER B 28 -16.67 8.34 -2.50
C SER B 28 -16.96 9.82 -2.27
N LEU B 29 -16.00 10.51 -1.67
CA LEU B 29 -16.14 11.93 -1.39
C LEU B 29 -16.01 12.75 -2.68
N THR B 30 -14.81 12.73 -3.26
CA THR B 30 -14.53 13.47 -4.48
C THR B 30 -13.09 13.26 -4.92
N GLU B 31 -12.90 12.84 -6.17
CA GLU B 31 -11.56 12.62 -6.69
C GLU B 31 -10.71 13.88 -6.53
N ALA B 32 -11.39 15.02 -6.47
CA ALA B 32 -10.70 16.30 -6.30
C ALA B 32 -10.07 16.39 -4.92
N SER B 33 -10.74 15.81 -3.93
CA SER B 33 -10.25 15.82 -2.56
C SER B 33 -8.79 15.35 -2.50
N LEU B 34 -8.40 14.55 -3.49
CA LEU B 34 -7.04 14.04 -3.55
C LEU B 34 -6.05 15.16 -3.82
N GLN B 35 -6.52 16.20 -4.52
CA GLN B 35 -5.67 17.34 -4.84
C GLN B 35 -5.45 18.20 -3.59
N LYS B 36 -6.46 18.24 -2.73
CA LYS B 36 -6.37 19.02 -1.49
C LYS B 36 -5.39 18.36 -0.53
N LEU B 37 -5.24 17.05 -0.63
CA LEU B 37 -4.34 16.30 0.23
C LEU B 37 -2.90 16.78 0.04
N GLN B 38 -2.50 16.96 -1.22
CA GLN B 38 -1.15 17.41 -1.53
C GLN B 38 -0.83 18.72 -0.83
N GLU B 39 -1.73 19.70 -0.95
CA GLU B 39 -1.53 21.00 -0.33
C GLU B 39 -1.54 20.87 1.19
N ARG B 40 -2.42 20.03 1.72
CA ARG B 40 -2.52 19.81 3.16
C ARG B 40 -1.27 19.12 3.69
N ARG B 41 -0.75 18.17 2.93
CA ARG B 41 0.45 17.43 3.33
C ARG B 41 1.70 18.27 3.09
N ASP B 42 1.65 19.13 2.08
CA ASP B 42 2.78 19.99 1.74
C ASP B 42 2.91 21.14 2.74
N GLN B 43 1.87 21.37 3.53
CA GLN B 43 1.87 22.44 4.53
C GLN B 43 2.64 22.04 5.78
N GLU B 44 3.22 20.83 5.79
CA GLU B 44 3.97 20.35 6.94
C GLU B 44 5.08 21.32 7.32
N LEU B 45 5.50 22.14 6.36
CA LEU B 45 6.56 23.12 6.61
C LEU B 45 5.97 24.51 6.80
N ARG B 46 5.50 24.80 8.01
CA ARG B 46 4.91 26.10 8.32
C ARG B 46 5.89 26.96 9.11
N ARG B 47 5.53 28.23 9.28
CA ARG B 47 6.38 29.17 10.01
C ARG B 47 5.56 29.98 11.01
N LEU B 48 6.22 30.89 11.71
CA LEU B 48 5.55 31.73 12.69
C LEU B 48 4.82 32.89 12.01
N GLU B 49 3.79 32.56 11.24
CA GLU B 49 3.02 33.57 10.53
C GLU B 49 1.52 33.34 10.73
N GLU B 50 1.08 33.41 11.98
CA GLU B 50 -0.33 33.21 12.31
C GLU B 50 -0.79 31.81 11.89
N GLU B 51 -1.11 30.99 12.88
CA GLU B 51 -1.56 29.63 12.62
C GLU B 51 -2.89 29.63 11.86
N GLU A 1 -15.97 18.66 2.96
CA GLU A 1 -15.56 17.49 3.76
C GLU A 1 -14.05 17.42 3.94
N ASN A 2 -13.60 17.58 5.18
CA ASN A 2 -12.16 17.56 5.48
C ASN A 2 -11.84 16.43 6.46
N LYS A 3 -12.71 16.23 7.44
CA LYS A 3 -12.51 15.18 8.44
C LYS A 3 -12.48 13.80 7.79
N GLN A 4 -13.20 13.65 6.69
CA GLN A 4 -13.24 12.39 5.98
C GLN A 4 -11.98 12.22 5.15
N VAL A 5 -11.62 13.27 4.42
CA VAL A 5 -10.42 13.24 3.61
C VAL A 5 -9.20 13.04 4.48
N GLU A 6 -9.21 13.68 5.64
CA GLU A 6 -8.11 13.57 6.59
C GLU A 6 -8.03 12.14 7.11
N GLU A 7 -9.19 11.55 7.40
CA GLU A 7 -9.25 10.18 7.88
C GLU A 7 -8.52 9.25 6.93
N ILE A 8 -8.75 9.44 5.64
CA ILE A 8 -8.10 8.63 4.61
C ILE A 8 -6.59 8.85 4.65
N LEU A 9 -6.18 10.11 4.82
CA LEU A 9 -4.77 10.44 4.87
C LEU A 9 -4.09 9.64 5.98
N ARG A 10 -4.76 9.51 7.12
CA ARG A 10 -4.22 8.74 8.24
C ARG A 10 -4.07 7.29 7.81
N LEU A 11 -5.09 6.77 7.15
CA LEU A 11 -5.07 5.40 6.67
C LEU A 11 -3.94 5.24 5.65
N GLU A 12 -3.71 6.30 4.88
CA GLU A 12 -2.65 6.31 3.88
C GLU A 12 -1.32 5.99 4.55
N LYS A 13 -1.05 6.68 5.66
CA LYS A 13 0.18 6.45 6.40
C LYS A 13 0.21 5.01 6.92
N GLU A 14 -0.96 4.50 7.25
CA GLU A 14 -1.08 3.13 7.75
C GLU A 14 -0.72 2.12 6.66
N ILE A 15 -1.30 2.29 5.47
CA ILE A 15 -1.03 1.39 4.36
C ILE A 15 0.40 1.56 3.86
N GLU A 16 0.90 2.80 3.93
CA GLU A 16 2.25 3.09 3.49
C GLU A 16 3.28 2.50 4.43
N ASP A 17 3.00 2.59 5.73
CA ASP A 17 3.90 2.04 6.75
C ASP A 17 3.90 0.51 6.67
N LEU A 18 2.71 -0.06 6.52
CA LEU A 18 2.57 -1.50 6.43
C LEU A 18 3.23 -2.03 5.15
N GLN A 19 3.05 -1.31 4.05
CA GLN A 19 3.63 -1.69 2.78
C GLN A 19 5.16 -1.65 2.86
N ARG A 20 5.69 -0.62 3.50
CA ARG A 20 7.13 -0.47 3.66
C ARG A 20 7.71 -1.69 4.37
N MET A 21 7.09 -2.08 5.47
CA MET A 21 7.54 -3.24 6.24
C MET A 21 7.50 -4.49 5.39
N LYS A 22 6.49 -4.57 4.52
CA LYS A 22 6.33 -5.72 3.64
C LYS A 22 7.55 -5.88 2.72
N GLU A 23 7.90 -4.80 2.03
CA GLU A 23 9.05 -4.82 1.13
C GLU A 23 10.35 -4.96 1.90
N GLN A 24 10.38 -4.40 3.11
CA GLN A 24 11.57 -4.48 3.96
C GLN A 24 11.79 -5.90 4.47
N GLN A 25 10.70 -6.62 4.67
CA GLN A 25 10.78 -8.00 5.15
C GLN A 25 11.25 -8.93 4.05
N GLU A 26 10.71 -8.76 2.85
CA GLU A 26 11.08 -9.58 1.72
C GLU A 26 12.50 -9.27 1.26
N LEU A 27 12.86 -7.98 1.31
CA LEU A 27 14.19 -7.55 0.91
C LEU A 27 15.26 -8.14 1.82
N SER A 28 14.88 -8.39 3.08
CA SER A 28 15.81 -8.95 4.06
C SER A 28 16.35 -10.29 3.57
N LEU A 29 15.46 -11.12 3.02
CA LEU A 29 15.86 -12.43 2.51
C LEU A 29 16.73 -12.29 1.28
N THR A 30 16.17 -11.67 0.24
CA THR A 30 16.88 -11.46 -1.01
C THR A 30 15.96 -10.86 -2.06
N GLU A 31 16.38 -9.75 -2.65
CA GLU A 31 15.58 -9.09 -3.68
C GLU A 31 15.23 -10.07 -4.80
N ALA A 32 16.07 -11.09 -4.95
CA ALA A 32 15.86 -12.11 -5.97
C ALA A 32 14.62 -12.95 -5.65
N SER A 33 14.31 -13.08 -4.37
CA SER A 33 13.15 -13.85 -3.93
C SER A 33 11.90 -13.42 -4.70
N LEU A 34 11.91 -12.19 -5.18
CA LEU A 34 10.78 -11.66 -5.94
C LEU A 34 10.53 -12.50 -7.19
N GLN A 35 11.60 -13.11 -7.71
CA GLN A 35 11.49 -13.94 -8.90
C GLN A 35 10.64 -15.17 -8.61
N LYS A 36 11.05 -15.97 -7.62
CA LYS A 36 10.32 -17.16 -7.24
C LYS A 36 8.93 -16.79 -6.74
N LEU A 37 8.84 -15.63 -6.09
CA LEU A 37 7.58 -15.16 -5.55
C LEU A 37 6.58 -14.90 -6.67
N GLN A 38 7.06 -14.33 -7.76
CA GLN A 38 6.21 -14.03 -8.92
C GLN A 38 5.71 -15.32 -9.55
N GLU A 39 6.61 -16.27 -9.75
CA GLU A 39 6.26 -17.55 -10.36
C GLU A 39 5.33 -18.34 -9.45
N ARG A 40 5.48 -18.14 -8.14
CA ARG A 40 4.66 -18.84 -7.16
C ARG A 40 3.23 -18.31 -7.18
N ARG A 41 3.09 -17.01 -7.42
CA ARG A 41 1.78 -16.37 -7.46
C ARG A 41 1.10 -16.60 -8.81
N ASP A 42 1.89 -16.55 -9.88
CA ASP A 42 1.37 -16.76 -11.23
C ASP A 42 0.74 -18.14 -11.36
N GLN A 43 1.19 -19.08 -10.54
CA GLN A 43 0.68 -20.44 -10.57
C GLN A 43 -0.84 -20.47 -10.36
N GLU A 44 -1.36 -19.43 -9.69
CA GLU A 44 -2.79 -19.34 -9.43
C GLU A 44 -3.60 -19.40 -10.73
N LEU A 45 -2.95 -19.05 -11.84
CA LEU A 45 -3.61 -19.07 -13.14
C LEU A 45 -3.63 -20.48 -13.72
N ARG A 46 -4.70 -20.78 -14.46
CA ARG A 46 -4.84 -22.10 -15.07
C ARG A 46 -6.05 -22.14 -16.01
N ARG A 47 -6.05 -23.09 -16.93
CA ARG A 47 -7.14 -23.24 -17.88
C ARG A 47 -7.91 -24.54 -17.64
N LEU A 48 -8.85 -24.84 -18.52
CA LEU A 48 -9.65 -26.06 -18.41
C LEU A 48 -9.50 -26.93 -19.64
N GLU A 49 -10.14 -28.10 -19.62
CA GLU A 49 -10.07 -29.03 -20.73
C GLU A 49 -8.63 -29.51 -20.96
N GLU A 50 -8.50 -30.70 -21.52
CA GLU A 50 -7.18 -31.27 -21.78
C GLU A 50 -6.84 -31.17 -23.27
N GLU A 51 -7.36 -30.14 -23.93
CA GLU A 51 -7.12 -29.93 -25.35
C GLU A 51 -7.61 -31.13 -26.16
N GLU B 1 13.64 -20.87 2.47
CA GLU B 1 13.77 -19.65 1.69
C GLU B 1 12.40 -19.17 1.20
N ASN B 2 11.81 -19.90 0.26
CA ASN B 2 10.51 -19.54 -0.27
C ASN B 2 9.47 -19.47 0.83
N LYS B 3 9.66 -20.24 1.88
CA LYS B 3 8.73 -20.27 3.01
C LYS B 3 8.61 -18.88 3.64
N GLN B 4 9.74 -18.18 3.74
CA GLN B 4 9.76 -16.85 4.32
C GLN B 4 9.28 -15.82 3.29
N VAL B 5 9.50 -16.14 2.02
CA VAL B 5 9.08 -15.25 0.94
C VAL B 5 7.57 -15.29 0.75
N GLU B 6 6.98 -16.45 1.01
CA GLU B 6 5.53 -16.63 0.86
C GLU B 6 4.79 -15.79 1.91
N GLU B 7 5.36 -15.71 3.11
CA GLU B 7 4.74 -14.95 4.19
C GLU B 7 4.62 -13.48 3.82
N ILE B 8 5.58 -12.99 3.04
CA ILE B 8 5.58 -11.59 2.63
C ILE B 8 4.40 -11.30 1.71
N LEU B 9 4.22 -12.15 0.70
CA LEU B 9 3.13 -11.98 -0.26
C LEU B 9 1.79 -11.95 0.46
N ARG B 10 1.64 -12.81 1.47
CA ARG B 10 0.40 -12.86 2.24
C ARG B 10 0.15 -11.52 2.93
N LEU B 11 1.23 -10.86 3.31
CA LEU B 11 1.13 -9.56 3.97
C LEU B 11 0.63 -8.50 3.00
N GLU B 12 1.01 -8.65 1.73
CA GLU B 12 0.60 -7.71 0.70
C GLU B 12 -0.93 -7.60 0.64
N LYS B 13 -1.59 -8.73 0.87
CA LYS B 13 -3.05 -8.76 0.85
C LYS B 13 -3.63 -7.76 1.85
N GLU B 14 -2.90 -7.54 2.93
CA GLU B 14 -3.34 -6.60 3.96
C GLU B 14 -3.17 -5.16 3.48
N ILE B 15 -2.10 -4.93 2.72
CA ILE B 15 -1.82 -3.60 2.17
C ILE B 15 -2.68 -3.33 0.95
N GLU B 16 -2.94 -4.39 0.19
CA GLU B 16 -3.77 -4.29 -1.01
C GLU B 16 -5.23 -4.09 -0.63
N ASP B 17 -5.67 -4.82 0.40
CA ASP B 17 -7.05 -4.72 0.87
C ASP B 17 -7.29 -3.37 1.52
N LEU B 18 -6.26 -2.84 2.16
CA LEU B 18 -6.35 -1.55 2.82
C LEU B 18 -6.51 -0.42 1.80
N GLN B 19 -5.93 -0.63 0.62
CA GLN B 19 -6.01 0.37 -0.44
C GLN B 19 -7.40 0.40 -1.06
N ARG B 20 -8.03 -0.76 -1.14
CA ARG B 20 -9.37 -0.86 -1.71
C ARG B 20 -10.39 -0.13 -0.84
N MET B 21 -10.29 -0.31 0.47
CA MET B 21 -11.20 0.34 1.40
C MET B 21 -10.87 1.82 1.53
N LYS B 22 -9.59 2.15 1.40
CA LYS B 22 -9.14 3.53 1.50
C LYS B 22 -9.44 4.31 0.22
N GLU B 23 -9.28 3.66 -0.92
CA GLU B 23 -9.53 4.29 -2.21
C GLU B 23 -11.03 4.48 -2.45
N GLN B 24 -11.83 3.56 -1.91
CA GLN B 24 -13.28 3.63 -2.07
C GLN B 24 -13.88 4.75 -1.22
N GLN B 25 -13.27 4.99 -0.06
CA GLN B 25 -13.74 6.03 0.85
C GLN B 25 -13.41 7.43 0.31
N GLU B 26 -12.18 7.60 -0.14
CA GLU B 26 -11.74 8.89 -0.68
C GLU B 26 -12.42 9.16 -2.02
N LEU B 27 -12.65 8.11 -2.79
CA LEU B 27 -13.30 8.23 -4.09
C LEU B 27 -14.79 8.51 -3.91
N SER B 28 -15.42 7.79 -3.00
CA SER B 28 -16.84 7.97 -2.72
C SER B 28 -17.12 9.39 -2.26
N LEU B 29 -16.14 9.97 -1.57
CA LEU B 29 -16.27 11.34 -1.07
C LEU B 29 -16.41 12.31 -2.23
N THR B 30 -15.35 12.42 -3.02
CA THR B 30 -15.33 13.32 -4.17
C THR B 30 -13.91 13.41 -4.74
N GLU B 31 -13.78 13.13 -6.03
CA GLU B 31 -12.47 13.19 -6.69
C GLU B 31 -11.83 14.56 -6.46
N ALA B 32 -12.68 15.57 -6.24
CA ALA B 32 -12.20 16.93 -6.00
C ALA B 32 -11.45 17.03 -4.68
N SER B 33 -11.93 16.29 -3.68
CA SER B 33 -11.31 16.30 -2.35
C SER B 33 -9.80 16.07 -2.46
N LEU B 34 -9.39 15.39 -3.54
CA LEU B 34 -7.98 15.13 -3.76
C LEU B 34 -7.21 16.43 -3.94
N GLN B 35 -7.89 17.44 -4.46
CA GLN B 35 -7.27 18.75 -4.67
C GLN B 35 -6.88 19.36 -3.34
N LYS B 36 -7.81 19.30 -2.38
CA LYS B 36 -7.58 19.82 -1.04
C LYS B 36 -6.65 18.90 -0.26
N LEU B 37 -6.72 17.61 -0.60
CA LEU B 37 -5.90 16.60 0.06
C LEU B 37 -4.45 16.71 -0.38
N GLN B 38 -4.25 16.98 -1.68
CA GLN B 38 -2.91 17.11 -2.23
C GLN B 38 -2.21 18.34 -1.67
N GLU B 39 -2.99 19.39 -1.39
CA GLU B 39 -2.45 20.63 -0.85
C GLU B 39 -1.88 20.41 0.54
N ARG B 40 -2.59 19.60 1.34
CA ARG B 40 -2.15 19.31 2.70
C ARG B 40 -0.78 18.64 2.70
N ARG B 41 -0.62 17.60 1.90
CA ARG B 41 0.64 16.88 1.81
C ARG B 41 1.68 17.71 1.07
N ASP B 42 1.25 18.34 -0.02
CA ASP B 42 2.14 19.16 -0.83
C ASP B 42 2.64 20.37 -0.04
N GLN B 43 1.85 20.81 0.94
CA GLN B 43 2.21 21.94 1.76
C GLN B 43 3.43 21.63 2.61
N GLU B 44 4.60 21.68 1.99
CA GLU B 44 5.86 21.41 2.69
C GLU B 44 6.57 22.70 3.07
N LEU B 45 6.26 23.78 2.35
CA LEU B 45 6.87 25.08 2.61
C LEU B 45 6.47 25.60 3.99
N ARG B 46 7.40 26.29 4.65
CA ARG B 46 7.13 26.84 5.97
C ARG B 46 6.86 28.34 5.89
N ARG B 47 7.85 29.09 5.43
CA ARG B 47 7.72 30.54 5.31
C ARG B 47 7.99 30.99 3.87
N LEU B 48 9.19 30.71 3.38
CA LEU B 48 9.57 31.08 2.02
C LEU B 48 9.69 32.59 1.88
N GLU B 49 8.56 33.27 1.95
CA GLU B 49 8.53 34.73 1.83
C GLU B 49 8.38 35.39 3.21
N GLU B 50 9.18 36.42 3.45
CA GLU B 50 9.13 37.13 4.73
C GLU B 50 7.90 38.02 4.80
N GLU B 51 7.47 38.53 3.65
CA GLU B 51 6.30 39.40 3.60
C GLU B 51 5.71 39.42 2.19
#